data_5ZSF
#
_entry.id   5ZSF
#
_cell.length_a   99.265
_cell.length_b   140.115
_cell.length_c   151.336
_cell.angle_alpha   90.00
_cell.angle_beta   90.00
_cell.angle_gamma   90.00
#
_symmetry.space_group_name_H-M   'P 21 21 21'
#
loop_
_entity.id
_entity.type
_entity.pdbx_description
1 polymer 'Toll-like receptor 7'
2 branched 2-acetamido-2-deoxy-beta-D-glucopyranose-(1-4)-2-acetamido-2-deoxy-beta-D-glucopyranose
3 non-polymer 2-acetamido-2-deoxy-beta-D-glucopyranose
4 non-polymer 'SULFATE ION'
5 non-polymer 1-(2-methylpropyl)imidazo[4,5-c]quinolin-4-amine
6 water water
#
_entity_poly.entity_id   1
_entity_poly.type   'polypeptide(L)'
_entity_poly.pdbx_seq_one_letter_code
;RSPWARWFPKTLPCDVTLDVSKNHVIVDCTDKHLTEIPGGIPTNTTNLTLTINHIPDISPASFHRLVHLVEIDFRCNCVP
IRLGSKSNMCPRRLQIKPRSFSGLTYLKSLYLDGNQLLEIPQGLPPSLQLLSLEANNIFSIRKEQLTELANIEILYLGQN
CYYRNPCYVSYSIEKDAFLNLTKLKVLSLKDNNVTTVPTVLPSTLTELYLYNNMIAEIQEDDFNNLNQLQILDLSGNCPR
CYNAPFPCTPCKNNSPLQIPVNAFDALTELKVLRLHSNSLQHVPPRWFKNINNLQELDLSQNFLAKEIGDAKFLHFLPNL
IQLDLSFNFELQVYRASMNLSQAFSSLKSLKILRIRGYVFKELKSFQLSPLHNLQNLEVLDLGTNFIKIANLSMFKQFKR
LKVIDLSVNKISPSGDSLVPRGSSNARTSVESYEPQVLEQLYYFRYDKYARSCRFKNKEASFTSVQESCYKYGQTLDLSK
NSIFFIKSSDFQHLSFLKCLNLSGNLISQTLNGSEFQPLAELRYLDFSNNRLDLLHSTAFEELRKLEVLDISSNSHYFQS
EGITHMLNFTKNLKVLQKLMMNDNDISSSTSRTMESESLRTLEFRGNHLDVLWRDGDNRYLQLFKNLLKLEELDISKNSL
SFLPSGVFDGMPPNLKNLSLAKNGLKSFIWEKLRYLKNLETLDLSHNQLTTVPERLSNCSRSLKNLILKNNQIRSLTKYF
LQDAFQLRYLDLSSNKIQMIQKTSFPENVLNNLKMLLLHHNRFLCTCDAVWFVWWVQHTEVTIPYLATDVTCVGPGAHKG
QSVISLDLYTCELDLTNEFLVPR
;
_entity_poly.pdbx_strand_id   B,A
#
# COMPACT_ATOMS: atom_id res chain seq x y z
N ALA A 5 9.11 -17.15 42.25
CA ALA A 5 7.97 -17.99 41.89
C ALA A 5 8.46 -19.31 41.33
N ARG A 6 9.62 -19.27 40.67
CA ARG A 6 10.39 -20.47 40.33
C ARG A 6 11.69 -20.45 41.12
N TRP A 7 12.12 -21.63 41.55
CA TRP A 7 13.44 -21.79 42.15
C TRP A 7 14.51 -22.10 41.11
N PHE A 8 14.13 -22.68 39.98
CA PHE A 8 15.08 -23.06 38.93
C PHE A 8 14.63 -22.48 37.59
N PRO A 9 15.14 -21.31 37.23
CA PRO A 9 14.72 -20.69 35.96
C PRO A 9 15.05 -21.58 34.78
N LYS A 10 14.16 -21.56 33.79
CA LYS A 10 14.38 -22.34 32.58
C LYS A 10 15.28 -21.56 31.64
N THR A 11 16.38 -22.18 31.24
CA THR A 11 17.34 -21.59 30.33
C THR A 11 17.30 -22.24 28.94
N LEU A 12 16.66 -23.39 28.82
CA LEU A 12 16.58 -24.10 27.56
C LEU A 12 15.89 -23.25 26.51
N PRO A 13 16.47 -23.08 25.33
CA PRO A 13 15.86 -22.19 24.34
C PRO A 13 14.69 -22.81 23.57
N CYS A 14 14.05 -23.83 24.12
CA CYS A 14 12.96 -24.53 23.44
C CYS A 14 11.69 -24.40 24.27
N ASP A 15 10.54 -24.47 23.61
CA ASP A 15 9.29 -24.53 24.35
C ASP A 15 9.04 -25.95 24.83
N VAL A 16 8.72 -26.10 26.11
CA VAL A 16 8.49 -27.40 26.73
C VAL A 16 7.05 -27.44 27.20
N THR A 17 6.30 -28.41 26.70
CA THR A 17 4.89 -28.55 27.05
C THR A 17 4.65 -29.96 27.58
N LEU A 18 3.68 -30.07 28.49
CA LEU A 18 3.36 -31.32 29.16
C LEU A 18 1.93 -31.70 28.85
N ASP A 19 1.73 -32.90 28.31
CA ASP A 19 0.41 -33.51 28.11
C ASP A 19 0.32 -34.74 29.01
N VAL A 20 -0.19 -34.58 30.23
CA VAL A 20 -0.32 -35.67 31.19
C VAL A 20 -1.09 -36.86 30.62
N SER A 21 -2.21 -36.60 29.94
CA SER A 21 -3.08 -37.70 29.51
C SER A 21 -2.33 -38.66 28.59
N LYS A 22 -1.68 -38.12 27.57
CA LYS A 22 -0.96 -38.88 26.55
C LYS A 22 0.45 -39.25 26.99
N ASN A 23 0.84 -38.92 28.23
CA ASN A 23 2.20 -39.17 28.74
C ASN A 23 3.28 -38.63 27.80
N HIS A 24 3.06 -37.42 27.30
CA HIS A 24 3.98 -36.80 26.37
C HIS A 24 4.71 -35.60 26.99
N VAL A 25 6.00 -35.51 26.72
CA VAL A 25 6.81 -34.36 27.08
C VAL A 25 7.32 -33.74 25.78
N ILE A 26 6.78 -32.58 25.42
CA ILE A 26 6.98 -31.98 24.12
C ILE A 26 7.98 -30.84 24.23
N VAL A 27 9.06 -30.96 23.49
CA VAL A 27 10.13 -29.98 23.46
C VAL A 27 10.23 -29.49 22.03
N ASP A 28 9.93 -28.20 21.81
CA ASP A 28 9.86 -27.59 20.48
C ASP A 28 10.95 -26.51 20.35
N CYS A 29 12.01 -26.83 19.61
CA CYS A 29 13.08 -25.89 19.29
C CYS A 29 13.02 -25.39 17.84
N THR A 30 11.83 -25.25 17.28
CA THR A 30 11.71 -24.78 15.91
C THR A 30 12.29 -23.38 15.78
N ASP A 31 13.24 -23.20 14.86
CA ASP A 31 13.67 -21.85 14.46
C ASP A 31 14.18 -21.06 15.66
N LYS A 32 15.18 -21.64 16.32
CA LYS A 32 15.82 -21.02 17.47
C LYS A 32 17.26 -20.64 17.18
N HIS A 33 17.66 -20.68 15.91
CA HIS A 33 19.00 -20.31 15.49
C HIS A 33 20.05 -21.14 16.20
N LEU A 34 19.72 -22.41 16.45
CA LEU A 34 20.64 -23.34 17.08
C LEU A 34 21.64 -23.85 16.07
N THR A 35 22.90 -23.96 16.47
CA THR A 35 23.91 -24.65 15.70
C THR A 35 24.40 -25.92 16.38
N GLU A 36 23.83 -26.26 17.52
CA GLU A 36 24.08 -27.51 18.21
C GLU A 36 22.78 -27.89 18.87
N ILE A 37 22.58 -29.18 19.11
CA ILE A 37 21.47 -29.58 19.96
C ILE A 37 21.70 -29.00 21.35
N PRO A 38 20.72 -28.34 21.97
CA PRO A 38 20.98 -27.74 23.28
C PRO A 38 21.11 -28.81 24.36
N GLY A 39 21.99 -28.50 25.32
CA GLY A 39 22.10 -29.34 26.50
C GLY A 39 20.95 -29.12 27.46
N GLY A 40 20.67 -30.14 28.26
CA GLY A 40 19.62 -30.04 29.25
C GLY A 40 18.22 -30.30 28.78
N ILE A 41 18.05 -30.93 27.61
CA ILE A 41 16.70 -31.37 27.19
C ILE A 41 16.20 -32.42 28.19
N PRO A 42 14.94 -32.35 28.64
CA PRO A 42 14.48 -33.28 29.69
C PRO A 42 14.59 -34.74 29.28
N THR A 43 15.00 -35.57 30.26
CA THR A 43 15.17 -36.99 30.02
C THR A 43 13.84 -37.67 29.68
N ASN A 44 12.74 -37.14 30.18
CA ASN A 44 11.43 -37.68 29.85
C ASN A 44 10.91 -37.23 28.47
N THR A 45 11.71 -36.50 27.69
CA THR A 45 11.19 -35.95 26.43
C THR A 45 10.69 -37.06 25.51
N THR A 46 9.44 -36.94 25.06
CA THR A 46 8.90 -37.87 24.07
C THR A 46 8.83 -37.30 22.65
N ASN A 47 8.63 -35.98 22.48
CA ASN A 47 8.57 -35.32 21.17
C ASN A 47 9.59 -34.20 21.11
N LEU A 48 10.62 -34.34 20.28
CA LEU A 48 11.66 -33.34 20.14
C LEU A 48 11.68 -32.80 18.71
N THR A 49 11.47 -31.49 18.56
CA THR A 49 11.45 -30.84 17.25
C THR A 49 12.59 -29.84 17.14
N LEU A 50 13.47 -30.05 16.15
CA LEU A 50 14.62 -29.19 15.89
C LEU A 50 14.58 -28.60 14.47
N THR A 51 13.37 -28.52 13.88
CA THR A 51 13.21 -28.05 12.51
C THR A 51 13.69 -26.61 12.36
N ILE A 52 14.32 -26.33 11.22
CA ILE A 52 14.78 -24.99 10.82
C ILE A 52 15.77 -24.48 11.86
N ASN A 53 16.91 -25.15 11.93
CA ASN A 53 18.08 -24.70 12.63
C ASN A 53 19.26 -25.00 11.74
N HIS A 54 20.46 -24.90 12.31
CA HIS A 54 21.70 -25.14 11.58
C HIS A 54 22.58 -26.08 12.38
N ILE A 55 21.96 -27.15 12.88
CA ILE A 55 22.72 -28.20 13.55
C ILE A 55 23.38 -29.07 12.48
N PRO A 56 24.72 -29.11 12.44
CA PRO A 56 25.39 -29.74 11.30
C PRO A 56 25.54 -31.24 11.40
N ASP A 57 25.28 -31.86 12.55
CA ASP A 57 25.52 -33.28 12.64
C ASP A 57 24.73 -33.90 13.79
N ILE A 58 24.49 -35.19 13.65
CA ILE A 58 23.86 -36.06 14.64
C ILE A 58 24.85 -37.17 14.98
N SER A 59 24.82 -37.61 16.23
CA SER A 59 25.75 -38.63 16.70
C SER A 59 25.10 -39.31 17.89
N PRO A 60 25.68 -40.43 18.37
CA PRO A 60 25.09 -41.10 19.54
C PRO A 60 24.87 -40.16 20.74
N ALA A 61 25.72 -39.15 20.89
CA ALA A 61 25.54 -38.16 21.96
C ALA A 61 24.32 -37.27 21.77
N SER A 62 23.79 -37.16 20.53
CA SER A 62 22.71 -36.22 20.24
C SER A 62 21.48 -36.49 21.12
N PHE A 63 21.05 -37.74 21.18
CA PHE A 63 19.87 -38.11 21.96
C PHE A 63 20.22 -39.11 23.06
N HIS A 64 21.49 -39.15 23.46
CA HIS A 64 22.04 -40.09 24.44
C HIS A 64 21.10 -40.40 25.60
N ARG A 65 20.63 -39.38 26.32
CA ARG A 65 19.79 -39.62 27.48
C ARG A 65 18.31 -39.70 27.16
N LEU A 66 17.90 -39.44 25.93
CA LEU A 66 16.49 -39.27 25.60
C LEU A 66 15.89 -40.58 25.10
N VAL A 67 15.92 -41.59 25.97
CA VAL A 67 15.50 -42.94 25.59
C VAL A 67 13.99 -43.09 25.51
N HIS A 68 13.23 -42.12 25.98
CA HIS A 68 11.77 -42.21 25.86
C HIS A 68 11.23 -41.56 24.59
N LEU A 69 12.10 -41.16 23.67
CA LEU A 69 11.68 -40.45 22.46
C LEU A 69 10.75 -41.30 21.59
N VAL A 70 9.56 -40.78 21.31
CA VAL A 70 8.70 -41.39 20.31
C VAL A 70 8.75 -40.66 18.94
N GLU A 71 9.14 -39.38 18.90
CA GLU A 71 9.17 -38.62 17.65
C GLU A 71 10.34 -37.67 17.64
N ILE A 72 11.13 -37.69 16.57
CA ILE A 72 12.16 -36.69 16.32
C ILE A 72 11.82 -35.96 15.03
N ASP A 73 11.67 -34.66 15.11
CA ASP A 73 11.41 -33.82 13.94
C ASP A 73 12.65 -32.98 13.70
N PHE A 74 13.49 -33.42 12.77
CA PHE A 74 14.76 -32.79 12.47
C PHE A 74 14.74 -32.31 11.02
N ARG A 75 13.71 -31.57 10.64
CA ARG A 75 13.57 -31.13 9.26
C ARG A 75 14.34 -29.83 9.01
N CYS A 76 14.89 -29.70 7.81
CA CYS A 76 15.33 -28.41 7.27
C CYS A 76 16.46 -27.80 8.10
N ASN A 77 17.43 -28.62 8.47
CA ASN A 77 18.66 -28.07 9.01
C ASN A 77 19.71 -27.89 7.93
N CYS A 78 19.45 -28.38 6.72
CA CYS A 78 20.35 -28.17 5.59
C CYS A 78 19.56 -28.30 4.28
N VAL A 79 18.77 -27.28 3.98
CA VAL A 79 17.77 -27.36 2.89
C VAL A 79 18.47 -27.31 1.54
N PRO A 80 17.98 -28.03 0.53
CA PRO A 80 18.52 -27.87 -0.84
C PRO A 80 18.58 -26.41 -1.26
N ILE A 81 19.59 -26.09 -2.08
CA ILE A 81 19.97 -24.69 -2.24
C ILE A 81 18.83 -23.85 -2.82
N ARG A 82 18.14 -24.36 -3.84
CA ARG A 82 17.09 -23.57 -4.49
C ARG A 82 15.84 -23.44 -3.64
N LEU A 83 15.71 -24.28 -2.62
CA LEU A 83 14.56 -24.24 -1.72
C LEU A 83 14.82 -23.39 -0.49
N GLY A 84 16.08 -23.14 -0.15
CA GLY A 84 16.42 -22.48 1.09
C GLY A 84 16.81 -21.02 0.91
N SER A 85 17.01 -20.37 2.06
CA SER A 85 17.47 -18.99 2.11
C SER A 85 18.80 -18.83 1.36
N LYS A 86 18.90 -17.78 0.57
CA LYS A 86 20.14 -17.48 -0.10
C LYS A 86 21.07 -16.58 0.73
N SER A 87 20.57 -16.00 1.83
CA SER A 87 21.44 -15.24 2.72
C SER A 87 22.14 -16.12 3.75
N ASN A 88 21.49 -17.21 4.17
CA ASN A 88 22.12 -18.18 5.07
C ASN A 88 22.04 -19.56 4.42
N MET A 89 22.85 -19.78 3.38
CA MET A 89 22.90 -21.08 2.74
C MET A 89 23.61 -22.09 3.65
N CYS A 90 23.16 -23.34 3.58
CA CYS A 90 23.80 -24.39 4.38
C CYS A 90 25.12 -24.81 3.73
N PRO A 91 26.23 -24.80 4.47
CA PRO A 91 27.55 -25.02 3.84
C PRO A 91 27.86 -26.49 3.56
N ARG A 92 27.28 -27.40 4.35
CA ARG A 92 27.57 -28.81 4.20
C ARG A 92 26.36 -29.62 4.66
N ARG A 93 26.09 -30.72 3.97
CA ARG A 93 24.93 -31.54 4.28
C ARG A 93 24.99 -32.07 5.70
N LEU A 94 23.83 -32.42 6.24
CA LEU A 94 23.76 -33.02 7.56
C LEU A 94 24.58 -34.30 7.61
N GLN A 95 25.33 -34.47 8.71
CA GLN A 95 26.13 -35.66 8.95
C GLN A 95 25.51 -36.48 10.08
N ILE A 96 25.18 -37.72 9.80
CA ILE A 96 24.62 -38.61 10.80
C ILE A 96 25.66 -39.70 11.04
N LYS A 97 26.17 -39.76 12.27
CA LYS A 97 27.14 -40.78 12.66
C LYS A 97 26.42 -42.06 13.05
N PRO A 98 27.11 -43.21 12.96
CA PRO A 98 26.43 -44.49 13.24
C PRO A 98 25.92 -44.58 14.66
N ARG A 99 24.85 -45.35 14.81
CA ARG A 99 24.20 -45.64 16.09
C ARG A 99 23.60 -44.40 16.72
N SER A 100 23.29 -43.38 15.93
CA SER A 100 22.68 -42.18 16.51
C SER A 100 21.23 -42.45 16.90
N PHE A 101 20.58 -43.41 16.26
CA PHE A 101 19.18 -43.68 16.53
C PHE A 101 18.93 -45.06 17.14
N SER A 102 19.89 -45.98 17.11
CA SER A 102 19.60 -47.36 17.48
C SER A 102 19.17 -47.50 18.94
N GLY A 103 19.66 -46.65 19.83
CA GLY A 103 19.23 -46.71 21.22
C GLY A 103 17.82 -46.21 21.47
N LEU A 104 17.16 -45.62 20.47
CA LEU A 104 15.85 -44.99 20.67
C LEU A 104 14.77 -46.05 20.47
N THR A 105 14.62 -46.89 21.50
CA THR A 105 13.81 -48.10 21.45
C THR A 105 12.32 -47.83 21.22
N TYR A 106 11.84 -46.64 21.59
CA TYR A 106 10.43 -46.30 21.42
C TYR A 106 10.16 -45.38 20.23
N LEU A 107 11.17 -45.07 19.42
CA LEU A 107 11.02 -44.09 18.34
C LEU A 107 10.01 -44.59 17.31
N LYS A 108 8.95 -43.81 17.10
CA LYS A 108 7.94 -44.16 16.11
C LYS A 108 7.98 -43.31 14.85
N SER A 109 8.44 -42.06 14.92
CA SER A 109 8.38 -41.13 13.78
C SER A 109 9.70 -40.38 13.67
N LEU A 110 10.29 -40.39 12.49
CA LEU A 110 11.56 -39.71 12.26
C LEU A 110 11.42 -38.89 10.99
N TYR A 111 11.48 -37.55 11.12
CA TYR A 111 11.42 -36.61 9.99
C TYR A 111 12.80 -36.04 9.78
N LEU A 112 13.42 -36.39 8.65
CA LEU A 112 14.73 -35.88 8.26
C LEU A 112 14.69 -35.15 6.93
N ASP A 113 13.53 -34.65 6.55
CA ASP A 113 13.38 -33.91 5.31
C ASP A 113 14.30 -32.71 5.26
N GLY A 114 14.80 -32.42 4.06
CA GLY A 114 15.45 -31.16 3.77
C GLY A 114 16.78 -31.00 4.49
N ASN A 115 17.64 -32.02 4.39
CA ASN A 115 18.96 -32.02 5.02
C ASN A 115 20.06 -32.42 4.06
N GLN A 116 19.74 -32.57 2.78
CA GLN A 116 20.70 -32.90 1.73
C GLN A 116 21.37 -34.25 1.96
N LEU A 117 20.67 -35.17 2.61
CA LEU A 117 21.21 -36.51 2.84
C LEU A 117 21.36 -37.25 1.52
N LEU A 118 22.42 -38.07 1.43
CA LEU A 118 22.74 -38.82 0.20
C LEU A 118 22.22 -40.25 0.20
N GLU A 119 21.92 -40.82 1.36
CA GLU A 119 21.45 -42.18 1.46
C GLU A 119 20.36 -42.26 2.50
N ILE A 120 19.56 -43.33 2.42
CA ILE A 120 18.66 -43.66 3.50
C ILE A 120 19.51 -43.91 4.74
N PRO A 121 19.29 -43.18 5.82
CA PRO A 121 20.08 -43.42 7.04
C PRO A 121 19.84 -44.83 7.54
N GLN A 122 20.89 -45.50 7.99
CA GLN A 122 20.83 -46.85 8.51
C GLN A 122 20.88 -46.84 10.03
N GLY A 123 20.65 -48.00 10.63
CA GLY A 123 20.68 -48.11 12.07
C GLY A 123 19.41 -47.67 12.76
N LEU A 124 18.29 -47.69 12.05
CA LEU A 124 17.07 -47.21 12.67
C LEU A 124 16.43 -48.30 13.52
N PRO A 125 15.80 -47.91 14.63
CA PRO A 125 15.23 -48.89 15.54
C PRO A 125 13.99 -49.56 14.92
N PRO A 126 13.70 -50.80 15.30
CA PRO A 126 12.55 -51.51 14.71
C PRO A 126 11.20 -51.00 15.16
N SER A 127 11.16 -50.09 16.14
CA SER A 127 9.89 -49.46 16.49
C SER A 127 9.37 -48.51 15.41
N LEU A 128 10.21 -48.10 14.47
CA LEU A 128 9.88 -46.95 13.62
C LEU A 128 8.71 -47.27 12.69
N GLN A 129 7.70 -46.42 12.73
CA GLN A 129 6.52 -46.50 11.87
C GLN A 129 6.51 -45.49 10.72
N LEU A 130 7.13 -44.32 10.90
CA LEU A 130 7.07 -43.25 9.92
C LEU A 130 8.48 -42.72 9.68
N LEU A 131 8.90 -42.71 8.43
CA LEU A 131 10.16 -42.13 8.03
C LEU A 131 9.91 -41.13 6.91
N SER A 132 10.39 -39.90 7.08
CA SER A 132 10.22 -38.84 6.09
C SER A 132 11.58 -38.35 5.62
N LEU A 133 11.82 -38.45 4.32
CA LEU A 133 13.11 -38.07 3.75
C LEU A 133 12.93 -37.17 2.54
N GLU A 134 11.87 -36.36 2.52
CA GLU A 134 11.64 -35.48 1.38
C GLU A 134 12.75 -34.44 1.26
N ALA A 135 12.98 -33.99 0.04
CA ALA A 135 13.88 -32.87 -0.24
C ALA A 135 15.28 -33.16 0.30
N ASN A 136 15.70 -34.40 0.14
CA ASN A 136 17.07 -34.83 0.31
C ASN A 136 17.63 -35.13 -1.07
N ASN A 137 18.77 -35.80 -1.13
CA ASN A 137 19.42 -36.12 -2.40
C ASN A 137 19.58 -37.64 -2.54
N ILE A 138 18.51 -38.38 -2.23
CA ILE A 138 18.47 -39.84 -2.32
C ILE A 138 17.68 -40.18 -3.59
N PHE A 139 18.33 -40.73 -4.60
CA PHE A 139 17.63 -41.00 -5.85
C PHE A 139 17.88 -42.41 -6.38
N SER A 140 18.34 -43.31 -5.53
CA SER A 140 18.45 -44.72 -5.89
C SER A 140 18.06 -45.54 -4.67
N ILE A 141 17.00 -46.33 -4.80
CA ILE A 141 16.46 -47.13 -3.71
C ILE A 141 16.86 -48.58 -3.93
N ARG A 142 17.58 -49.14 -2.96
CA ARG A 142 18.03 -50.52 -3.03
C ARG A 142 17.39 -51.30 -1.89
N LYS A 143 17.12 -52.58 -2.15
CA LYS A 143 16.37 -53.37 -1.18
C LYS A 143 17.16 -53.53 0.12
N GLU A 144 18.47 -53.72 0.00
CA GLU A 144 19.34 -53.82 1.18
C GLU A 144 19.21 -52.62 2.11
N GLN A 145 19.11 -51.41 1.57
CA GLN A 145 18.98 -50.22 2.41
C GLN A 145 17.64 -50.15 3.13
N LEU A 146 16.67 -50.96 2.72
CA LEU A 146 15.32 -50.95 3.28
C LEU A 146 15.08 -52.03 4.32
N THR A 147 16.02 -52.95 4.53
CA THR A 147 15.75 -54.08 5.43
C THR A 147 15.48 -53.62 6.86
N GLU A 148 16.17 -52.57 7.31
CA GLU A 148 15.94 -52.03 8.66
C GLU A 148 14.50 -51.58 8.88
N LEU A 149 13.71 -51.38 7.82
CA LEU A 149 12.39 -50.77 7.91
C LEU A 149 11.26 -51.78 7.98
N ALA A 150 11.50 -52.98 8.54
CA ALA A 150 10.52 -54.07 8.50
C ALA A 150 9.14 -53.64 8.99
N ASN A 151 9.07 -52.79 10.02
CA ASN A 151 7.80 -52.39 10.58
C ASN A 151 7.28 -51.05 10.05
N ILE A 152 7.90 -50.48 9.01
CA ILE A 152 7.51 -49.14 8.55
C ILE A 152 6.11 -49.18 7.95
N GLU A 153 5.30 -48.15 8.25
CA GLU A 153 3.98 -48.00 7.66
C GLU A 153 3.84 -46.78 6.76
N ILE A 154 4.65 -45.76 6.95
CA ILE A 154 4.55 -44.52 6.20
C ILE A 154 5.95 -44.11 5.77
N LEU A 155 6.14 -43.91 4.47
CA LEU A 155 7.45 -43.66 3.88
C LEU A 155 7.34 -42.51 2.88
N TYR A 156 7.99 -41.37 3.18
CA TYR A 156 7.98 -40.19 2.29
C TYR A 156 9.35 -40.04 1.68
N LEU A 157 9.44 -40.21 0.36
CA LEU A 157 10.75 -40.15 -0.31
C LEU A 157 10.76 -39.15 -1.46
N GLY A 158 9.73 -38.35 -1.62
CA GLY A 158 9.62 -37.48 -2.78
C GLY A 158 10.48 -36.24 -2.65
N GLN A 159 10.42 -35.42 -3.71
CA GLN A 159 11.16 -34.16 -3.82
C GLN A 159 12.67 -34.36 -3.73
N ASN A 160 13.15 -35.56 -4.06
CA ASN A 160 14.58 -35.83 -4.08
C ASN A 160 15.21 -35.66 -5.45
N CYS A 161 14.42 -35.49 -6.51
CA CYS A 161 15.01 -35.27 -7.83
C CYS A 161 14.00 -34.55 -8.73
N TYR A 162 14.00 -33.21 -8.68
CA TYR A 162 13.12 -32.40 -9.52
C TYR A 162 13.76 -31.02 -9.74
N TYR A 163 13.05 -30.13 -10.42
CA TYR A 163 13.70 -28.92 -10.91
C TYR A 163 14.16 -28.02 -9.76
N ARG A 164 13.51 -28.07 -8.60
CA ARG A 164 13.99 -27.31 -7.47
C ARG A 164 15.08 -28.03 -6.70
N ASN A 165 15.42 -29.26 -7.06
CA ASN A 165 16.35 -30.09 -6.31
C ASN A 165 16.86 -31.18 -7.24
N PRO A 166 17.62 -30.82 -8.28
CA PRO A 166 17.95 -31.79 -9.32
C PRO A 166 18.96 -32.82 -8.86
N CYS A 167 18.82 -34.02 -9.41
CA CYS A 167 19.82 -35.05 -9.28
C CYS A 167 20.45 -35.43 -10.62
N TYR A 168 19.90 -34.94 -11.74
CA TYR A 168 20.48 -35.03 -13.08
C TYR A 168 20.53 -36.45 -13.64
N VAL A 169 19.88 -37.42 -12.99
CA VAL A 169 19.70 -38.76 -13.53
C VAL A 169 18.26 -39.18 -13.26
N SER A 170 17.86 -40.30 -13.85
CA SER A 170 16.57 -40.90 -13.56
C SER A 170 16.62 -41.59 -12.21
N TYR A 171 15.52 -41.51 -11.49
CA TYR A 171 15.36 -42.24 -10.25
C TYR A 171 15.48 -43.74 -10.52
N SER A 172 16.13 -44.45 -9.60
CA SER A 172 16.31 -45.90 -9.71
C SER A 172 15.66 -46.58 -8.52
N ILE A 173 14.85 -47.59 -8.79
CA ILE A 173 14.29 -48.40 -7.71
C ILE A 173 14.54 -49.85 -8.07
N GLU A 174 15.16 -50.59 -7.16
CA GLU A 174 15.41 -52.00 -7.42
C GLU A 174 14.09 -52.77 -7.48
N LYS A 175 14.06 -53.78 -8.35
CA LYS A 175 12.95 -54.74 -8.39
C LYS A 175 12.61 -55.23 -6.99
N ASP A 176 11.33 -55.15 -6.63
CA ASP A 176 10.80 -55.60 -5.35
C ASP A 176 11.42 -54.89 -4.15
N ALA A 177 11.98 -53.69 -4.33
CA ALA A 177 12.65 -53.02 -3.22
C ALA A 177 11.72 -52.89 -2.02
N PHE A 178 10.43 -52.63 -2.27
CA PHE A 178 9.49 -52.39 -1.20
C PHE A 178 8.71 -53.63 -0.77
N LEU A 179 8.85 -54.75 -1.47
CA LEU A 179 7.90 -55.85 -1.32
C LEU A 179 7.94 -56.47 0.09
N ASN A 180 9.11 -56.52 0.72
CA ASN A 180 9.18 -57.13 2.04
C ASN A 180 8.88 -56.16 3.17
N LEU A 181 8.43 -54.95 2.87
CA LEU A 181 7.91 -54.02 3.89
C LEU A 181 6.43 -54.35 4.06
N THR A 182 6.18 -55.42 4.82
CA THR A 182 4.88 -56.07 4.87
C THR A 182 3.84 -55.26 5.63
N LYS A 183 4.24 -54.18 6.28
CA LYS A 183 3.28 -53.31 6.95
C LYS A 183 3.11 -51.96 6.26
N LEU A 184 3.83 -51.74 5.17
CA LEU A 184 3.83 -50.45 4.48
C LEU A 184 2.42 -50.09 4.01
N LYS A 185 1.95 -48.92 4.42
CA LYS A 185 0.62 -48.44 4.03
C LYS A 185 0.62 -47.20 3.15
N VAL A 186 1.57 -46.27 3.35
CA VAL A 186 1.60 -45.02 2.61
C VAL A 186 2.99 -44.87 2.02
N LEU A 187 3.06 -44.79 0.69
CA LEU A 187 4.32 -44.66 -0.04
C LEU A 187 4.23 -43.44 -0.93
N SER A 188 5.17 -42.50 -0.79
CA SER A 188 5.15 -41.31 -1.60
C SER A 188 6.48 -41.17 -2.33
N LEU A 189 6.41 -41.15 -3.66
CA LEU A 189 7.58 -41.00 -4.53
C LEU A 189 7.40 -39.84 -5.49
N LYS A 190 6.64 -38.83 -5.08
CA LYS A 190 6.35 -37.67 -5.93
C LYS A 190 7.62 -36.88 -6.24
N ASP A 191 7.58 -36.09 -7.31
CA ASP A 191 8.62 -35.10 -7.59
C ASP A 191 10.02 -35.73 -7.59
N ASN A 192 10.17 -36.90 -8.23
CA ASN A 192 11.39 -37.68 -8.07
C ASN A 192 12.07 -38.12 -9.38
N ASN A 193 11.59 -37.69 -10.55
CA ASN A 193 12.17 -38.15 -11.83
C ASN A 193 12.06 -39.68 -12.00
N VAL A 194 10.99 -40.27 -11.47
CA VAL A 194 10.72 -41.70 -11.59
C VAL A 194 10.23 -41.99 -13.01
N THR A 195 10.67 -43.12 -13.59
CA THR A 195 10.33 -43.42 -14.98
C THR A 195 9.36 -44.57 -15.15
N THR A 196 9.27 -45.48 -14.19
CA THR A 196 8.29 -46.55 -14.24
C THR A 196 7.68 -46.72 -12.86
N VAL A 197 6.47 -47.27 -12.82
CA VAL A 197 5.93 -47.66 -11.51
C VAL A 197 6.81 -48.76 -10.92
N PRO A 198 7.31 -48.63 -9.69
CA PRO A 198 8.09 -49.72 -9.11
C PRO A 198 7.18 -50.90 -8.79
N THR A 199 7.69 -52.11 -9.03
CA THR A 199 6.94 -53.33 -8.80
C THR A 199 7.92 -54.33 -8.19
N VAL A 200 7.43 -55.29 -7.42
CA VAL A 200 6.06 -55.41 -6.98
C VAL A 200 5.96 -54.68 -5.64
N LEU A 201 4.84 -54.03 -5.37
CA LEU A 201 4.67 -53.28 -4.15
C LEU A 201 3.87 -54.09 -3.14
N PRO A 202 4.05 -53.84 -1.84
CA PRO A 202 3.34 -54.63 -0.83
C PRO A 202 1.84 -54.38 -0.87
N SER A 203 1.08 -55.49 -0.74
CA SER A 203 -0.37 -55.40 -0.91
C SER A 203 -1.05 -54.75 0.28
N THR A 204 -0.29 -54.38 1.33
CA THR A 204 -0.86 -53.59 2.42
C THR A 204 -1.04 -52.11 2.05
N LEU A 205 -0.49 -51.64 0.93
CA LEU A 205 -0.55 -50.21 0.59
C LEU A 205 -1.98 -49.69 0.55
N THR A 206 -2.21 -48.54 1.22
CA THR A 206 -3.48 -47.82 1.12
C THR A 206 -3.39 -46.53 0.30
N GLU A 207 -2.20 -45.95 0.19
CA GLU A 207 -2.00 -44.68 -0.50
C GLU A 207 -0.68 -44.73 -1.27
N LEU A 208 -0.76 -44.41 -2.55
CA LEU A 208 0.40 -44.46 -3.41
C LEU A 208 0.47 -43.16 -4.20
N TYR A 209 1.53 -42.39 -3.99
CA TYR A 209 1.72 -41.08 -4.62
C TYR A 209 2.88 -41.19 -5.59
N LEU A 210 2.56 -41.15 -6.88
CA LEU A 210 3.56 -41.23 -7.94
C LEU A 210 3.56 -39.99 -8.80
N TYR A 211 3.08 -38.87 -8.27
CA TYR A 211 2.82 -37.75 -9.16
C TYR A 211 4.06 -36.90 -9.42
N ASN A 212 3.97 -36.07 -10.47
CA ASN A 212 5.08 -35.23 -10.92
C ASN A 212 6.37 -36.04 -11.16
N ASN A 213 6.29 -36.98 -12.10
CA ASN A 213 7.43 -37.82 -12.43
C ASN A 213 7.55 -37.87 -13.95
N MET A 214 8.26 -38.89 -14.45
CA MET A 214 8.42 -39.09 -15.88
C MET A 214 7.93 -40.49 -16.28
N ILE A 215 6.79 -40.89 -15.74
CA ILE A 215 6.16 -42.15 -16.11
C ILE A 215 5.32 -41.91 -17.36
N ALA A 216 5.68 -42.56 -18.46
CA ALA A 216 4.92 -42.37 -19.70
C ALA A 216 3.85 -43.43 -19.92
N GLU A 217 3.96 -44.59 -19.28
CA GLU A 217 3.00 -45.64 -19.52
C GLU A 217 2.85 -46.42 -18.24
N ILE A 218 1.62 -46.86 -17.98
CA ILE A 218 1.32 -47.81 -16.92
C ILE A 218 1.27 -49.19 -17.55
N GLN A 219 1.92 -50.18 -16.94
CA GLN A 219 1.76 -51.56 -17.37
C GLN A 219 0.44 -52.11 -16.85
N GLU A 220 -0.17 -53.02 -17.62
CA GLU A 220 -1.44 -53.60 -17.21
C GLU A 220 -1.40 -54.24 -15.82
N ASP A 221 -0.25 -54.69 -15.35
CA ASP A 221 -0.22 -55.33 -14.04
C ASP A 221 0.51 -54.50 -12.98
N ASP A 222 0.72 -53.21 -13.23
CA ASP A 222 1.44 -52.37 -12.26
C ASP A 222 0.75 -52.34 -10.89
N PHE A 223 -0.58 -52.37 -10.84
CA PHE A 223 -1.29 -52.28 -9.57
C PHE A 223 -2.06 -53.55 -9.23
N ASN A 224 -1.59 -54.71 -9.73
CA ASN A 224 -2.39 -55.94 -9.73
C ASN A 224 -2.68 -56.49 -8.34
N ASN A 225 -1.76 -56.34 -7.41
CA ASN A 225 -1.91 -56.91 -6.09
C ASN A 225 -2.39 -55.89 -5.05
N LEU A 226 -2.68 -54.65 -5.43
CA LEU A 226 -2.99 -53.61 -4.44
C LEU A 226 -4.48 -53.56 -4.14
N ASN A 227 -4.98 -54.65 -3.55
CA ASN A 227 -6.41 -54.76 -3.28
C ASN A 227 -6.84 -53.97 -2.06
N GLN A 228 -5.92 -53.33 -1.35
CA GLN A 228 -6.27 -52.45 -0.25
C GLN A 228 -6.12 -50.98 -0.59
N LEU A 229 -5.67 -50.65 -1.79
CA LEU A 229 -5.33 -49.27 -2.13
C LEU A 229 -6.57 -48.38 -2.06
N GLN A 230 -6.44 -47.24 -1.39
CA GLN A 230 -7.55 -46.30 -1.35
C GLN A 230 -7.28 -44.99 -2.07
N ILE A 231 -6.03 -44.57 -2.18
CA ILE A 231 -5.70 -43.34 -2.86
C ILE A 231 -4.60 -43.64 -3.86
N LEU A 232 -4.81 -43.23 -5.11
CA LEU A 232 -3.79 -43.35 -6.14
C LEU A 232 -3.66 -42.02 -6.83
N ASP A 233 -2.45 -41.49 -6.88
CA ASP A 233 -2.20 -40.23 -7.57
C ASP A 233 -1.09 -40.45 -8.60
N LEU A 234 -1.44 -40.34 -9.88
CA LEU A 234 -0.51 -40.45 -11.00
C LEU A 234 -0.38 -39.13 -11.74
N SER A 235 -0.87 -38.03 -11.16
CA SER A 235 -0.91 -36.72 -11.80
C SER A 235 0.47 -36.26 -12.28
N GLY A 236 0.49 -35.37 -13.27
CA GLY A 236 1.75 -34.77 -13.65
C GLY A 236 2.75 -35.75 -14.25
N ASN A 237 2.27 -36.81 -14.87
CA ASN A 237 3.05 -37.70 -15.74
C ASN A 237 2.49 -37.55 -17.15
N CYS A 238 3.31 -37.03 -18.08
CA CYS A 238 2.89 -36.43 -19.35
C CYS A 238 2.05 -35.19 -19.05
N PRO A 239 2.66 -34.15 -18.50
CA PRO A 239 1.88 -32.97 -18.07
C PRO A 239 1.36 -32.15 -19.23
N ARG A 240 0.25 -31.48 -18.96
CA ARG A 240 -0.27 -30.41 -19.80
C ARG A 240 0.53 -29.14 -19.47
N CYS A 241 1.38 -28.70 -20.39
CA CYS A 241 2.36 -27.68 -20.04
C CYS A 241 1.94 -26.25 -20.39
N TYR A 242 0.80 -26.03 -21.06
CA TYR A 242 0.45 -24.67 -21.46
C TYR A 242 0.31 -23.77 -20.23
N ASN A 243 1.00 -22.64 -20.25
CA ASN A 243 0.98 -21.64 -19.16
C ASN A 243 1.45 -22.23 -17.83
N ALA A 244 2.25 -23.28 -17.86
CA ALA A 244 2.76 -23.84 -16.61
C ALA A 244 3.66 -22.82 -15.92
N PRO A 245 3.50 -22.57 -14.64
CA PRO A 245 4.39 -21.62 -13.95
C PRO A 245 5.67 -22.27 -13.44
N PHE A 246 6.00 -23.46 -13.94
CA PHE A 246 7.22 -24.16 -13.60
C PHE A 246 7.76 -24.77 -14.87
N PRO A 247 9.07 -25.05 -14.93
CA PRO A 247 9.62 -25.71 -16.13
C PRO A 247 8.95 -27.06 -16.35
N CYS A 248 8.41 -27.25 -17.54
CA CYS A 248 7.47 -28.34 -17.83
C CYS A 248 7.85 -28.96 -19.17
N THR A 249 8.13 -30.26 -19.16
CA THR A 249 8.48 -30.96 -20.39
C THR A 249 7.38 -31.97 -20.70
N PRO A 250 6.70 -31.86 -21.84
CA PRO A 250 5.62 -32.80 -22.16
C PRO A 250 6.17 -34.11 -22.70
N CYS A 251 5.37 -35.15 -22.58
CA CYS A 251 5.64 -36.38 -23.30
C CYS A 251 5.62 -36.10 -24.80
N LYS A 252 6.43 -36.84 -25.55
CA LYS A 252 6.60 -36.55 -26.97
C LYS A 252 5.31 -36.77 -27.74
N ASN A 253 5.19 -36.04 -28.86
CA ASN A 253 4.08 -36.15 -29.82
C ASN A 253 2.70 -36.03 -29.17
N ASN A 254 2.63 -35.19 -28.13
CA ASN A 254 1.38 -34.92 -27.42
C ASN A 254 0.76 -36.18 -26.81
N SER A 255 1.55 -37.19 -26.50
CA SER A 255 0.96 -38.42 -25.97
C SER A 255 0.46 -38.18 -24.55
N PRO A 256 -0.64 -38.81 -24.17
CA PRO A 256 -1.04 -38.82 -22.77
C PRO A 256 -0.23 -39.84 -22.00
N LEU A 257 -0.38 -39.80 -20.67
CA LEU A 257 0.04 -40.92 -19.87
C LEU A 257 -0.78 -42.12 -20.31
N GLN A 258 -0.18 -43.26 -20.52
CA GLN A 258 -1.07 -44.21 -21.11
C GLN A 258 -1.30 -45.42 -20.22
N ILE A 259 -2.59 -45.64 -19.99
CA ILE A 259 -3.13 -46.48 -18.95
C ILE A 259 -4.00 -47.54 -19.62
N PRO A 260 -3.58 -48.80 -19.63
CA PRO A 260 -4.43 -49.88 -20.15
C PRO A 260 -5.81 -49.86 -19.51
N VAL A 261 -6.80 -50.37 -20.25
CA VAL A 261 -8.20 -50.31 -19.82
C VAL A 261 -8.44 -51.12 -18.56
N ASN A 262 -7.58 -52.11 -18.28
CA ASN A 262 -7.70 -52.97 -17.12
C ASN A 262 -6.66 -52.66 -16.03
N ALA A 263 -5.97 -51.51 -16.12
CA ALA A 263 -4.90 -51.20 -15.16
C ALA A 263 -5.42 -51.04 -13.74
N PHE A 264 -6.69 -50.68 -13.57
CA PHE A 264 -7.26 -50.45 -12.24
C PHE A 264 -8.14 -51.60 -11.75
N ASP A 265 -8.14 -52.75 -12.44
CA ASP A 265 -9.11 -53.81 -12.11
C ASP A 265 -8.95 -54.33 -10.69
N ALA A 266 -7.73 -54.38 -10.15
CA ALA A 266 -7.58 -54.92 -8.80
C ALA A 266 -8.00 -53.93 -7.70
N LEU A 267 -8.18 -52.64 -8.01
CA LEU A 267 -8.28 -51.63 -6.97
C LEU A 267 -9.73 -51.44 -6.51
N THR A 268 -10.26 -52.49 -5.86
CA THR A 268 -11.67 -52.49 -5.46
C THR A 268 -11.94 -51.58 -4.27
N GLU A 269 -10.91 -51.23 -3.50
CA GLU A 269 -11.09 -50.32 -2.37
C GLU A 269 -10.83 -48.86 -2.74
N LEU A 270 -10.50 -48.57 -4.00
CA LEU A 270 -10.06 -47.23 -4.37
C LEU A 270 -11.16 -46.22 -4.12
N LYS A 271 -10.83 -45.16 -3.38
CA LYS A 271 -11.75 -44.04 -3.16
C LYS A 271 -11.33 -42.76 -3.83
N VAL A 272 -10.03 -42.57 -4.06
CA VAL A 272 -9.52 -41.32 -4.61
C VAL A 272 -8.61 -41.68 -5.78
N LEU A 273 -8.90 -41.10 -6.95
CA LEU A 273 -8.07 -41.26 -8.14
C LEU A 273 -7.74 -39.88 -8.66
N ARG A 274 -6.45 -39.56 -8.70
CA ARG A 274 -5.98 -38.26 -9.17
C ARG A 274 -5.18 -38.46 -10.44
N LEU A 275 -5.72 -37.91 -11.53
CA LEU A 275 -5.16 -37.95 -12.87
C LEU A 275 -5.15 -36.53 -13.43
N HIS A 276 -4.59 -35.62 -12.65
CA HIS A 276 -4.43 -34.22 -13.03
C HIS A 276 -3.19 -34.05 -13.89
N SER A 277 -3.31 -33.35 -15.01
CA SER A 277 -2.14 -33.04 -15.86
C SER A 277 -1.43 -34.31 -16.34
N ASN A 278 -2.22 -35.14 -17.02
CA ASN A 278 -1.73 -36.34 -17.70
C ASN A 278 -1.96 -36.27 -19.21
N SER A 279 -2.40 -35.11 -19.72
CA SER A 279 -2.62 -34.89 -21.15
C SER A 279 -3.62 -35.90 -21.71
N LEU A 280 -4.58 -36.32 -20.90
CA LEU A 280 -5.54 -37.32 -21.33
C LEU A 280 -6.52 -36.73 -22.35
N GLN A 281 -6.84 -37.52 -23.36
CA GLN A 281 -7.86 -37.16 -24.34
C GLN A 281 -9.11 -37.99 -24.24
N HIS A 282 -9.07 -39.12 -23.54
CA HIS A 282 -10.23 -39.97 -23.36
C HIS A 282 -10.20 -40.53 -21.96
N VAL A 283 -11.39 -40.82 -21.44
CA VAL A 283 -11.56 -41.52 -20.19
C VAL A 283 -12.38 -42.77 -20.49
N PRO A 284 -11.71 -43.88 -20.85
CA PRO A 284 -12.45 -45.12 -21.18
C PRO A 284 -13.29 -45.59 -20.01
N PRO A 285 -14.59 -45.85 -20.23
CA PRO A 285 -15.43 -46.42 -19.15
C PRO A 285 -14.86 -47.70 -18.56
N ARG A 286 -14.18 -48.52 -19.38
CA ARG A 286 -13.62 -49.78 -18.90
C ARG A 286 -12.71 -49.58 -17.69
N TRP A 287 -12.07 -48.40 -17.57
CA TRP A 287 -11.23 -48.12 -16.41
C TRP A 287 -11.96 -48.39 -15.11
N PHE A 288 -13.25 -48.09 -15.05
CA PHE A 288 -13.98 -48.08 -13.78
C PHE A 288 -14.91 -49.29 -13.61
N LYS A 289 -14.61 -50.40 -14.28
CA LYS A 289 -15.57 -51.49 -14.25
C LYS A 289 -15.61 -52.19 -12.89
N ASN A 290 -14.49 -52.30 -12.18
CA ASN A 290 -14.47 -52.94 -10.87
C ASN A 290 -14.23 -51.95 -9.74
N ILE A 291 -14.21 -50.67 -10.06
CA ILE A 291 -14.21 -49.62 -9.07
C ILE A 291 -15.64 -49.17 -8.91
N ASN A 292 -16.26 -49.52 -7.78
CA ASN A 292 -17.58 -49.01 -7.52
C ASN A 292 -17.63 -48.05 -6.35
N ASN A 293 -16.57 -47.98 -5.55
CA ASN A 293 -16.57 -47.13 -4.37
C ASN A 293 -15.81 -45.82 -4.60
N LEU A 294 -15.44 -45.50 -5.83
CA LEU A 294 -14.69 -44.27 -6.06
C LEU A 294 -15.52 -43.08 -5.57
N GLN A 295 -14.90 -42.20 -4.81
CA GLN A 295 -15.55 -41.01 -4.29
C GLN A 295 -15.00 -39.71 -4.84
N GLU A 296 -13.72 -39.68 -5.23
CA GLU A 296 -13.08 -38.45 -5.67
C GLU A 296 -12.28 -38.71 -6.94
N LEU A 297 -12.54 -37.93 -7.98
CA LEU A 297 -11.88 -38.09 -9.27
C LEU A 297 -11.40 -36.74 -9.77
N ASP A 298 -10.10 -36.61 -9.97
CA ASP A 298 -9.51 -35.37 -10.47
C ASP A 298 -9.00 -35.61 -11.89
N LEU A 299 -9.68 -34.99 -12.87
CA LEU A 299 -9.30 -35.05 -14.28
C LEU A 299 -8.96 -33.66 -14.81
N SER A 300 -8.53 -32.76 -13.92
CA SER A 300 -8.20 -31.40 -14.33
C SER A 300 -6.86 -31.38 -15.08
N GLN A 301 -6.69 -30.35 -15.91
CA GLN A 301 -5.47 -30.11 -16.69
C GLN A 301 -5.16 -31.26 -17.65
N ASN A 302 -6.19 -31.76 -18.31
CA ASN A 302 -5.99 -32.68 -19.42
C ASN A 302 -6.51 -32.04 -20.71
N PHE A 303 -6.88 -32.86 -21.70
CA PHE A 303 -7.45 -32.34 -22.94
C PHE A 303 -8.78 -33.04 -23.16
N LEU A 304 -9.66 -32.93 -22.17
CA LEU A 304 -10.91 -33.66 -22.15
C LEU A 304 -12.10 -32.80 -22.54
N ALA A 305 -11.87 -31.67 -23.22
CA ALA A 305 -12.97 -30.79 -23.61
C ALA A 305 -14.06 -31.54 -24.37
N LYS A 306 -13.68 -32.32 -25.39
CA LYS A 306 -14.67 -33.09 -26.13
C LYS A 306 -15.22 -34.26 -25.33
N GLU A 307 -14.41 -34.87 -24.45
CA GLU A 307 -14.91 -35.98 -23.66
C GLU A 307 -16.04 -35.55 -22.72
N ILE A 308 -16.02 -34.28 -22.30
CA ILE A 308 -17.04 -33.80 -21.37
C ILE A 308 -18.40 -33.82 -22.03
N GLY A 309 -18.47 -33.66 -23.35
CA GLY A 309 -19.76 -33.78 -24.05
C GLY A 309 -20.25 -35.19 -24.26
N ASP A 310 -19.44 -36.20 -23.92
CA ASP A 310 -19.76 -37.60 -24.11
C ASP A 310 -19.72 -38.33 -22.77
N ALA A 311 -18.54 -38.58 -22.23
CA ALA A 311 -18.37 -38.91 -20.81
C ALA A 311 -19.14 -40.16 -20.40
N LYS A 312 -19.06 -41.21 -21.23
CA LYS A 312 -19.76 -42.46 -20.88
C LYS A 312 -19.25 -43.04 -19.56
N PHE A 313 -18.00 -42.75 -19.19
CA PHE A 313 -17.45 -43.30 -17.96
C PHE A 313 -18.25 -42.90 -16.72
N LEU A 314 -18.96 -41.78 -16.76
CA LEU A 314 -19.69 -41.31 -15.57
C LEU A 314 -20.77 -42.28 -15.16
N HIS A 315 -21.30 -43.10 -16.09
CA HIS A 315 -22.32 -44.08 -15.73
C HIS A 315 -21.81 -45.11 -14.75
N PHE A 316 -20.49 -45.29 -14.66
CA PHE A 316 -19.90 -46.26 -13.74
C PHE A 316 -19.52 -45.64 -12.40
N LEU A 317 -19.89 -44.39 -12.15
CA LEU A 317 -19.44 -43.67 -10.96
C LEU A 317 -20.63 -43.18 -10.13
N PRO A 318 -21.54 -44.08 -9.71
CA PRO A 318 -22.72 -43.63 -8.96
C PRO A 318 -22.41 -43.21 -7.53
N ASN A 319 -21.25 -43.53 -6.99
CA ASN A 319 -20.90 -43.15 -5.61
C ASN A 319 -19.92 -41.97 -5.56
N LEU A 320 -19.56 -41.39 -6.69
CA LEU A 320 -18.64 -40.26 -6.73
C LEU A 320 -19.22 -39.06 -5.98
N ILE A 321 -18.40 -38.45 -5.14
CA ILE A 321 -18.75 -37.25 -4.37
C ILE A 321 -18.19 -35.99 -5.02
N GLN A 322 -16.94 -36.03 -5.47
CA GLN A 322 -16.28 -34.87 -6.07
C GLN A 322 -15.71 -35.22 -7.43
N LEU A 323 -16.00 -34.37 -8.39
CA LEU A 323 -15.53 -34.53 -9.77
C LEU A 323 -14.87 -33.23 -10.18
N ASP A 324 -13.62 -33.29 -10.62
CA ASP A 324 -12.96 -32.08 -11.09
C ASP A 324 -12.56 -32.23 -12.55
N LEU A 325 -13.13 -31.39 -13.41
CA LEU A 325 -12.84 -31.39 -14.84
C LEU A 325 -12.25 -30.06 -15.30
N SER A 326 -11.63 -29.32 -14.40
CA SER A 326 -11.19 -27.96 -14.71
C SER A 326 -10.01 -27.95 -15.69
N PHE A 327 -9.91 -26.86 -16.44
CA PHE A 327 -8.81 -26.59 -17.39
C PHE A 327 -8.57 -27.77 -18.34
N ASN A 328 -9.63 -28.11 -19.08
CA ASN A 328 -9.53 -29.07 -20.16
C ASN A 328 -9.74 -28.43 -21.52
N PHE A 329 -9.72 -27.10 -21.61
CA PHE A 329 -10.09 -26.43 -22.85
C PHE A 329 -9.07 -26.70 -23.95
N GLU A 330 -9.56 -26.70 -25.20
CA GLU A 330 -8.64 -26.75 -26.35
C GLU A 330 -7.94 -25.42 -26.52
N LEU A 331 -6.63 -25.48 -26.75
CA LEU A 331 -5.87 -24.26 -26.93
C LEU A 331 -6.44 -23.45 -28.09
N GLN A 332 -6.56 -22.14 -27.89
CA GLN A 332 -6.99 -21.18 -28.89
C GLN A 332 -8.43 -21.42 -29.35
N VAL A 333 -9.23 -22.11 -28.56
CA VAL A 333 -10.64 -22.30 -28.90
C VAL A 333 -11.48 -21.63 -27.83
N TYR A 334 -12.38 -20.75 -28.28
CA TYR A 334 -13.36 -20.08 -27.43
C TYR A 334 -14.75 -20.60 -27.80
N ARG A 335 -15.17 -21.68 -27.13
CA ARG A 335 -16.43 -22.31 -27.47
C ARG A 335 -17.62 -21.38 -27.23
N ALA A 336 -18.68 -21.61 -28.00
CA ALA A 336 -19.89 -20.81 -27.88
C ALA A 336 -20.63 -21.09 -26.58
N SER A 337 -20.59 -22.33 -26.12
CA SER A 337 -21.36 -22.73 -24.96
C SER A 337 -20.71 -23.96 -24.35
N MET A 338 -21.26 -24.40 -23.23
CA MET A 338 -20.75 -25.57 -22.54
C MET A 338 -21.66 -26.75 -22.84
N ASN A 339 -21.05 -27.86 -23.21
CA ASN A 339 -21.75 -29.06 -23.63
C ASN A 339 -21.43 -30.13 -22.58
N LEU A 340 -22.31 -30.26 -21.59
CA LEU A 340 -22.23 -31.30 -20.58
C LEU A 340 -23.04 -32.48 -21.09
N SER A 341 -22.43 -33.65 -21.12
CA SER A 341 -23.16 -34.84 -21.54
C SER A 341 -24.31 -35.11 -20.59
N GLN A 342 -25.33 -35.81 -21.10
CA GLN A 342 -26.41 -36.31 -20.26
C GLN A 342 -25.90 -37.30 -19.22
N ALA A 343 -24.75 -37.94 -19.46
CA ALA A 343 -24.23 -38.91 -18.52
C ALA A 343 -24.04 -38.33 -17.12
N PHE A 344 -23.85 -37.00 -17.00
CA PHE A 344 -23.70 -36.36 -15.69
C PHE A 344 -24.89 -36.64 -14.78
N SER A 345 -26.08 -36.85 -15.35
CA SER A 345 -27.25 -37.09 -14.54
C SER A 345 -27.21 -38.45 -13.86
N SER A 346 -26.27 -39.31 -14.22
CA SER A 346 -26.10 -40.56 -13.49
C SER A 346 -25.21 -40.41 -12.27
N LEU A 347 -24.70 -39.21 -11.97
CA LEU A 347 -23.80 -39.00 -10.83
C LEU A 347 -24.63 -38.81 -9.56
N LYS A 348 -25.29 -39.90 -9.15
CA LYS A 348 -26.31 -39.85 -8.11
C LYS A 348 -25.80 -39.19 -6.82
N SER A 349 -24.55 -39.46 -6.43
CA SER A 349 -24.08 -39.05 -5.11
C SER A 349 -23.30 -37.74 -5.13
N LEU A 350 -23.15 -37.11 -6.29
CA LEU A 350 -22.23 -35.98 -6.45
C LEU A 350 -22.58 -34.81 -5.53
N LYS A 351 -21.56 -34.31 -4.82
CA LYS A 351 -21.66 -33.10 -4.02
C LYS A 351 -20.93 -31.90 -4.61
N ILE A 352 -19.83 -32.12 -5.31
CA ILE A 352 -18.96 -31.04 -5.79
C ILE A 352 -18.61 -31.28 -7.25
N LEU A 353 -18.92 -30.31 -8.10
CA LEU A 353 -18.53 -30.37 -9.50
C LEU A 353 -17.74 -29.11 -9.83
N ARG A 354 -16.52 -29.29 -10.29
CA ARG A 354 -15.69 -28.16 -10.66
C ARG A 354 -15.34 -28.27 -12.14
N ILE A 355 -15.72 -27.25 -12.92
CA ILE A 355 -15.40 -27.20 -14.33
C ILE A 355 -14.92 -25.80 -14.67
N ARG A 356 -13.84 -25.37 -14.03
CA ARG A 356 -13.18 -24.13 -14.39
C ARG A 356 -12.45 -24.33 -15.71
N GLY A 357 -12.15 -23.22 -16.37
CA GLY A 357 -11.27 -23.29 -17.52
C GLY A 357 -11.75 -24.20 -18.64
N TYR A 358 -13.07 -24.30 -18.82
CA TYR A 358 -13.63 -24.93 -20.02
C TYR A 358 -13.62 -23.93 -21.18
N VAL A 359 -13.85 -22.65 -20.85
CA VAL A 359 -13.69 -21.50 -21.75
C VAL A 359 -14.84 -21.50 -22.76
N PHE A 360 -15.87 -20.69 -22.48
CA PHE A 360 -17.03 -20.59 -23.34
C PHE A 360 -17.73 -19.25 -23.12
N LYS A 361 -18.46 -18.79 -24.15
CA LYS A 361 -18.98 -17.42 -24.16
C LYS A 361 -20.28 -17.27 -23.40
N GLU A 362 -21.14 -18.29 -23.45
CA GLU A 362 -22.52 -18.10 -23.03
C GLU A 362 -22.99 -19.28 -22.19
N LEU A 363 -23.44 -19.00 -20.97
CA LEU A 363 -24.02 -20.00 -20.11
C LEU A 363 -25.54 -19.90 -20.20
N LYS A 364 -26.19 -20.98 -20.56
CA LYS A 364 -27.63 -20.97 -20.70
C LYS A 364 -28.22 -22.10 -19.88
N SER A 365 -29.44 -21.85 -19.39
CA SER A 365 -30.10 -22.75 -18.46
C SER A 365 -30.10 -24.19 -18.95
N PHE A 366 -30.36 -24.39 -20.24
CA PHE A 366 -30.48 -25.75 -20.75
C PHE A 366 -29.17 -26.54 -20.63
N GLN A 367 -28.02 -25.84 -20.65
CA GLN A 367 -26.73 -26.53 -20.57
C GLN A 367 -26.54 -27.23 -19.22
N LEU A 368 -27.18 -26.75 -18.16
CA LEU A 368 -27.07 -27.36 -16.84
C LEU A 368 -28.11 -28.42 -16.56
N SER A 369 -29.00 -28.71 -17.52
CA SER A 369 -30.08 -29.65 -17.25
C SER A 369 -29.62 -31.04 -16.84
N PRO A 370 -28.49 -31.58 -17.32
CA PRO A 370 -28.03 -32.87 -16.76
C PRO A 370 -27.81 -32.86 -15.27
N LEU A 371 -27.67 -31.69 -14.65
CA LEU A 371 -27.46 -31.58 -13.21
C LEU A 371 -28.75 -31.39 -12.42
N HIS A 372 -29.90 -31.25 -13.08
CA HIS A 372 -31.11 -30.76 -12.40
C HIS A 372 -31.54 -31.69 -11.26
N ASN A 373 -31.40 -33.01 -11.44
CA ASN A 373 -31.87 -33.93 -10.41
C ASN A 373 -30.74 -34.65 -9.67
N LEU A 374 -29.54 -34.07 -9.65
CA LEU A 374 -28.48 -34.52 -8.76
C LEU A 374 -28.83 -33.93 -7.41
N GLN A 375 -29.43 -34.76 -6.56
CA GLN A 375 -30.07 -34.25 -5.34
C GLN A 375 -29.07 -33.81 -4.30
N ASN A 376 -27.88 -34.38 -4.30
CA ASN A 376 -26.90 -34.10 -3.25
C ASN A 376 -25.92 -33.01 -3.66
N LEU A 377 -26.12 -32.38 -4.82
CA LEU A 377 -25.16 -31.39 -5.31
C LEU A 377 -25.12 -30.18 -4.37
N GLU A 378 -23.90 -29.82 -3.91
CA GLU A 378 -23.70 -28.68 -3.01
C GLU A 378 -22.88 -27.55 -3.62
N VAL A 379 -21.91 -27.87 -4.48
CA VAL A 379 -21.01 -26.88 -5.03
C VAL A 379 -20.95 -27.05 -6.54
N LEU A 380 -21.20 -25.97 -7.26
CA LEU A 380 -21.05 -25.92 -8.71
C LEU A 380 -20.08 -24.79 -9.02
N ASP A 381 -18.91 -25.15 -9.54
CA ASP A 381 -17.83 -24.18 -9.77
C ASP A 381 -17.61 -24.06 -11.28
N LEU A 382 -18.04 -22.92 -11.84
CA LEU A 382 -17.81 -22.55 -13.23
C LEU A 382 -16.95 -21.30 -13.35
N GLY A 383 -16.05 -21.10 -12.39
CA GLY A 383 -15.16 -19.95 -12.45
C GLY A 383 -14.12 -20.08 -13.54
N THR A 384 -13.50 -18.95 -13.88
CA THR A 384 -12.40 -18.86 -14.87
C THR A 384 -12.77 -19.53 -16.20
N ASN A 385 -13.88 -19.05 -16.76
CA ASN A 385 -14.39 -19.58 -18.02
C ASN A 385 -14.60 -18.50 -19.09
N PHE A 386 -14.28 -17.24 -18.78
CA PHE A 386 -14.48 -16.12 -19.71
C PHE A 386 -15.92 -16.06 -20.22
N ILE A 387 -16.87 -16.45 -19.37
CA ILE A 387 -18.28 -16.37 -19.72
C ILE A 387 -18.69 -14.91 -19.87
N LYS A 388 -19.24 -14.57 -21.05
CA LYS A 388 -19.69 -13.21 -21.28
C LYS A 388 -21.17 -13.01 -20.94
N ILE A 389 -21.98 -14.06 -21.08
CA ILE A 389 -23.43 -13.95 -20.99
C ILE A 389 -23.94 -15.03 -20.08
N ALA A 390 -24.71 -14.64 -19.06
CA ALA A 390 -25.34 -15.62 -18.17
C ALA A 390 -26.58 -15.01 -17.52
N ASN A 391 -27.74 -15.61 -17.75
CA ASN A 391 -28.96 -15.19 -17.07
C ASN A 391 -29.02 -15.86 -15.70
N LEU A 392 -28.81 -15.05 -14.64
CA LEU A 392 -28.68 -15.57 -13.28
C LEU A 392 -29.95 -16.23 -12.78
N SER A 393 -31.08 -15.96 -13.40
CA SER A 393 -32.32 -16.59 -12.95
C SER A 393 -32.28 -18.09 -13.12
N MET A 394 -31.41 -18.62 -13.98
CA MET A 394 -31.34 -20.06 -14.18
C MET A 394 -31.04 -20.80 -12.87
N PHE A 395 -30.44 -20.13 -11.89
CA PHE A 395 -30.09 -20.82 -10.66
C PHE A 395 -31.27 -20.96 -9.71
N LYS A 396 -32.47 -20.54 -10.13
CA LYS A 396 -33.67 -20.91 -9.36
C LYS A 396 -33.84 -22.42 -9.28
N GLN A 397 -33.28 -23.17 -10.23
CA GLN A 397 -33.34 -24.62 -10.16
C GLN A 397 -32.23 -25.22 -9.29
N PHE A 398 -31.48 -24.40 -8.56
CA PHE A 398 -30.34 -24.90 -7.82
C PHE A 398 -30.33 -24.39 -6.38
N LYS A 399 -31.52 -24.17 -5.80
CA LYS A 399 -31.64 -23.68 -4.44
C LYS A 399 -31.03 -24.60 -3.42
N ARG A 400 -30.93 -25.90 -3.71
CA ARG A 400 -30.35 -26.83 -2.77
C ARG A 400 -28.84 -26.63 -2.63
N LEU A 401 -28.21 -25.95 -3.59
CA LEU A 401 -26.75 -25.86 -3.54
C LEU A 401 -26.29 -24.92 -2.43
N LYS A 402 -25.09 -25.17 -1.93
CA LYS A 402 -24.46 -24.28 -0.96
C LYS A 402 -23.67 -23.16 -1.63
N VAL A 403 -23.00 -23.43 -2.74
CA VAL A 403 -22.20 -22.41 -3.42
C VAL A 403 -22.36 -22.57 -4.93
N ILE A 404 -22.66 -21.46 -5.60
CA ILE A 404 -22.62 -21.35 -7.05
C ILE A 404 -21.50 -20.38 -7.39
N ASP A 405 -20.42 -20.89 -7.99
CA ASP A 405 -19.19 -20.12 -8.15
C ASP A 405 -19.01 -19.75 -9.61
N LEU A 406 -19.22 -18.47 -9.93
CA LEU A 406 -18.96 -17.90 -11.25
C LEU A 406 -17.83 -16.90 -11.19
N SER A 407 -16.98 -16.99 -10.18
CA SER A 407 -15.88 -16.06 -9.99
C SER A 407 -14.93 -16.03 -11.20
N VAL A 408 -14.40 -14.85 -11.50
CA VAL A 408 -13.40 -14.68 -12.56
C VAL A 408 -14.04 -15.09 -13.88
N ASN A 409 -15.02 -14.31 -14.33
CA ASN A 409 -15.57 -14.50 -15.66
C ASN A 409 -15.70 -13.11 -16.27
N LYS A 410 -16.41 -12.99 -17.39
CA LYS A 410 -16.58 -11.71 -18.07
C LYS A 410 -18.06 -11.36 -18.18
N ILE A 411 -18.85 -11.72 -17.18
CA ILE A 411 -20.29 -11.56 -17.25
C ILE A 411 -20.64 -10.08 -17.17
N SER A 412 -21.50 -9.61 -18.09
CA SER A 412 -21.96 -8.23 -18.09
C SER A 412 -23.37 -8.21 -18.65
N PRO A 413 -24.12 -7.12 -18.46
CA PRO A 413 -25.47 -7.10 -19.05
C PRO A 413 -25.42 -6.76 -20.55
N VAL A 437 -12.94 -22.60 -0.12
CA VAL A 437 -12.31 -21.68 -1.07
C VAL A 437 -10.90 -22.17 -1.41
N LEU A 438 -10.65 -22.46 -2.69
CA LEU A 438 -9.37 -22.98 -3.14
C LEU A 438 -8.30 -21.89 -3.19
N GLU A 439 -7.05 -22.30 -2.94
CA GLU A 439 -5.91 -21.38 -2.94
C GLU A 439 -5.78 -20.66 -4.28
N GLN A 440 -5.12 -19.49 -4.23
CA GLN A 440 -5.02 -18.62 -5.41
C GLN A 440 -4.26 -19.32 -6.54
N LEU A 441 -3.18 -19.99 -6.21
CA LEU A 441 -2.54 -20.93 -7.12
C LEU A 441 -3.02 -22.30 -6.68
N TYR A 442 -3.74 -22.98 -7.57
CA TYR A 442 -4.34 -24.25 -7.22
C TYR A 442 -4.23 -25.21 -8.38
N TYR A 443 -4.83 -24.83 -9.52
CA TYR A 443 -4.76 -25.71 -10.68
C TYR A 443 -3.44 -25.61 -11.40
N PHE A 444 -2.68 -24.55 -11.19
CA PHE A 444 -1.46 -24.41 -11.96
C PHE A 444 -0.20 -24.65 -11.16
N ARG A 445 -0.27 -24.73 -9.83
CA ARG A 445 0.99 -24.89 -9.14
C ARG A 445 1.52 -26.32 -9.25
N TYR A 446 2.83 -26.44 -9.07
CA TYR A 446 3.54 -27.67 -9.35
C TYR A 446 3.10 -28.78 -8.40
N ASP A 447 3.11 -28.50 -7.10
CA ASP A 447 2.75 -29.48 -6.10
C ASP A 447 1.95 -28.76 -5.02
N LYS A 448 0.62 -28.82 -5.12
CA LYS A 448 -0.22 -28.15 -4.14
C LYS A 448 -0.17 -28.81 -2.77
N TYR A 449 0.39 -30.03 -2.65
CA TYR A 449 0.55 -30.66 -1.34
C TYR A 449 1.98 -30.57 -0.84
N ALA A 450 2.82 -29.72 -1.44
CA ALA A 450 4.20 -29.60 -0.99
C ALA A 450 4.23 -29.10 0.45
N ARG A 451 5.07 -29.72 1.27
CA ARG A 451 5.15 -29.34 2.67
C ARG A 451 6.18 -28.24 2.90
N SER A 452 5.91 -27.42 3.90
CA SER A 452 6.82 -26.36 4.26
C SER A 452 7.64 -26.79 5.48
N CYS A 453 8.80 -26.17 5.62
CA CYS A 453 9.65 -26.35 6.79
C CYS A 453 9.00 -25.73 8.03
N SER A 468 -15.15 -14.99 4.80
CA SER A 468 -15.94 -15.78 3.84
C SER A 468 -17.39 -16.01 4.31
N CYS A 469 -18.33 -15.99 3.35
CA CYS A 469 -19.76 -15.92 3.66
C CYS A 469 -20.54 -17.21 3.45
N TYR A 470 -19.87 -18.32 3.10
CA TYR A 470 -20.58 -19.56 2.84
C TYR A 470 -21.45 -19.98 4.02
N LYS A 471 -20.98 -19.72 5.25
CA LYS A 471 -21.70 -20.15 6.43
C LYS A 471 -23.06 -19.49 6.59
N TYR A 472 -23.33 -18.42 5.85
CA TYR A 472 -24.63 -17.77 5.94
C TYR A 472 -25.73 -18.51 5.17
N GLY A 473 -25.38 -19.43 4.25
CA GLY A 473 -26.35 -20.16 3.45
C GLY A 473 -26.02 -20.09 1.97
N GLN A 474 -27.05 -20.26 1.13
CA GLN A 474 -26.84 -20.31 -0.33
C GLN A 474 -26.07 -19.08 -0.82
N THR A 475 -24.97 -19.32 -1.53
CA THR A 475 -24.06 -18.28 -1.96
C THR A 475 -23.97 -18.24 -3.48
N LEU A 476 -24.14 -17.06 -4.06
CA LEU A 476 -23.86 -16.82 -5.47
C LEU A 476 -22.63 -15.94 -5.56
N ASP A 477 -21.54 -16.47 -6.13
CA ASP A 477 -20.26 -15.76 -6.21
C ASP A 477 -20.07 -15.24 -7.63
N LEU A 478 -20.34 -13.94 -7.83
CA LEU A 478 -20.09 -13.28 -9.10
C LEU A 478 -18.87 -12.37 -9.03
N SER A 479 -17.96 -12.64 -8.11
CA SER A 479 -16.81 -11.74 -7.96
C SER A 479 -15.93 -11.80 -9.21
N LYS A 480 -15.22 -10.69 -9.43
CA LYS A 480 -14.27 -10.57 -10.53
C LYS A 480 -14.95 -10.85 -11.88
N ASN A 481 -16.09 -10.20 -12.10
CA ASN A 481 -16.74 -10.22 -13.40
C ASN A 481 -16.73 -8.82 -13.97
N SER A 482 -17.54 -8.59 -15.01
CA SER A 482 -17.60 -7.28 -15.66
C SER A 482 -18.97 -6.63 -15.52
N ILE A 483 -19.63 -6.84 -14.38
CA ILE A 483 -20.96 -6.28 -14.20
C ILE A 483 -20.78 -4.78 -13.92
N PHE A 484 -21.25 -3.95 -14.85
CA PHE A 484 -21.14 -2.51 -14.70
C PHE A 484 -22.44 -1.83 -14.30
N PHE A 485 -23.58 -2.49 -14.49
CA PHE A 485 -24.87 -1.95 -14.11
C PHE A 485 -25.77 -3.09 -13.63
N ILE A 486 -26.47 -2.89 -12.52
CA ILE A 486 -27.41 -3.87 -12.00
C ILE A 486 -28.80 -3.25 -11.89
N LYS A 487 -29.81 -4.11 -12.03
CA LYS A 487 -31.20 -3.74 -11.84
C LYS A 487 -31.91 -4.94 -11.22
N SER A 488 -33.06 -4.65 -10.62
CA SER A 488 -33.78 -5.65 -9.83
C SER A 488 -34.05 -6.92 -10.62
N SER A 489 -34.38 -6.79 -11.91
CA SER A 489 -34.73 -7.96 -12.71
C SER A 489 -33.54 -8.92 -12.85
N ASP A 490 -32.30 -8.44 -12.70
CA ASP A 490 -31.16 -9.34 -12.76
C ASP A 490 -31.22 -10.43 -11.71
N PHE A 491 -31.93 -10.20 -10.59
CA PHE A 491 -32.01 -11.17 -9.52
C PHE A 491 -33.39 -11.82 -9.39
N GLN A 492 -34.19 -11.77 -10.46
CA GLN A 492 -35.52 -12.36 -10.43
C GLN A 492 -35.40 -13.86 -10.19
N HIS A 493 -36.27 -14.38 -9.33
CA HIS A 493 -36.29 -15.78 -8.89
C HIS A 493 -35.08 -16.17 -8.05
N LEU A 494 -34.31 -15.23 -7.50
CA LEU A 494 -33.20 -15.58 -6.62
C LEU A 494 -33.44 -15.19 -5.17
N SER A 495 -34.71 -15.12 -4.75
CA SER A 495 -35.01 -14.67 -3.40
C SER A 495 -34.50 -15.61 -2.33
N PHE A 496 -34.12 -16.84 -2.68
CA PHE A 496 -33.57 -17.75 -1.66
C PHE A 496 -32.12 -17.42 -1.26
N LEU A 497 -31.42 -16.55 -2.00
CA LEU A 497 -30.00 -16.36 -1.77
C LEU A 497 -29.73 -15.76 -0.39
N LYS A 498 -28.75 -16.31 0.31
CA LYS A 498 -28.32 -15.77 1.59
C LYS A 498 -27.07 -14.91 1.49
N CYS A 499 -26.20 -15.14 0.49
CA CYS A 499 -24.97 -14.36 0.34
C CYS A 499 -24.73 -14.09 -1.14
N LEU A 500 -24.47 -12.83 -1.46
CA LEU A 500 -24.14 -12.46 -2.83
C LEU A 500 -22.77 -11.82 -2.81
N ASN A 501 -21.86 -12.34 -3.62
CA ASN A 501 -20.53 -11.76 -3.75
C ASN A 501 -20.43 -11.03 -5.07
N LEU A 502 -20.48 -9.70 -5.03
CA LEU A 502 -20.27 -8.88 -6.21
C LEU A 502 -18.91 -8.20 -6.23
N SER A 503 -17.99 -8.63 -5.36
CA SER A 503 -16.69 -7.97 -5.26
C SER A 503 -15.97 -7.91 -6.61
N GLY A 504 -15.33 -6.78 -6.89
CA GLY A 504 -14.48 -6.74 -8.05
C GLY A 504 -15.23 -6.72 -9.36
N ASN A 505 -16.40 -6.12 -9.38
CA ASN A 505 -17.04 -5.87 -10.64
C ASN A 505 -16.78 -4.43 -11.03
N LEU A 506 -17.63 -3.85 -11.87
CA LEU A 506 -17.41 -2.51 -12.37
C LEU A 506 -18.61 -1.63 -12.06
N ILE A 507 -19.26 -1.87 -10.92
CA ILE A 507 -20.55 -1.27 -10.63
C ILE A 507 -20.32 0.17 -10.20
N SER A 508 -20.70 1.11 -11.06
CA SER A 508 -20.39 2.53 -10.94
C SER A 508 -21.70 3.27 -11.12
N GLN A 509 -22.51 3.25 -10.07
CA GLN A 509 -23.94 3.44 -10.16
C GLN A 509 -24.41 4.04 -8.83
N THR A 510 -25.40 4.93 -8.87
CA THR A 510 -25.99 5.44 -7.62
C THR A 510 -27.13 4.50 -7.23
N LEU A 511 -26.88 3.62 -6.27
CA LEU A 511 -27.94 2.74 -5.77
C LEU A 511 -29.00 3.54 -5.02
N ASN A 512 -30.28 3.22 -5.28
CA ASN A 512 -31.36 3.98 -4.65
C ASN A 512 -32.38 3.08 -3.98
N GLY A 513 -32.02 1.83 -3.71
CA GLY A 513 -32.92 0.94 -3.02
C GLY A 513 -33.78 0.09 -3.92
N SER A 514 -33.56 0.15 -5.22
CA SER A 514 -34.34 -0.63 -6.15
C SER A 514 -33.56 -1.77 -6.80
N GLU A 515 -32.24 -1.79 -6.69
CA GLU A 515 -31.44 -2.71 -7.51
C GLU A 515 -31.48 -4.15 -7.02
N PHE A 516 -31.78 -4.39 -5.74
CA PHE A 516 -31.72 -5.73 -5.17
C PHE A 516 -33.07 -6.22 -4.66
N GLN A 517 -34.17 -5.67 -5.18
CA GLN A 517 -35.49 -5.93 -4.60
C GLN A 517 -35.81 -7.42 -4.38
N PRO A 518 -35.57 -8.33 -5.33
CA PRO A 518 -35.94 -9.73 -5.10
C PRO A 518 -35.13 -10.44 -4.00
N LEU A 519 -34.00 -9.89 -3.55
CA LEU A 519 -33.11 -10.62 -2.66
C LEU A 519 -33.59 -10.46 -1.22
N ALA A 520 -34.77 -11.05 -0.96
CA ALA A 520 -35.48 -10.82 0.29
C ALA A 520 -34.85 -11.54 1.47
N GLU A 521 -34.11 -12.62 1.24
CA GLU A 521 -33.48 -13.38 2.31
C GLU A 521 -32.01 -13.03 2.50
N LEU A 522 -31.46 -12.08 1.72
CA LEU A 522 -30.01 -11.88 1.68
C LEU A 522 -29.49 -11.44 3.04
N ARG A 523 -28.52 -12.20 3.57
CA ARG A 523 -27.87 -11.83 4.83
C ARG A 523 -26.50 -11.19 4.64
N TYR A 524 -25.81 -11.46 3.54
CA TYR A 524 -24.45 -11.00 3.34
C TYR A 524 -24.31 -10.51 1.92
N LEU A 525 -23.88 -9.26 1.78
CA LEU A 525 -23.56 -8.68 0.49
C LEU A 525 -22.12 -8.21 0.49
N ASP A 526 -21.29 -8.80 -0.38
CA ASP A 526 -19.94 -8.31 -0.60
C ASP A 526 -19.97 -7.44 -1.84
N PHE A 527 -19.92 -6.14 -1.62
CA PHE A 527 -19.88 -5.13 -2.67
C PHE A 527 -18.49 -4.49 -2.79
N SER A 528 -17.46 -5.12 -2.23
CA SER A 528 -16.14 -4.49 -2.22
C SER A 528 -15.58 -4.39 -3.63
N ASN A 529 -14.65 -3.45 -3.80
CA ASN A 529 -13.94 -3.26 -5.07
C ASN A 529 -14.89 -3.02 -6.26
N ASN A 530 -15.79 -2.06 -6.08
CA ASN A 530 -16.64 -1.55 -7.15
C ASN A 530 -16.46 -0.04 -7.16
N ARG A 531 -17.45 0.68 -7.67
CA ARG A 531 -17.44 2.15 -7.61
C ARG A 531 -18.78 2.65 -7.10
N LEU A 532 -19.13 2.22 -5.88
CA LEU A 532 -20.33 2.67 -5.22
C LEU A 532 -20.42 4.19 -5.24
N ASP A 533 -21.55 4.71 -5.65
CA ASP A 533 -21.80 6.16 -5.56
C ASP A 533 -22.93 6.32 -4.55
N LEU A 534 -22.57 6.78 -3.35
CA LEU A 534 -23.52 6.93 -2.27
C LEU A 534 -24.24 8.27 -2.31
N LEU A 535 -24.83 8.61 -3.45
CA LEU A 535 -25.62 9.84 -3.53
C LEU A 535 -26.89 9.74 -2.69
N HIS A 536 -27.50 8.57 -2.60
CA HIS A 536 -28.79 8.43 -1.92
C HIS A 536 -28.63 7.64 -0.63
N SER A 537 -29.23 8.15 0.45
CA SER A 537 -29.22 7.44 1.72
C SER A 537 -30.16 6.24 1.75
N THR A 538 -30.89 5.97 0.66
CA THR A 538 -31.73 4.78 0.55
C THR A 538 -30.98 3.62 -0.09
N ALA A 539 -29.71 3.78 -0.45
CA ALA A 539 -28.91 2.68 -0.98
C ALA A 539 -29.00 1.47 -0.06
N PHE A 540 -29.20 0.29 -0.64
CA PHE A 540 -29.24 -1.00 0.05
C PHE A 540 -30.49 -1.21 0.94
N GLU A 541 -31.40 -0.24 1.04
CA GLU A 541 -32.48 -0.39 2.01
C GLU A 541 -33.45 -1.52 1.64
N GLU A 542 -33.50 -1.95 0.38
CA GLU A 542 -34.36 -3.08 0.03
C GLU A 542 -33.82 -4.42 0.55
N LEU A 543 -32.58 -4.46 1.03
CA LEU A 543 -32.03 -5.72 1.55
C LEU A 543 -32.37 -5.80 3.04
N ARG A 544 -33.63 -6.14 3.31
CA ARG A 544 -34.17 -5.91 4.63
C ARG A 544 -33.65 -6.88 5.68
N LYS A 545 -33.15 -8.06 5.27
CA LYS A 545 -32.56 -8.98 6.22
C LYS A 545 -31.03 -8.93 6.23
N LEU A 546 -30.43 -7.89 5.65
CA LEU A 546 -28.97 -7.79 5.53
C LEU A 546 -28.34 -7.65 6.91
N GLU A 547 -27.40 -8.55 7.22
CA GLU A 547 -26.62 -8.52 8.45
C GLU A 547 -25.19 -8.05 8.26
N VAL A 548 -24.56 -8.33 7.13
CA VAL A 548 -23.20 -7.90 6.85
C VAL A 548 -23.15 -7.24 5.49
N LEU A 549 -22.56 -6.05 5.43
CA LEU A 549 -22.35 -5.33 4.18
C LEU A 549 -20.88 -4.91 4.08
N ASP A 550 -20.26 -5.28 2.98
CA ASP A 550 -18.88 -4.92 2.69
C ASP A 550 -18.85 -3.97 1.50
N ILE A 551 -18.61 -2.68 1.77
CA ILE A 551 -18.41 -1.70 0.69
C ILE A 551 -16.99 -1.16 0.74
N SER A 552 -16.04 -1.99 1.16
CA SER A 552 -14.62 -1.59 1.18
C SER A 552 -14.10 -1.43 -0.25
N SER A 553 -13.05 -0.62 -0.38
CA SER A 553 -12.34 -0.42 -1.65
C SER A 553 -13.29 0.05 -2.76
N ASN A 554 -14.19 0.97 -2.40
CA ASN A 554 -15.00 1.74 -3.32
C ASN A 554 -14.59 3.21 -3.27
N SER A 555 -13.29 3.48 -3.32
CA SER A 555 -12.79 4.82 -3.08
C SER A 555 -13.01 5.78 -4.25
N HIS A 556 -13.42 5.27 -5.41
CA HIS A 556 -13.42 6.07 -6.64
C HIS A 556 -14.16 7.39 -6.46
N TYR A 557 -15.44 7.34 -6.07
CA TYR A 557 -16.16 8.61 -6.00
C TYR A 557 -15.82 9.42 -4.74
N PHE A 558 -15.21 8.81 -3.73
CA PHE A 558 -14.76 9.55 -2.56
C PHE A 558 -13.50 10.37 -2.81
N GLN A 559 -12.85 10.19 -3.96
CA GLN A 559 -11.57 10.79 -4.27
C GLN A 559 -11.68 12.11 -5.06
N SER A 560 -12.87 12.57 -5.40
CA SER A 560 -13.02 13.77 -6.20
C SER A 560 -13.91 14.76 -5.47
N GLU A 561 -13.47 16.01 -5.38
CA GLU A 561 -14.21 17.04 -4.66
C GLU A 561 -15.53 17.35 -5.35
N GLY A 562 -16.50 17.84 -4.57
CA GLY A 562 -17.78 18.20 -5.11
C GLY A 562 -18.82 17.10 -5.11
N ILE A 563 -18.40 15.86 -4.95
CA ILE A 563 -19.34 14.74 -5.03
C ILE A 563 -20.00 14.54 -3.68
N THR A 564 -21.33 14.38 -3.68
CA THR A 564 -22.11 14.19 -2.46
C THR A 564 -22.04 12.74 -2.03
N HIS A 565 -21.80 12.49 -0.72
CA HIS A 565 -21.74 11.15 -0.14
C HIS A 565 -22.64 11.11 1.08
N MET A 566 -23.60 10.19 1.10
CA MET A 566 -24.52 10.05 2.23
C MET A 566 -24.06 8.88 3.08
N LEU A 567 -23.27 9.17 4.11
CA LEU A 567 -22.84 8.10 5.00
C LEU A 567 -23.93 7.67 5.96
N ASN A 568 -25.05 8.39 6.02
CA ASN A 568 -26.11 7.99 6.93
C ASN A 568 -27.08 6.97 6.33
N PHE A 569 -26.67 6.27 5.26
CA PHE A 569 -27.50 5.24 4.63
C PHE A 569 -27.77 4.05 5.54
N THR A 570 -27.08 3.97 6.68
CA THR A 570 -27.25 2.81 7.56
C THR A 570 -28.57 2.82 8.34
N LYS A 571 -29.22 3.98 8.48
CA LYS A 571 -30.39 4.06 9.36
C LYS A 571 -31.45 3.05 8.98
N ASN A 572 -31.58 2.75 7.68
CA ASN A 572 -32.65 1.91 7.16
C ASN A 572 -32.42 0.41 7.27
N LEU A 573 -31.22 -0.05 7.63
CA LEU A 573 -30.93 -1.49 7.70
C LEU A 573 -31.10 -1.97 9.13
N LYS A 574 -32.25 -2.59 9.41
CA LYS A 574 -32.67 -2.80 10.79
C LYS A 574 -32.08 -4.05 11.43
N VAL A 575 -31.48 -4.96 10.68
CA VAL A 575 -30.77 -6.05 11.33
C VAL A 575 -29.28 -6.08 10.94
N LEU A 576 -28.78 -4.98 10.39
CA LEU A 576 -27.37 -4.89 9.98
C LEU A 576 -26.46 -4.99 11.21
N GLN A 577 -25.54 -5.96 11.21
CA GLN A 577 -24.65 -6.16 12.35
C GLN A 577 -23.24 -5.65 12.11
N LYS A 578 -22.74 -5.81 10.89
CA LYS A 578 -21.36 -5.51 10.56
C LYS A 578 -21.29 -4.73 9.26
N LEU A 579 -20.56 -3.62 9.29
CA LEU A 579 -20.34 -2.76 8.15
C LEU A 579 -18.84 -2.62 7.94
N MET A 580 -18.36 -2.94 6.73
CA MET A 580 -16.96 -2.73 6.36
C MET A 580 -16.90 -1.64 5.32
N MET A 581 -16.19 -0.55 5.62
CA MET A 581 -15.96 0.45 4.59
C MET A 581 -14.50 0.89 4.61
N ASN A 582 -13.61 -0.11 4.53
CA ASN A 582 -12.19 0.10 4.56
C ASN A 582 -11.70 0.63 3.21
N ASP A 583 -10.60 1.38 3.26
CA ASP A 583 -9.84 1.73 2.05
C ASP A 583 -10.71 2.48 1.04
N ASN A 584 -11.55 3.35 1.57
CA ASN A 584 -12.42 4.17 0.76
C ASN A 584 -11.90 5.59 0.63
N ASP A 585 -10.81 5.95 1.32
CA ASP A 585 -10.24 7.28 1.21
C ASP A 585 -11.26 8.36 1.60
N ILE A 586 -12.19 8.03 2.50
CA ILE A 586 -13.27 8.97 2.84
C ILE A 586 -12.69 10.17 3.59
N SER A 587 -12.88 11.36 3.03
CA SER A 587 -12.37 12.58 3.65
C SER A 587 -13.42 13.66 3.75
N SER A 588 -14.64 13.39 3.31
CA SER A 588 -15.73 14.36 3.34
C SER A 588 -17.01 13.57 3.46
N SER A 589 -18.03 14.20 4.02
CA SER A 589 -19.32 13.54 4.14
C SER A 589 -20.38 14.63 4.12
N THR A 590 -21.47 14.40 3.39
CA THR A 590 -22.57 15.35 3.46
C THR A 590 -23.30 15.23 4.78
N SER A 591 -23.53 14.01 5.26
CA SER A 591 -24.11 13.84 6.57
C SER A 591 -23.04 13.85 7.68
N ARG A 592 -23.46 14.36 8.84
CA ARG A 592 -22.59 14.54 9.97
C ARG A 592 -22.64 13.39 10.96
N THR A 593 -23.60 12.47 10.81
CA THR A 593 -23.75 11.37 11.76
C THR A 593 -24.14 10.11 11.00
N MET A 594 -23.54 8.99 11.36
CA MET A 594 -24.07 7.70 10.92
C MET A 594 -25.01 7.18 12.01
N GLU A 595 -26.08 6.52 11.61
CA GLU A 595 -27.11 6.09 12.56
C GLU A 595 -27.45 4.62 12.38
N SER A 596 -27.62 3.91 13.49
CA SER A 596 -28.09 2.53 13.44
C SER A 596 -28.45 2.06 14.84
N GLU A 597 -29.56 1.34 14.95
CA GLU A 597 -29.93 0.70 16.20
C GLU A 597 -29.40 -0.72 16.30
N SER A 598 -28.79 -1.24 15.24
CA SER A 598 -28.37 -2.63 15.25
C SER A 598 -26.86 -2.81 15.09
N LEU A 599 -26.15 -1.83 14.51
CA LEU A 599 -24.77 -2.05 14.10
C LEU A 599 -23.89 -2.33 15.31
N ARG A 600 -23.12 -3.41 15.22
CA ARG A 600 -22.21 -3.77 16.29
C ARG A 600 -20.74 -3.64 15.89
N THR A 601 -20.40 -3.78 14.61
CA THR A 601 -19.03 -3.75 14.14
C THR A 601 -18.91 -2.79 12.96
N LEU A 602 -18.01 -1.81 13.06
CA LEU A 602 -17.71 -0.93 11.93
C LEU A 602 -16.23 -0.95 11.64
N GLU A 603 -15.85 -1.38 10.45
CA GLU A 603 -14.49 -1.26 9.98
C GLU A 603 -14.40 -0.02 9.08
N PHE A 604 -13.56 0.94 9.49
CA PHE A 604 -13.44 2.25 8.85
C PHE A 604 -11.96 2.56 8.59
N ARG A 605 -11.18 1.53 8.33
CA ARG A 605 -9.75 1.59 8.18
C ARG A 605 -9.42 2.17 6.79
N GLY A 606 -8.33 2.92 6.70
CA GLY A 606 -7.89 3.36 5.38
C GLY A 606 -8.72 4.49 4.80
N ASN A 607 -9.18 5.40 5.64
CA ASN A 607 -9.92 6.58 5.22
C ASN A 607 -9.15 7.80 5.71
N HIS A 608 -9.78 8.97 5.69
CA HIS A 608 -9.11 10.20 6.07
C HIS A 608 -9.90 10.93 7.15
N LEU A 609 -10.11 10.23 8.27
CA LEU A 609 -10.66 10.93 9.43
C LEU A 609 -9.77 12.09 9.86
N ASP A 610 -8.47 12.09 9.54
CA ASP A 610 -7.65 13.25 9.89
C ASP A 610 -8.15 14.51 9.20
N VAL A 611 -8.64 14.38 7.97
CA VAL A 611 -9.23 15.50 7.24
C VAL A 611 -10.63 15.82 7.76
N LEU A 612 -11.46 14.77 7.91
CA LEU A 612 -12.81 14.97 8.44
C LEU A 612 -12.79 15.66 9.80
N TRP A 613 -11.81 15.33 10.65
CA TRP A 613 -11.66 15.88 11.99
C TRP A 613 -10.60 16.98 12.06
N ARG A 614 -10.35 17.66 10.94
CA ARG A 614 -9.42 18.78 10.90
C ARG A 614 -9.64 19.70 12.10
N ASP A 615 -8.55 20.04 12.77
CA ASP A 615 -8.60 20.81 14.02
C ASP A 615 -9.24 22.17 13.79
N GLY A 616 -10.28 22.49 14.59
CA GLY A 616 -11.10 23.66 14.39
C GLY A 616 -12.42 23.38 13.68
N ASP A 617 -12.55 22.21 13.05
CA ASP A 617 -13.79 21.79 12.42
C ASP A 617 -14.41 20.73 13.33
N ASN A 618 -15.48 21.10 14.03
CA ASN A 618 -16.11 20.20 14.98
C ASN A 618 -17.28 19.43 14.38
N ARG A 619 -17.57 19.58 13.08
CA ARG A 619 -18.84 19.08 12.57
C ARG A 619 -18.93 17.56 12.53
N TYR A 620 -17.80 16.85 12.47
CA TYR A 620 -17.89 15.41 12.30
C TYR A 620 -17.45 14.65 13.54
N LEU A 621 -17.24 15.36 14.65
CA LEU A 621 -16.74 14.72 15.86
C LEU A 621 -17.74 13.75 16.47
N GLN A 622 -18.96 13.68 15.97
CA GLN A 622 -19.93 12.72 16.46
C GLN A 622 -20.39 11.77 15.35
N LEU A 623 -19.54 11.59 14.34
CA LEU A 623 -19.91 10.76 13.21
C LEU A 623 -20.41 9.39 13.66
N PHE A 624 -19.78 8.79 14.68
CA PHE A 624 -20.18 7.44 15.11
C PHE A 624 -21.04 7.42 16.36
N LYS A 625 -21.38 8.59 16.93
CA LYS A 625 -21.97 8.64 18.27
C LYS A 625 -23.31 7.93 18.34
N ASN A 626 -24.08 7.95 17.25
CA ASN A 626 -25.42 7.39 17.22
C ASN A 626 -25.44 5.97 16.67
N LEU A 627 -24.28 5.31 16.60
CA LEU A 627 -24.25 3.86 16.41
C LEU A 627 -24.36 3.24 17.79
N LEU A 628 -25.59 3.19 18.31
CA LEU A 628 -25.80 3.04 19.74
C LEU A 628 -25.44 1.65 20.25
N LYS A 629 -25.48 0.63 19.40
CA LYS A 629 -25.04 -0.70 19.80
C LYS A 629 -23.63 -1.04 19.31
N LEU A 630 -22.88 -0.05 18.81
CA LEU A 630 -21.55 -0.34 18.28
C LEU A 630 -20.63 -0.83 19.38
N GLU A 631 -20.00 -1.97 19.14
CA GLU A 631 -19.05 -2.52 20.09
C GLU A 631 -17.62 -2.57 19.58
N GLU A 632 -17.42 -2.57 18.27
CA GLU A 632 -16.08 -2.68 17.69
C GLU A 632 -15.91 -1.63 16.61
N LEU A 633 -14.86 -0.83 16.72
CA LEU A 633 -14.57 0.23 15.77
C LEU A 633 -13.11 0.16 15.36
N ASP A 634 -12.86 -0.03 14.07
CA ASP A 634 -11.51 0.00 13.54
C ASP A 634 -11.30 1.31 12.78
N ILE A 635 -10.60 2.26 13.40
CA ILE A 635 -10.19 3.46 12.67
C ILE A 635 -8.67 3.52 12.59
N SER A 636 -8.05 2.37 12.33
CA SER A 636 -6.63 2.38 12.00
C SER A 636 -6.41 2.98 10.60
N LYS A 637 -5.16 3.39 10.33
CA LYS A 637 -4.79 3.87 9.00
C LYS A 637 -5.69 5.02 8.53
N ASN A 638 -5.88 6.01 9.41
CA ASN A 638 -6.66 7.19 9.06
C ASN A 638 -5.81 8.47 9.16
N SER A 639 -4.49 8.32 9.13
CA SER A 639 -3.53 9.43 9.21
C SER A 639 -3.75 10.30 10.44
N LEU A 640 -4.26 9.72 11.53
CA LEU A 640 -4.53 10.50 12.73
C LEU A 640 -3.24 10.68 13.51
N SER A 641 -2.50 11.75 13.20
CA SER A 641 -1.25 11.99 13.94
C SER A 641 -1.54 12.57 15.32
N PHE A 642 -2.73 13.13 15.50
CA PHE A 642 -3.24 13.46 16.81
C PHE A 642 -4.74 13.23 16.79
N LEU A 643 -5.33 13.15 17.99
CA LEU A 643 -6.76 13.03 18.13
C LEU A 643 -7.34 14.35 18.62
N PRO A 644 -8.18 15.02 17.82
CA PRO A 644 -8.83 16.25 18.28
C PRO A 644 -9.64 15.97 19.53
N SER A 645 -9.65 16.94 20.43
CA SER A 645 -10.53 16.83 21.58
C SER A 645 -11.98 16.76 21.11
N GLY A 646 -12.74 15.87 21.72
CA GLY A 646 -14.12 15.61 21.32
C GLY A 646 -14.29 14.27 20.63
N VAL A 647 -13.21 13.67 20.15
CA VAL A 647 -13.28 12.36 19.53
C VAL A 647 -13.81 11.32 20.51
N PHE A 648 -13.25 11.29 21.71
CA PHE A 648 -13.63 10.23 22.65
C PHE A 648 -15.01 10.46 23.26
N ASP A 649 -15.33 11.71 23.58
CA ASP A 649 -16.70 12.02 23.98
C ASP A 649 -17.69 11.76 22.84
N GLY A 650 -17.26 11.91 21.60
CA GLY A 650 -18.20 11.56 20.53
C GLY A 650 -18.34 10.07 20.24
N MET A 651 -17.61 9.20 20.92
CA MET A 651 -17.74 7.78 20.64
C MET A 651 -19.07 7.24 21.20
N PRO A 652 -19.65 6.22 20.56
CA PRO A 652 -20.90 5.64 21.07
C PRO A 652 -20.66 4.89 22.38
N PRO A 653 -21.70 4.72 23.20
CA PRO A 653 -21.46 4.38 24.62
C PRO A 653 -21.04 2.94 24.89
N ASN A 654 -21.32 1.98 24.01
CA ASN A 654 -20.99 0.59 24.30
C ASN A 654 -19.71 0.12 23.60
N LEU A 655 -18.89 1.03 23.08
CA LEU A 655 -17.68 0.64 22.37
C LEU A 655 -16.76 -0.16 23.29
N LYS A 656 -16.37 -1.36 22.83
CA LYS A 656 -15.51 -2.28 23.59
C LYS A 656 -14.14 -2.48 22.99
N ASN A 657 -14.03 -2.51 21.66
N ASN A 657 -14.05 -2.58 21.67
CA ASN A 657 -12.80 -2.84 20.94
CA ASN A 657 -12.81 -2.82 20.93
C ASN A 657 -12.52 -1.71 19.96
C ASN A 657 -12.57 -1.63 20.00
N LEU A 658 -11.46 -0.93 20.21
CA LEU A 658 -11.10 0.23 19.40
C LEU A 658 -9.70 0.07 18.86
N SER A 659 -9.54 0.14 17.54
CA SER A 659 -8.20 0.18 16.96
C SER A 659 -7.88 1.56 16.42
N LEU A 660 -6.76 2.10 16.88
CA LEU A 660 -6.14 3.31 16.39
C LEU A 660 -4.74 3.01 15.83
N ALA A 661 -4.55 1.79 15.37
CA ALA A 661 -3.24 1.37 14.93
C ALA A 661 -2.83 2.10 13.66
N LYS A 662 -1.53 2.18 13.43
CA LYS A 662 -1.01 2.61 12.12
C LYS A 662 -1.53 3.99 11.72
N ASN A 663 -1.51 4.92 12.67
CA ASN A 663 -2.01 6.25 12.42
C ASN A 663 -0.92 7.31 12.44
N GLY A 664 0.34 6.93 12.70
CA GLY A 664 1.37 7.92 12.96
C GLY A 664 1.06 8.76 14.19
N LEU A 665 0.30 8.22 15.16
CA LEU A 665 -0.04 8.97 16.36
C LEU A 665 1.22 9.37 17.13
N LYS A 666 1.39 10.69 17.35
CA LYS A 666 2.55 11.21 18.02
C LYS A 666 2.29 11.59 19.46
N SER A 667 1.03 11.66 19.86
CA SER A 667 0.68 11.99 21.23
C SER A 667 -0.71 11.44 21.49
N PHE A 668 -1.04 11.31 22.77
CA PHE A 668 -2.28 10.66 23.16
C PHE A 668 -2.58 11.09 24.57
N ILE A 669 -3.76 11.66 24.81
CA ILE A 669 -4.17 12.08 26.14
C ILE A 669 -4.86 10.89 26.77
N TRP A 670 -4.10 10.11 27.55
CA TRP A 670 -4.63 8.85 28.11
C TRP A 670 -5.87 9.08 28.96
N GLU A 671 -5.96 10.26 29.61
CA GLU A 671 -7.09 10.57 30.49
C GLU A 671 -8.41 10.57 29.74
N LYS A 672 -8.41 10.90 28.45
CA LYS A 672 -9.64 10.87 27.70
C LYS A 672 -10.24 9.47 27.61
N LEU A 673 -9.47 8.43 27.92
CA LEU A 673 -10.04 7.09 27.90
C LEU A 673 -11.17 6.95 28.91
N ARG A 674 -11.26 7.87 29.89
CA ARG A 674 -12.31 7.81 30.89
C ARG A 674 -13.71 7.93 30.28
N TYR A 675 -13.82 8.56 29.10
CA TYR A 675 -15.11 8.65 28.42
C TYR A 675 -15.61 7.29 27.94
N LEU A 676 -14.70 6.35 27.68
CA LEU A 676 -15.05 5.06 27.05
C LEU A 676 -15.32 4.03 28.15
N LYS A 677 -16.50 4.14 28.74
CA LYS A 677 -16.72 3.40 29.97
C LYS A 677 -16.89 1.90 29.77
N ASN A 678 -17.02 1.42 28.54
CA ASN A 678 -17.09 -0.01 28.30
C ASN A 678 -15.87 -0.54 27.55
N LEU A 679 -14.84 0.27 27.37
CA LEU A 679 -13.69 -0.13 26.58
C LEU A 679 -12.95 -1.30 27.23
N GLU A 680 -12.66 -2.34 26.45
CA GLU A 680 -11.92 -3.50 26.90
C GLU A 680 -10.65 -3.77 26.12
N THR A 681 -10.60 -3.45 24.81
CA THR A 681 -9.40 -3.60 23.98
C THR A 681 -9.05 -2.28 23.31
N LEU A 682 -7.80 -1.85 23.47
CA LEU A 682 -7.29 -0.65 22.83
C LEU A 682 -6.03 -1.03 22.05
N ASP A 683 -6.10 -0.93 20.73
CA ASP A 683 -4.99 -1.27 19.87
C ASP A 683 -4.36 0.04 19.40
N LEU A 684 -3.18 0.34 19.94
CA LEU A 684 -2.42 1.52 19.56
C LEU A 684 -1.13 1.14 18.86
N SER A 685 -1.09 -0.03 18.23
CA SER A 685 0.14 -0.52 17.66
C SER A 685 0.55 0.32 16.45
N HIS A 686 1.86 0.30 16.18
CA HIS A 686 2.46 0.95 15.01
C HIS A 686 2.11 2.42 14.96
N ASN A 687 2.50 3.13 16.01
CA ASN A 687 2.34 4.58 16.04
C ASN A 687 3.69 5.16 16.46
N GLN A 688 3.68 6.38 16.94
CA GLN A 688 4.91 7.04 17.36
C GLN A 688 4.78 7.55 18.80
N LEU A 689 4.07 6.79 19.63
CA LEU A 689 3.88 7.21 21.02
C LEU A 689 5.20 7.05 21.76
N THR A 690 5.44 7.94 22.71
CA THR A 690 6.66 7.87 23.47
C THR A 690 6.45 7.69 24.98
N THR A 691 5.23 7.81 25.49
CA THR A 691 5.01 7.70 26.93
C THR A 691 3.78 6.84 27.19
N VAL A 692 3.72 6.26 28.39
CA VAL A 692 2.53 5.57 28.86
C VAL A 692 1.92 6.44 29.96
N PRO A 693 0.67 6.25 30.37
CA PRO A 693 0.12 7.09 31.46
C PRO A 693 0.79 6.83 32.79
N GLU A 694 0.73 7.85 33.64
CA GLU A 694 1.31 7.74 34.97
C GLU A 694 0.65 6.62 35.74
N ARG A 695 -0.67 6.45 35.58
CA ARG A 695 -1.44 5.39 36.26
C ARG A 695 -2.55 4.97 35.31
N LEU A 696 -2.34 3.86 34.61
CA LEU A 696 -3.32 3.35 33.67
C LEU A 696 -4.69 3.16 34.31
N SER A 697 -4.71 2.72 35.58
CA SER A 697 -5.95 2.45 36.30
C SER A 697 -6.80 3.71 36.43
N ASN A 698 -6.15 4.87 36.51
CA ASN A 698 -6.83 6.15 36.63
C ASN A 698 -7.34 6.66 35.28
N CYS A 699 -7.07 5.95 34.20
CA CYS A 699 -7.53 6.35 32.86
C CYS A 699 -8.70 5.52 32.38
N SER A 700 -8.75 4.25 32.73
CA SER A 700 -9.77 3.34 32.25
C SER A 700 -9.95 2.24 33.29
N ARG A 701 -11.15 2.16 33.87
CA ARG A 701 -11.44 1.10 34.82
C ARG A 701 -11.77 -0.21 34.13
N SER A 702 -12.12 -0.17 32.84
CA SER A 702 -12.61 -1.33 32.13
C SER A 702 -11.56 -2.02 31.28
N LEU A 703 -10.44 -1.33 31.00
CA LEU A 703 -9.49 -1.82 29.99
C LEU A 703 -8.87 -3.15 30.39
N LYS A 704 -8.99 -4.15 29.51
CA LYS A 704 -8.41 -5.46 29.71
C LYS A 704 -7.17 -5.71 28.85
N ASN A 705 -7.19 -5.30 27.58
CA ASN A 705 -6.15 -5.60 26.61
C ASN A 705 -5.57 -4.31 26.06
N LEU A 706 -4.29 -4.08 26.27
CA LEU A 706 -3.63 -2.86 25.83
C LEU A 706 -2.48 -3.24 24.91
N ILE A 707 -2.58 -2.87 23.63
CA ILE A 707 -1.57 -3.20 22.65
C ILE A 707 -0.81 -1.92 22.30
N LEU A 708 0.45 -1.86 22.71
CA LEU A 708 1.35 -0.74 22.44
C LEU A 708 2.53 -1.12 21.57
N LYS A 709 2.46 -2.24 20.87
CA LYS A 709 3.64 -2.69 20.13
C LYS A 709 3.99 -1.71 19.02
N ASN A 710 5.29 -1.67 18.69
CA ASN A 710 5.81 -0.84 17.59
C ASN A 710 5.50 0.64 17.81
N ASN A 711 5.92 1.16 18.97
CA ASN A 711 5.89 2.60 19.21
C ASN A 711 7.31 3.03 19.58
N GLN A 712 7.46 4.18 20.22
CA GLN A 712 8.77 4.77 20.53
C GLN A 712 8.94 4.96 22.03
N ILE A 713 8.33 4.08 22.82
CA ILE A 713 8.34 4.24 24.26
C ILE A 713 9.73 3.86 24.77
N ARG A 714 10.33 4.74 25.57
CA ARG A 714 11.67 4.49 26.07
C ARG A 714 11.72 4.18 27.55
N SER A 715 10.67 4.50 28.29
CA SER A 715 10.59 4.19 29.71
C SER A 715 9.12 4.07 30.11
N LEU A 716 8.88 3.37 31.21
CA LEU A 716 7.55 3.30 31.76
C LEU A 716 7.47 4.23 32.97
N THR A 717 6.29 4.77 33.20
CA THR A 717 6.07 5.62 34.36
C THR A 717 6.22 4.82 35.64
N LYS A 718 6.55 5.53 36.71
CA LYS A 718 6.91 4.89 37.98
C LYS A 718 5.83 3.91 38.47
N TYR A 719 4.55 4.29 38.36
CA TYR A 719 3.44 3.50 38.90
C TYR A 719 2.46 3.09 37.81
N PHE A 720 2.96 2.95 36.57
CA PHE A 720 2.20 2.60 35.38
C PHE A 720 1.01 1.67 35.67
N LEU A 721 1.28 0.43 36.11
CA LEU A 721 0.22 -0.57 36.25
C LEU A 721 -0.36 -0.66 37.66
N GLN A 722 -0.05 0.29 38.53
CA GLN A 722 -0.54 0.25 39.90
C GLN A 722 -2.07 0.13 39.96
N ASP A 723 -2.55 -0.96 40.55
CA ASP A 723 -3.97 -1.19 40.80
C ASP A 723 -4.78 -1.28 39.52
N ALA A 724 -4.18 -1.77 38.43
CA ALA A 724 -4.88 -1.91 37.16
C ALA A 724 -5.48 -3.32 37.11
N PHE A 725 -6.49 -3.52 37.98
CA PHE A 725 -6.94 -4.87 38.30
C PHE A 725 -7.70 -5.52 37.16
N GLN A 726 -8.24 -4.77 36.22
CA GLN A 726 -8.88 -5.41 35.08
C GLN A 726 -7.92 -5.72 33.93
N LEU A 727 -6.66 -5.31 34.00
CA LEU A 727 -5.76 -5.57 32.89
C LEU A 727 -5.47 -7.07 32.81
N ARG A 728 -5.50 -7.60 31.58
CA ARG A 728 -5.25 -9.01 31.32
C ARG A 728 -4.21 -9.26 30.25
N TYR A 729 -3.93 -8.28 29.40
CA TYR A 729 -3.03 -8.51 28.27
C TYR A 729 -2.32 -7.21 27.94
N LEU A 730 -0.99 -7.27 27.83
CA LEU A 730 -0.21 -6.05 27.64
C LEU A 730 0.91 -6.32 26.66
N ASP A 731 0.92 -5.62 25.54
CA ASP A 731 1.95 -5.78 24.54
C ASP A 731 2.82 -4.52 24.49
N LEU A 732 4.04 -4.62 25.01
CA LEU A 732 5.02 -3.53 24.91
C LEU A 732 6.15 -3.85 23.95
N SER A 733 6.01 -4.89 23.13
CA SER A 733 7.11 -5.29 22.28
C SER A 733 7.41 -4.23 21.22
N SER A 734 8.64 -4.28 20.72
CA SER A 734 9.11 -3.40 19.65
C SER A 734 8.96 -1.94 20.04
N ASN A 735 9.45 -1.61 21.23
CA ASN A 735 9.57 -0.21 21.61
C ASN A 735 11.04 0.05 21.89
N LYS A 736 11.37 1.09 22.65
CA LYS A 736 12.77 1.42 22.92
C LYS A 736 13.05 1.39 24.41
N ILE A 737 12.39 0.50 25.15
CA ILE A 737 12.47 0.50 26.60
C ILE A 737 13.85 0.02 27.03
N GLN A 738 14.46 0.76 27.95
CA GLN A 738 15.77 0.46 28.48
C GLN A 738 15.73 -0.23 29.83
N MET A 739 14.88 0.24 30.73
CA MET A 739 14.80 -0.23 32.11
C MET A 739 13.35 -0.39 32.49
N ILE A 740 13.08 -1.36 33.38
CA ILE A 740 11.77 -1.47 34.02
C ILE A 740 11.99 -1.70 35.50
N GLN A 741 11.33 -0.90 36.33
CA GLN A 741 11.46 -1.08 37.78
C GLN A 741 10.17 -1.64 38.36
N LYS A 742 10.31 -2.20 39.56
CA LYS A 742 9.24 -2.96 40.21
C LYS A 742 8.00 -2.13 40.44
N THR A 743 8.16 -0.86 40.75
CA THR A 743 7.01 -0.03 41.01
C THR A 743 6.05 0.01 39.82
N SER A 744 6.58 -0.17 38.59
CA SER A 744 5.72 -0.09 37.42
C SER A 744 4.89 -1.36 37.23
N PHE A 745 5.40 -2.51 37.68
CA PHE A 745 4.83 -3.82 37.42
C PHE A 745 4.45 -4.48 38.75
N PRO A 746 3.39 -4.03 39.40
CA PRO A 746 3.07 -4.63 40.71
C PRO A 746 2.63 -6.07 40.56
N GLU A 747 3.00 -6.88 41.54
CA GLU A 747 2.76 -8.32 41.47
C GLU A 747 1.27 -8.66 41.44
N ASN A 748 0.43 -7.92 42.18
CA ASN A 748 -0.99 -8.26 42.12
C ASN A 748 -1.60 -8.02 40.72
N VAL A 749 -0.96 -7.23 39.87
CA VAL A 749 -1.42 -7.09 38.49
C VAL A 749 -0.75 -8.10 37.58
N LEU A 750 0.54 -8.35 37.77
CA LEU A 750 1.21 -9.32 36.92
C LEU A 750 0.60 -10.70 37.07
N ASN A 751 -0.01 -11.01 38.22
CA ASN A 751 -0.55 -12.34 38.41
C ASN A 751 -1.85 -12.57 37.67
N ASN A 752 -2.59 -11.52 37.29
CA ASN A 752 -3.74 -11.67 36.41
C ASN A 752 -3.42 -11.60 34.92
N LEU A 753 -2.18 -11.32 34.54
CA LEU A 753 -1.87 -11.16 33.12
C LEU A 753 -1.84 -12.50 32.41
N LYS A 754 -2.62 -12.62 31.33
CA LYS A 754 -2.54 -13.81 30.49
C LYS A 754 -1.31 -13.80 29.61
N MET A 755 -0.81 -12.61 29.26
CA MET A 755 0.39 -12.49 28.48
C MET A 755 0.92 -11.08 28.66
N LEU A 756 2.25 -10.96 28.71
CA LEU A 756 2.96 -9.69 28.77
C LEU A 756 4.06 -9.79 27.74
N LEU A 757 4.00 -8.97 26.70
CA LEU A 757 4.96 -9.07 25.62
C LEU A 757 5.99 -7.97 25.78
N LEU A 758 7.27 -8.36 25.80
CA LEU A 758 8.35 -7.43 26.04
C LEU A 758 9.49 -7.52 25.05
N HIS A 759 9.38 -8.37 24.04
CA HIS A 759 10.51 -8.62 23.17
C HIS A 759 10.83 -7.42 22.30
N HIS A 760 12.07 -7.41 21.81
CA HIS A 760 12.57 -6.41 20.88
C HIS A 760 12.46 -4.99 21.44
N ASN A 761 13.00 -4.81 22.66
CA ASN A 761 13.16 -3.50 23.24
C ASN A 761 14.65 -3.16 23.26
N ARG A 762 15.08 -2.29 24.19
CA ARG A 762 16.48 -1.85 24.24
C ARG A 762 17.05 -2.01 25.65
N PHE A 763 16.91 -3.21 26.21
CA PHE A 763 17.19 -3.41 27.63
C PHE A 763 18.66 -3.20 27.95
N LEU A 764 18.91 -2.44 29.02
CA LEU A 764 20.25 -2.13 29.50
C LEU A 764 20.53 -3.04 30.67
N CYS A 765 21.51 -3.93 30.51
CA CYS A 765 21.75 -4.97 31.51
C CYS A 765 22.92 -4.58 32.41
N THR A 766 22.70 -3.51 33.16
CA THR A 766 23.62 -3.04 34.16
C THR A 766 23.12 -3.47 35.53
N CYS A 767 23.88 -3.11 36.56
CA CYS A 767 23.45 -3.44 37.90
C CYS A 767 22.17 -2.68 38.28
N ASP A 768 21.79 -1.64 37.55
CA ASP A 768 20.48 -1.04 37.80
C ASP A 768 19.31 -1.94 37.39
N ALA A 769 19.55 -2.93 36.53
CA ALA A 769 18.51 -3.78 35.98
C ALA A 769 18.28 -5.06 36.79
N VAL A 770 18.84 -5.11 38.00
CA VAL A 770 18.89 -6.35 38.77
C VAL A 770 17.47 -6.89 39.04
N TRP A 771 16.51 -6.02 39.36
CA TRP A 771 15.15 -6.52 39.63
C TRP A 771 14.53 -7.11 38.36
N PHE A 772 14.57 -6.35 37.26
CA PHE A 772 13.95 -6.82 36.02
C PHE A 772 14.53 -8.14 35.57
N VAL A 773 15.88 -8.25 35.57
CA VAL A 773 16.53 -9.48 35.14
C VAL A 773 16.13 -10.63 36.06
N TRP A 774 16.14 -10.40 37.36
CA TRP A 774 15.75 -11.48 38.27
C TRP A 774 14.28 -11.84 38.09
N TRP A 775 13.41 -10.83 37.97
CA TRP A 775 11.99 -11.10 37.80
C TRP A 775 11.71 -11.87 36.51
N VAL A 776 12.34 -11.47 35.40
CA VAL A 776 12.12 -12.16 34.13
C VAL A 776 12.59 -13.61 34.21
N GLN A 777 13.69 -13.84 34.91
CA GLN A 777 14.21 -15.20 34.98
C GLN A 777 13.31 -16.09 35.82
N HIS A 778 12.59 -15.52 36.78
CA HIS A 778 11.84 -16.30 37.76
C HIS A 778 10.33 -16.24 37.63
N THR A 779 9.78 -15.41 36.74
CA THR A 779 8.33 -15.23 36.74
C THR A 779 7.62 -16.38 36.04
N GLU A 780 6.35 -16.57 36.42
CA GLU A 780 5.43 -17.45 35.70
C GLU A 780 4.62 -16.74 34.63
N VAL A 781 4.60 -15.41 34.61
CA VAL A 781 3.84 -14.69 33.57
C VAL A 781 4.33 -15.13 32.20
N THR A 782 3.41 -15.37 31.29
CA THR A 782 3.78 -15.77 29.93
C THR A 782 4.40 -14.60 29.18
N ILE A 783 5.63 -14.78 28.72
CA ILE A 783 6.36 -13.75 27.96
C ILE A 783 6.92 -14.46 26.75
N PRO A 784 6.45 -14.15 25.55
CA PRO A 784 6.94 -14.86 24.36
C PRO A 784 8.33 -14.42 23.96
N TYR A 785 9.03 -15.33 23.26
CA TYR A 785 10.33 -15.08 22.64
C TYR A 785 11.46 -14.82 23.63
N LEU A 786 11.32 -15.24 24.89
CA LEU A 786 12.44 -15.11 25.84
C LEU A 786 13.74 -15.68 25.27
N ALA A 787 13.66 -16.78 24.53
CA ALA A 787 14.86 -17.43 24.05
C ALA A 787 15.49 -16.71 22.87
N THR A 788 14.77 -15.80 22.25
CA THR A 788 15.23 -15.31 20.95
C THR A 788 15.23 -13.79 20.85
N ASP A 789 14.35 -13.10 21.57
CA ASP A 789 14.21 -11.68 21.26
C ASP A 789 13.95 -10.86 22.53
N VAL A 790 14.38 -11.34 23.69
CA VAL A 790 14.37 -10.54 24.92
C VAL A 790 15.83 -10.43 25.36
N THR A 791 16.48 -9.37 24.92
CA THR A 791 17.93 -9.32 24.74
C THR A 791 18.50 -8.05 25.37
N CYS A 792 19.71 -8.15 25.93
CA CYS A 792 20.45 -6.95 26.31
C CYS A 792 21.03 -6.26 25.08
N VAL A 793 20.92 -4.93 25.02
CA VAL A 793 21.66 -4.18 23.99
C VAL A 793 23.01 -3.71 24.48
N GLY A 794 23.32 -3.94 25.76
CA GLY A 794 24.49 -3.39 26.40
C GLY A 794 24.33 -3.59 27.90
N PRO A 795 25.38 -3.26 28.68
CA PRO A 795 26.62 -2.64 28.22
C PRO A 795 27.62 -3.60 27.61
N GLY A 796 28.21 -3.19 26.50
CA GLY A 796 29.34 -3.83 25.87
C GLY A 796 29.40 -5.35 25.87
N ALA A 797 29.90 -5.92 26.98
CA ALA A 797 30.10 -7.37 27.03
C ALA A 797 28.80 -8.13 26.85
N HIS A 798 27.70 -7.58 27.38
CA HIS A 798 26.42 -8.26 27.39
C HIS A 798 25.60 -8.04 26.12
N LYS A 799 26.15 -7.31 25.15
CA LYS A 799 25.40 -6.96 23.95
C LYS A 799 24.95 -8.22 23.21
N GLY A 800 23.65 -8.27 22.88
CA GLY A 800 23.06 -9.39 22.20
C GLY A 800 22.77 -10.60 23.06
N GLN A 801 23.14 -10.58 24.34
CA GLN A 801 22.88 -11.70 25.22
C GLN A 801 21.41 -11.73 25.65
N SER A 802 20.85 -12.94 25.75
CA SER A 802 19.49 -13.07 26.26
C SER A 802 19.43 -12.66 27.72
N VAL A 803 18.41 -11.89 28.12
CA VAL A 803 18.37 -11.53 29.54
C VAL A 803 18.12 -12.78 30.39
N ILE A 804 17.47 -13.80 29.83
CA ILE A 804 17.23 -15.04 30.57
C ILE A 804 18.56 -15.71 30.96
N SER A 805 19.63 -15.51 30.17
CA SER A 805 20.93 -16.10 30.46
C SER A 805 21.86 -15.19 31.26
N LEU A 806 21.40 -14.02 31.69
CA LEU A 806 22.28 -13.03 32.29
C LEU A 806 22.64 -13.36 33.73
N ASP A 807 23.93 -13.31 34.05
CA ASP A 807 24.42 -13.55 35.42
C ASP A 807 24.90 -12.24 36.03
N LEU A 808 24.17 -11.72 37.00
CA LEU A 808 24.52 -10.44 37.61
C LEU A 808 25.10 -10.58 39.01
N TYR A 809 25.75 -11.71 39.32
CA TYR A 809 26.24 -11.91 40.68
C TYR A 809 27.26 -10.85 41.07
N THR A 810 28.06 -10.35 40.12
CA THR A 810 29.03 -9.33 40.49
C THR A 810 28.34 -8.08 41.05
N CYS A 811 27.06 -7.86 40.73
CA CYS A 811 26.32 -6.78 41.37
C CYS A 811 26.11 -6.99 42.86
N GLU A 812 26.26 -8.23 43.34
CA GLU A 812 25.91 -8.61 44.71
C GLU A 812 27.10 -8.95 45.61
N LEU A 813 28.34 -8.79 45.14
CA LEU A 813 29.52 -9.15 45.93
C LEU A 813 29.55 -8.60 47.37
N ALA B 5 41.07 20.36 4.72
CA ALA B 5 40.58 21.19 3.62
C ALA B 5 40.03 22.55 4.09
N ARG B 6 39.48 22.65 5.30
CA ARG B 6 39.22 23.94 5.92
C ARG B 6 40.11 24.10 7.14
N TRP B 7 40.56 25.32 7.39
CA TRP B 7 41.30 25.59 8.61
C TRP B 7 40.33 25.84 9.76
N PHE B 8 39.14 26.35 9.47
CA PHE B 8 38.18 26.69 10.51
C PHE B 8 36.85 25.97 10.23
N PRO B 9 36.61 24.82 10.86
CA PRO B 9 35.37 24.08 10.61
C PRO B 9 34.13 24.92 10.91
N LYS B 10 33.09 24.74 10.09
CA LYS B 10 31.86 25.48 10.32
C LYS B 10 31.05 24.76 11.39
N THR B 11 30.72 25.45 12.46
CA THR B 11 29.95 24.88 13.55
C THR B 11 28.53 25.43 13.61
N LEU B 12 28.27 26.54 12.92
CA LEU B 12 26.95 27.13 12.91
C LEU B 12 25.94 26.13 12.33
N PRO B 13 24.79 25.90 13.01
CA PRO B 13 23.83 24.89 12.52
C PRO B 13 22.94 25.37 11.37
N CYS B 14 23.37 26.38 10.63
CA CYS B 14 22.57 26.95 9.57
C CYS B 14 23.32 26.77 8.26
N ASP B 15 22.60 26.73 7.15
CA ASP B 15 23.24 26.72 5.86
C ASP B 15 23.64 28.15 5.50
N VAL B 16 24.87 28.34 5.07
CA VAL B 16 25.38 29.67 4.73
C VAL B 16 25.75 29.65 3.25
N THR B 17 25.12 30.52 2.48
CA THR B 17 25.32 30.64 1.04
C THR B 17 25.76 32.06 0.73
N LEU B 18 26.55 32.20 -0.34
CA LEU B 18 27.11 33.47 -0.76
C LEU B 18 26.65 33.80 -2.18
N ASP B 19 26.07 34.99 -2.34
CA ASP B 19 25.77 35.52 -3.67
C ASP B 19 26.64 36.76 -3.87
N VAL B 20 27.87 36.57 -4.40
CA VAL B 20 28.73 37.71 -4.74
C VAL B 20 28.05 38.78 -5.55
N SER B 21 27.26 38.41 -6.56
CA SER B 21 26.77 39.43 -7.46
C SER B 21 25.97 40.50 -6.68
N LYS B 22 24.96 40.06 -5.93
CA LYS B 22 24.11 40.97 -5.15
C LYS B 22 24.63 41.25 -3.74
N ASN B 23 25.86 40.85 -3.41
CA ASN B 23 26.44 41.09 -2.07
C ASN B 23 25.56 40.54 -0.95
N HIS B 24 25.06 39.33 -1.13
CA HIS B 24 24.15 38.73 -0.16
C HIS B 24 24.85 37.60 0.59
N VAL B 25 24.66 37.58 1.91
CA VAL B 25 25.13 36.51 2.77
C VAL B 25 23.88 35.86 3.36
N ILE B 26 23.57 34.64 2.92
CA ILE B 26 22.29 33.98 3.18
C ILE B 26 22.51 32.97 4.30
N VAL B 27 21.82 33.13 5.42
CA VAL B 27 21.95 32.22 6.55
C VAL B 27 20.58 31.60 6.79
N ASP B 28 20.47 30.29 6.53
CA ASP B 28 19.19 29.57 6.57
C ASP B 28 19.23 28.54 7.69
N CYS B 29 18.55 28.86 8.79
CA CYS B 29 18.37 27.97 9.93
C CYS B 29 16.97 27.35 9.97
N THR B 30 16.36 27.12 8.82
CA THR B 30 15.02 26.52 8.80
C THR B 30 15.06 25.14 9.45
N ASP B 31 14.19 24.94 10.44
CA ASP B 31 13.91 23.61 10.98
C ASP B 31 15.20 22.93 11.45
N LYS B 32 15.89 23.64 12.35
CA LYS B 32 17.13 23.18 12.96
C LYS B 32 16.93 22.89 14.43
N HIS B 33 15.67 22.83 14.89
CA HIS B 33 15.35 22.51 16.28
C HIS B 33 16.03 23.45 17.24
N LEU B 34 16.13 24.72 16.85
CA LEU B 34 16.74 25.74 17.70
C LEU B 34 15.76 26.25 18.76
N THR B 35 16.28 26.46 19.97
CA THR B 35 15.52 27.15 21.01
C THR B 35 16.08 28.52 21.34
N GLU B 36 17.17 28.92 20.68
CA GLU B 36 17.76 30.24 20.81
C GLU B 36 18.34 30.59 19.46
N ILE B 37 18.42 31.89 19.17
CA ILE B 37 19.19 32.28 17.98
C ILE B 37 20.62 31.81 18.17
N PRO B 38 21.22 31.12 17.21
CA PRO B 38 22.57 30.59 17.42
C PRO B 38 23.60 31.70 17.46
N GLY B 39 24.65 31.48 18.27
CA GLY B 39 25.77 32.39 18.28
C GLY B 39 26.61 32.23 17.03
N GLY B 40 27.32 33.31 16.67
CA GLY B 40 28.23 33.23 15.56
C GLY B 40 27.63 33.41 14.19
N ILE B 41 26.42 33.95 14.09
CA ILE B 41 25.91 34.29 12.76
C ILE B 41 26.84 35.32 12.14
N PRO B 42 27.23 35.17 10.87
CA PRO B 42 28.20 36.11 10.28
C PRO B 42 27.71 37.55 10.36
N THR B 43 28.65 38.46 10.68
CA THR B 43 28.32 39.87 10.80
C THR B 43 27.82 40.47 9.49
N ASN B 44 28.29 39.95 8.35
CA ASN B 44 27.85 40.42 7.04
C ASN B 44 26.50 39.81 6.58
N THR B 45 25.78 39.06 7.42
CA THR B 45 24.55 38.40 6.98
C THR B 45 23.53 39.42 6.50
N THR B 46 23.01 39.20 5.29
CA THR B 46 21.92 39.99 4.74
C THR B 46 20.56 39.30 4.80
N ASN B 47 20.51 37.97 4.72
CA ASN B 47 19.24 37.21 4.76
C ASN B 47 19.33 36.17 5.88
N LEU B 48 18.51 36.33 6.91
CA LEU B 48 18.48 35.41 8.04
C LEU B 48 17.11 34.76 8.11
N THR B 49 17.07 33.43 7.99
CA THR B 49 15.82 32.67 8.04
C THR B 49 15.84 31.76 9.26
N LEU B 50 14.89 31.97 10.16
CA LEU B 50 14.75 31.21 11.39
C LEU B 50 13.41 30.46 11.45
N THR B 51 12.79 30.24 10.30
CA THR B 51 11.46 29.63 10.25
C THR B 51 11.45 28.21 10.85
N ILE B 52 10.36 27.88 11.57
CA ILE B 52 10.13 26.55 12.15
C ILE B 52 11.27 26.21 13.11
N ASN B 53 11.35 26.94 14.20
CA ASN B 53 12.15 26.61 15.35
C ASN B 53 11.28 26.94 16.55
N HIS B 54 11.87 26.94 17.73
CA HIS B 54 11.14 27.25 18.96
C HIS B 54 11.89 28.27 19.77
N ILE B 55 12.32 29.33 19.08
CA ILE B 55 12.96 30.46 19.72
C ILE B 55 11.87 31.30 20.37
N PRO B 56 11.89 31.50 21.69
CA PRO B 56 10.77 32.13 22.38
C PRO B 56 10.77 33.65 22.42
N ASP B 57 11.86 34.32 22.11
CA ASP B 57 11.84 35.77 22.26
C ASP B 57 12.86 36.42 21.35
N ILE B 58 12.60 37.67 21.03
CA ILE B 58 13.48 38.53 20.25
C ILE B 58 13.83 39.71 21.13
N SER B 59 15.03 40.23 20.97
CA SER B 59 15.50 41.31 21.83
C SER B 59 16.62 42.04 21.09
N PRO B 60 17.05 43.21 21.62
CA PRO B 60 18.20 43.89 21.01
C PRO B 60 19.41 43.00 20.84
N ALA B 61 19.61 42.03 21.73
CA ALA B 61 20.73 41.10 21.54
C ALA B 61 20.55 40.20 20.32
N SER B 62 19.31 40.00 19.82
CA SER B 62 19.06 39.01 18.78
C SER B 62 19.87 39.29 17.52
N PHE B 63 19.78 40.50 16.98
CA PHE B 63 20.46 40.83 15.74
C PHE B 63 21.51 41.92 15.93
N HIS B 64 22.02 42.02 17.17
CA HIS B 64 22.99 43.02 17.60
C HIS B 64 24.05 43.38 16.54
N ARG B 65 24.79 42.40 16.05
CA ARG B 65 25.85 42.66 15.11
C ARG B 65 25.40 42.63 13.66
N LEU B 66 24.15 42.24 13.39
CA LEU B 66 23.73 41.97 12.02
C LEU B 66 23.09 43.21 11.40
N VAL B 67 23.90 44.27 11.31
CA VAL B 67 23.40 45.57 10.85
C VAL B 67 23.18 45.62 9.34
N HIS B 68 23.66 44.65 8.59
CA HIS B 68 23.44 44.63 7.14
C HIS B 68 22.19 43.83 6.73
N LEU B 69 21.39 43.38 7.68
CA LEU B 69 20.23 42.55 7.35
C LEU B 69 19.24 43.31 6.47
N VAL B 70 18.95 42.75 5.29
CA VAL B 70 17.84 43.23 4.47
C VAL B 70 16.57 42.39 4.66
N GLU B 71 16.68 41.15 5.16
CA GLU B 71 15.50 40.30 5.36
C GLU B 71 15.64 39.42 6.59
N ILE B 72 14.61 39.42 7.43
CA ILE B 72 14.47 38.48 8.52
C ILE B 72 13.21 37.66 8.25
N ASP B 73 13.36 36.34 8.16
CA ASP B 73 12.24 35.40 8.00
C ASP B 73 12.14 34.63 9.31
N PHE B 74 11.23 35.05 10.16
CA PHE B 74 11.06 34.50 11.50
C PHE B 74 9.66 33.89 11.63
N ARG B 75 9.27 33.04 10.69
CA ARG B 75 7.92 32.50 10.65
C ARG B 75 7.78 31.26 11.53
N CYS B 76 6.63 31.13 12.18
CA CYS B 76 6.21 29.84 12.74
C CYS B 76 7.15 29.37 13.86
N ASN B 77 7.51 30.27 14.74
CA ASN B 77 8.15 29.79 15.94
C ASN B 77 7.16 29.57 17.06
N CYS B 78 5.89 29.97 16.85
CA CYS B 78 4.80 29.72 17.78
C CYS B 78 3.45 29.71 17.07
N VAL B 79 3.19 28.70 16.25
CA VAL B 79 2.03 28.77 15.36
C VAL B 79 0.75 28.52 16.18
N PRO B 80 -0.38 29.13 15.81
CA PRO B 80 -1.63 28.86 16.53
C PRO B 80 -1.89 27.37 16.70
N ILE B 81 -2.50 27.02 17.83
CA ILE B 81 -2.51 25.63 18.30
C ILE B 81 -3.19 24.71 17.29
N ARG B 82 -4.29 25.15 16.67
CA ARG B 82 -4.99 24.29 15.73
C ARG B 82 -4.23 24.15 14.43
N LEU B 83 -3.32 25.07 14.14
CA LEU B 83 -2.52 24.99 12.92
C LEU B 83 -1.20 24.25 13.13
N GLY B 84 -0.74 24.10 14.38
CA GLY B 84 0.57 23.57 14.65
C GLY B 84 0.50 22.14 15.16
N SER B 85 1.70 21.59 15.36
CA SER B 85 1.86 20.25 15.90
C SER B 85 1.18 20.11 17.26
N LYS B 86 0.45 19.01 17.45
CA LYS B 86 -0.13 18.78 18.76
C LYS B 86 0.81 18.00 19.68
N SER B 87 1.91 17.44 19.15
CA SER B 87 2.88 16.76 20.00
C SER B 87 3.89 17.73 20.60
N ASN B 88 4.24 18.79 19.88
CA ASN B 88 5.10 19.86 20.41
C ASN B 88 4.36 21.17 20.25
N MET B 89 3.39 21.41 21.13
CA MET B 89 2.68 22.68 21.12
C MET B 89 3.61 23.79 21.64
N CYS B 90 3.40 24.99 21.13
CA CYS B 90 4.16 26.15 21.61
C CYS B 90 3.57 26.62 22.94
N PRO B 91 4.38 26.78 24.00
CA PRO B 91 3.81 27.05 25.32
C PRO B 91 3.39 28.49 25.54
N ARG B 92 4.06 29.44 24.89
CA ARG B 92 3.79 30.85 25.12
C ARG B 92 4.12 31.61 23.84
N ARG B 93 3.33 32.65 23.54
CA ARG B 93 3.52 33.39 22.30
C ARG B 93 4.91 34.02 22.26
N LEU B 94 5.38 34.31 21.03
CA LEU B 94 6.67 34.98 20.86
C LEU B 94 6.68 36.32 21.61
N GLN B 95 7.82 36.62 22.25
CA GLN B 95 8.00 37.86 23.00
C GLN B 95 8.99 38.71 22.23
N ILE B 96 8.57 39.89 21.80
CA ILE B 96 9.46 40.81 21.10
C ILE B 96 9.69 42.01 22.01
N LYS B 97 10.92 42.19 22.45
CA LYS B 97 11.30 43.27 23.33
C LYS B 97 11.51 44.55 22.53
N PRO B 98 11.34 45.72 23.17
CA PRO B 98 11.45 46.96 22.41
C PRO B 98 12.84 47.10 21.82
N ARG B 99 12.92 47.81 20.70
CA ARG B 99 14.16 48.16 20.01
C ARG B 99 14.90 46.94 19.45
N SER B 100 14.20 45.84 19.16
CA SER B 100 14.85 44.69 18.56
C SER B 100 15.16 44.90 17.09
N PHE B 101 14.39 45.73 16.39
CA PHE B 101 14.55 45.92 14.96
C PHE B 101 15.03 47.33 14.59
N SER B 102 14.96 48.30 15.51
CA SER B 102 15.16 49.69 15.11
C SER B 102 16.57 49.94 14.57
N GLY B 103 17.56 49.22 15.07
CA GLY B 103 18.91 49.34 14.54
C GLY B 103 19.11 48.72 13.16
N LEU B 104 18.13 47.98 12.65
CA LEU B 104 18.31 47.29 11.37
C LEU B 104 17.94 48.28 10.26
N THR B 105 18.90 49.16 10.02
CA THR B 105 18.75 50.30 9.13
C THR B 105 18.51 49.93 7.68
N TYR B 106 18.93 48.74 7.25
CA TYR B 106 18.74 48.26 5.88
C TYR B 106 17.58 47.27 5.71
N LEU B 107 16.82 46.99 6.77
CA LEU B 107 15.83 45.91 6.73
C LEU B 107 14.73 46.23 5.74
N LYS B 108 14.52 45.34 4.77
CA LYS B 108 13.47 45.54 3.78
C LYS B 108 12.25 44.63 3.94
N SER B 109 12.43 43.42 4.50
CA SER B 109 11.37 42.42 4.59
C SER B 109 11.41 41.79 5.97
N LEU B 110 10.24 41.70 6.62
CA LEU B 110 10.10 41.10 7.94
C LEU B 110 8.91 40.16 7.93
N TYR B 111 9.17 38.85 8.04
CA TYR B 111 8.13 37.83 8.12
C TYR B 111 8.02 37.38 9.57
N LEU B 112 6.90 37.69 10.21
CA LEU B 112 6.62 37.26 11.57
C LEU B 112 5.33 36.44 11.66
N ASP B 113 4.95 35.82 10.55
CA ASP B 113 3.76 34.97 10.52
C ASP B 113 3.83 33.86 11.56
N GLY B 114 2.68 33.51 12.12
CA GLY B 114 2.55 32.28 12.88
C GLY B 114 3.34 32.26 14.18
N ASN B 115 3.22 33.35 14.95
CA ASN B 115 3.94 33.50 16.21
C ASN B 115 3.00 33.90 17.35
N GLN B 116 1.70 33.93 17.09
CA GLN B 116 0.69 34.24 18.10
C GLN B 116 0.87 35.65 18.65
N LEU B 117 1.37 36.58 17.83
CA LEU B 117 1.54 37.95 18.27
C LEU B 117 0.19 38.64 18.51
N LEU B 118 0.16 39.51 19.50
CA LEU B 118 -1.04 40.24 19.88
C LEU B 118 -1.14 41.62 19.26
N GLU B 119 -0.03 42.23 18.84
CA GLU B 119 -0.05 43.56 18.25
C GLU B 119 0.94 43.62 17.11
N ILE B 120 0.75 44.61 16.24
CA ILE B 120 1.75 44.93 15.22
C ILE B 120 3.02 45.34 15.95
N PRO B 121 4.16 44.69 15.72
CA PRO B 121 5.39 45.09 16.41
C PRO B 121 5.72 46.53 16.12
N GLN B 122 6.14 47.26 17.15
CA GLN B 122 6.52 48.65 16.99
C GLN B 122 8.05 48.76 16.92
N GLY B 123 8.52 49.96 16.57
CA GLY B 123 9.94 50.16 16.45
C GLY B 123 10.54 49.67 15.17
N LEU B 124 9.76 49.54 14.14
CA LEU B 124 10.25 48.96 12.92
C LEU B 124 11.01 50.03 12.14
N PRO B 125 12.10 49.67 11.45
CA PRO B 125 12.90 50.68 10.77
C PRO B 125 12.14 51.22 9.56
N PRO B 126 12.37 52.48 9.18
CA PRO B 126 11.62 53.06 8.05
C PRO B 126 12.05 52.54 6.70
N SER B 127 13.14 51.78 6.62
CA SER B 127 13.49 51.12 5.37
C SER B 127 12.49 50.02 5.00
N LEU B 128 11.61 49.61 5.92
CA LEU B 128 10.86 48.37 5.71
C LEU B 128 9.88 48.50 4.55
N GLN B 129 9.93 47.56 3.60
CA GLN B 129 8.96 47.51 2.52
C GLN B 129 7.88 46.44 2.68
N LEU B 130 8.20 45.31 3.33
CA LEU B 130 7.30 44.17 3.41
C LEU B 130 7.21 43.71 4.86
N LEU B 131 5.98 43.63 5.35
CA LEU B 131 5.70 43.12 6.69
C LEU B 131 4.64 42.05 6.55
N SER B 132 4.91 40.87 7.10
CA SER B 132 4.01 39.73 7.03
C SER B 132 3.64 39.31 8.44
N LEU B 133 2.34 39.32 8.74
CA LEU B 133 1.83 39.01 10.07
C LEU B 133 0.67 38.01 10.02
N GLU B 134 0.67 37.12 9.02
CA GLU B 134 -0.39 36.12 8.95
C GLU B 134 -0.35 35.17 10.15
N ALA B 135 -1.54 34.66 10.51
CA ALA B 135 -1.67 33.61 11.52
C ALA B 135 -1.06 34.03 12.85
N ASN B 136 -1.28 35.30 13.21
CA ASN B 136 -1.06 35.86 14.53
C ASN B 136 -2.41 36.10 15.20
N ASN B 137 -2.41 36.88 16.28
CA ASN B 137 -3.65 37.14 16.97
C ASN B 137 -3.90 38.63 17.01
N ILE B 138 -3.70 39.29 15.86
CA ILE B 138 -3.92 40.71 15.69
C ILE B 138 -5.24 40.90 14.96
N PHE B 139 -6.25 41.41 15.65
CA PHE B 139 -7.56 41.59 15.03
C PHE B 139 -8.15 42.97 15.27
N SER B 140 -7.32 43.95 15.61
CA SER B 140 -7.74 45.35 15.68
C SER B 140 -6.62 46.22 15.11
N ILE B 141 -6.90 46.91 14.01
CA ILE B 141 -5.92 47.72 13.31
C ILE B 141 -6.22 49.18 13.63
N ARG B 142 -5.25 49.87 14.25
CA ARG B 142 -5.38 51.25 14.64
C ARG B 142 -4.33 52.10 13.94
N LYS B 143 -4.66 53.37 13.70
CA LYS B 143 -3.81 54.22 12.89
C LYS B 143 -2.46 54.51 13.55
N GLU B 144 -2.45 54.78 14.85
CA GLU B 144 -1.19 54.97 15.58
C GLU B 144 -0.24 53.82 15.34
N GLN B 145 -0.75 52.59 15.33
CA GLN B 145 0.09 51.42 15.16
C GLN B 145 0.70 51.33 13.76
N LEU B 146 0.16 52.07 12.79
CA LEU B 146 0.64 51.98 11.43
C LEU B 146 1.57 53.11 11.02
N THR B 147 1.74 54.15 11.85
CA THR B 147 2.55 55.30 11.42
C THR B 147 4.00 54.90 11.18
N GLU B 148 4.51 53.98 12.00
CA GLU B 148 5.86 53.45 11.80
C GLU B 148 6.09 52.89 10.41
N LEU B 149 5.01 52.54 9.68
CA LEU B 149 5.10 51.81 8.42
C LEU B 149 5.01 52.74 7.21
N ALA B 150 5.49 53.97 7.33
CA ALA B 150 5.29 54.99 6.30
C ALA B 150 5.71 54.51 4.91
N ASN B 151 6.81 53.78 4.80
CA ASN B 151 7.31 53.35 3.50
C ASN B 151 6.84 51.95 3.10
N ILE B 152 5.92 51.35 3.85
CA ILE B 152 5.56 49.97 3.59
C ILE B 152 4.88 49.85 2.22
N GLU B 153 5.21 48.78 1.49
CA GLU B 153 4.59 48.50 0.20
C GLU B 153 3.77 47.20 0.16
N ILE B 154 4.05 46.23 1.02
CA ILE B 154 3.35 44.95 1.03
C ILE B 154 3.02 44.60 2.47
N LEU B 155 1.74 44.34 2.75
CA LEU B 155 1.26 44.15 4.12
C LEU B 155 0.32 42.95 4.14
N TYR B 156 0.74 41.87 4.81
CA TYR B 156 -0.03 40.63 4.95
C TYR B 156 -0.54 40.57 6.37
N LEU B 157 -1.85 40.68 6.55
CA LEU B 157 -2.47 40.68 7.88
C LEU B 157 -3.52 39.59 8.03
N GLY B 158 -3.65 38.67 7.08
CA GLY B 158 -4.73 37.72 7.11
C GLY B 158 -4.52 36.55 8.05
N GLN B 159 -5.56 35.70 8.13
CA GLN B 159 -5.56 34.50 8.97
C GLN B 159 -5.36 34.84 10.44
N ASN B 160 -5.73 36.06 10.83
CA ASN B 160 -5.65 36.39 12.25
C ASN B 160 -6.96 36.17 13.00
N CYS B 161 -8.06 35.85 12.31
CA CYS B 161 -9.32 35.56 13.00
C CYS B 161 -10.18 34.72 12.06
N TYR B 162 -10.06 33.40 12.16
CA TYR B 162 -10.90 32.49 11.38
C TYR B 162 -10.96 31.15 12.10
N TYR B 163 -11.59 30.16 11.49
CA TYR B 163 -11.95 28.97 12.26
C TYR B 163 -10.74 28.17 12.73
N ARG B 164 -9.61 28.23 12.02
CA ARG B 164 -8.40 27.58 12.52
C ARG B 164 -7.63 28.45 13.50
N ASN B 165 -8.07 29.68 13.72
CA ASN B 165 -7.34 30.62 14.55
C ASN B 165 -8.33 31.67 15.04
N PRO B 166 -9.29 31.29 15.89
CA PRO B 166 -10.39 32.20 16.22
C PRO B 166 -9.97 33.35 17.12
N CYS B 167 -10.62 34.49 16.93
CA CYS B 167 -10.51 35.61 17.85
C CYS B 167 -11.82 35.94 18.54
N TYR B 168 -12.93 35.34 18.12
CA TYR B 168 -14.23 35.37 18.78
C TYR B 168 -14.89 36.75 18.77
N VAL B 169 -14.36 37.70 18.00
CA VAL B 169 -15.02 38.98 17.77
C VAL B 169 -14.86 39.33 16.29
N SER B 170 -15.57 40.38 15.88
CA SER B 170 -15.37 40.91 14.53
C SER B 170 -14.04 41.64 14.45
N TYR B 171 -13.39 41.53 13.30
CA TYR B 171 -12.20 42.31 13.02
C TYR B 171 -12.55 43.79 13.03
N SER B 172 -11.65 44.61 13.58
CA SER B 172 -11.82 46.06 13.68
C SER B 172 -10.71 46.77 12.92
N ILE B 173 -11.09 47.72 12.07
CA ILE B 173 -10.15 48.58 11.34
C ILE B 173 -10.60 50.03 11.52
N GLU B 174 -9.71 50.88 12.01
CA GLU B 174 -10.05 52.28 12.17
C GLU B 174 -10.28 52.96 10.83
N LYS B 175 -11.22 53.91 10.83
CA LYS B 175 -11.44 54.77 9.67
C LYS B 175 -10.13 55.37 9.18
N ASP B 176 -9.85 55.18 7.89
CA ASP B 176 -8.64 55.69 7.23
C ASP B 176 -7.33 55.12 7.81
N ALA B 177 -7.35 53.95 8.46
CA ALA B 177 -6.12 53.42 9.07
C ALA B 177 -4.98 53.30 8.05
N PHE B 178 -5.30 52.92 6.82
CA PHE B 178 -4.27 52.68 5.82
C PHE B 178 -3.99 53.87 4.91
N LEU B 179 -4.75 54.97 5.03
CA LEU B 179 -4.76 55.98 3.98
C LEU B 179 -3.41 56.72 3.86
N ASN B 180 -2.70 56.94 4.96
CA ASN B 180 -1.41 57.62 4.91
C ASN B 180 -0.23 56.70 4.64
N LEU B 181 -0.49 55.43 4.30
CA LEU B 181 0.56 54.53 3.82
C LEU B 181 0.70 54.73 2.31
N THR B 182 1.32 55.86 1.96
CA THR B 182 1.23 56.40 0.60
C THR B 182 1.98 55.58 -0.43
N LYS B 183 2.74 54.57 -0.01
CA LYS B 183 3.43 53.69 -0.93
C LYS B 183 2.86 52.27 -0.94
N LEU B 184 1.85 52.00 -0.10
CA LEU B 184 1.27 50.67 0.02
C LEU B 184 0.68 50.21 -1.30
N LYS B 185 1.11 49.02 -1.75
CA LYS B 185 0.66 48.44 -3.02
C LYS B 185 -0.15 47.16 -2.87
N VAL B 186 0.17 46.32 -1.89
CA VAL B 186 -0.48 45.02 -1.72
C VAL B 186 -1.00 44.95 -0.30
N LEU B 187 -2.30 44.76 -0.16
CA LEU B 187 -2.90 44.65 1.16
C LEU B 187 -3.73 43.38 1.18
N SER B 188 -3.46 42.50 2.15
CA SER B 188 -4.18 41.24 2.27
C SER B 188 -4.82 41.16 3.66
N LEU B 189 -6.14 41.07 3.69
CA LEU B 189 -6.88 40.98 4.94
C LEU B 189 -7.79 39.75 4.93
N LYS B 190 -7.40 38.72 4.19
CA LYS B 190 -8.18 37.50 4.06
C LYS B 190 -8.32 36.77 5.39
N ASP B 191 -9.35 35.92 5.48
CA ASP B 191 -9.49 34.98 6.59
C ASP B 191 -9.45 35.71 7.94
N ASN B 192 -10.17 36.82 8.05
CA ASN B 192 -9.99 37.70 9.19
C ASN B 192 -11.28 38.09 9.93
N ASN B 193 -12.45 37.54 9.58
CA ASN B 193 -13.71 37.95 10.21
C ASN B 193 -14.00 39.44 9.98
N VAL B 194 -13.61 39.97 8.83
CA VAL B 194 -13.84 41.37 8.48
C VAL B 194 -15.30 41.57 8.04
N THR B 195 -15.89 42.68 8.47
CA THR B 195 -17.31 42.94 8.25
C THR B 195 -17.59 44.03 7.24
N THR B 196 -16.67 44.97 7.01
CA THR B 196 -16.86 45.98 5.98
C THR B 196 -15.55 46.21 5.26
N VAL B 197 -15.64 46.65 4.00
CA VAL B 197 -14.44 47.08 3.31
C VAL B 197 -13.85 48.26 4.05
N PRO B 198 -12.57 48.24 4.41
CA PRO B 198 -11.99 49.41 5.08
C PRO B 198 -11.84 50.57 4.10
N THR B 199 -12.09 51.77 4.61
CA THR B 199 -12.01 53.00 3.83
C THR B 199 -11.42 54.07 4.74
N VAL B 200 -10.74 55.05 4.16
CA VAL B 200 -10.40 55.11 2.75
C VAL B 200 -9.06 54.42 2.55
N LEU B 201 -8.89 53.76 1.40
CA LEU B 201 -7.64 53.06 1.17
C LEU B 201 -6.72 53.87 0.26
N PRO B 202 -5.41 53.68 0.38
CA PRO B 202 -4.47 54.45 -0.45
C PRO B 202 -4.59 54.08 -1.91
N SER B 203 -4.55 55.12 -2.77
CA SER B 203 -4.80 54.93 -4.19
C SER B 203 -3.62 54.31 -4.91
N THR B 204 -2.51 54.07 -4.22
CA THR B 204 -1.42 53.33 -4.82
C THR B 204 -1.69 51.83 -4.91
N LEU B 205 -2.75 51.31 -4.27
CA LEU B 205 -2.98 49.87 -4.20
C LEU B 205 -3.05 49.23 -5.59
N THR B 206 -2.32 48.14 -5.76
CA THR B 206 -2.37 47.30 -6.95
C THR B 206 -3.13 45.99 -6.72
N GLU B 207 -3.18 45.52 -5.47
CA GLU B 207 -3.78 44.23 -5.11
C GLU B 207 -4.45 44.37 -3.75
N LEU B 208 -5.71 43.98 -3.66
CA LEU B 208 -6.46 44.04 -2.43
C LEU B 208 -7.14 42.69 -2.22
N TYR B 209 -6.81 42.01 -1.12
CA TYR B 209 -7.36 40.67 -0.84
C TYR B 209 -8.29 40.79 0.35
N LEU B 210 -9.58 40.61 0.10
CA LEU B 210 -10.58 40.71 1.16
C LEU B 210 -11.36 39.41 1.30
N TYR B 211 -10.81 38.29 0.81
CA TYR B 211 -11.66 37.11 0.70
C TYR B 211 -11.73 36.35 2.03
N ASN B 212 -12.72 35.45 2.09
CA ASN B 212 -13.05 34.66 3.28
C ASN B 212 -13.26 35.52 4.51
N ASN B 213 -14.25 36.41 4.41
CA ASN B 213 -14.58 37.29 5.53
C ASN B 213 -16.09 37.26 5.72
N MET B 214 -16.63 38.27 6.43
CA MET B 214 -18.05 38.41 6.70
C MET B 214 -18.56 39.75 6.18
N ILE B 215 -18.12 40.12 5.00
CA ILE B 215 -18.62 41.33 4.34
C ILE B 215 -19.91 40.97 3.62
N ALA B 216 -21.02 41.58 4.03
CA ALA B 216 -22.29 41.30 3.37
C ALA B 216 -22.64 42.32 2.28
N GLU B 217 -22.00 43.50 2.30
CA GLU B 217 -22.33 44.57 1.36
C GLU B 217 -21.08 45.32 0.95
N ILE B 218 -21.01 45.66 -0.32
CA ILE B 218 -20.05 46.62 -0.86
C ILE B 218 -20.79 47.95 -0.96
N GLN B 219 -20.20 49.02 -0.41
CA GLN B 219 -20.73 50.36 -0.64
C GLN B 219 -20.31 50.86 -2.01
N GLU B 220 -21.17 51.70 -2.62
CA GLU B 220 -20.91 52.59 -3.77
C GLU B 220 -19.51 52.77 -4.18
N ASP B 221 -18.91 53.30 -3.14
CA ASP B 221 -17.71 54.09 -3.19
C ASP B 221 -16.64 53.40 -2.39
N ASP B 222 -16.80 52.11 -2.08
CA ASP B 222 -15.75 51.39 -1.36
C ASP B 222 -14.44 51.41 -2.14
N PHE B 223 -14.48 51.37 -3.46
CA PHE B 223 -13.29 51.30 -4.31
C PHE B 223 -13.10 52.55 -5.18
N ASN B 224 -13.62 53.69 -4.72
CA ASN B 224 -13.76 54.86 -5.60
C ASN B 224 -12.42 55.42 -6.06
N ASN B 225 -11.40 55.38 -5.22
CA ASN B 225 -10.13 56.03 -5.51
C ASN B 225 -9.06 55.07 -6.01
N LEU B 226 -9.36 53.79 -6.15
CA LEU B 226 -8.31 52.79 -6.44
C LEU B 226 -8.11 52.61 -7.94
N ASN B 227 -7.68 53.71 -8.58
CA ASN B 227 -7.52 53.66 -10.03
C ASN B 227 -6.25 52.95 -10.46
N GLN B 228 -5.42 52.48 -9.54
CA GLN B 228 -4.29 51.66 -9.90
C GLN B 228 -4.50 50.17 -9.62
N LEU B 229 -5.64 49.80 -9.03
CA LEU B 229 -5.86 48.42 -8.60
C LEU B 229 -5.86 47.47 -9.80
N GLN B 230 -5.12 46.37 -9.66
CA GLN B 230 -5.06 45.33 -10.68
C GLN B 230 -5.70 44.01 -10.26
N ILE B 231 -5.73 43.70 -8.96
CA ILE B 231 -6.31 42.46 -8.46
C ILE B 231 -7.26 42.79 -7.30
N LEU B 232 -8.49 42.32 -7.41
CA LEU B 232 -9.47 42.44 -6.36
C LEU B 232 -10.05 41.06 -6.11
N ASP B 233 -10.00 40.60 -4.87
CA ASP B 233 -10.57 39.30 -4.50
C ASP B 233 -11.53 39.51 -3.35
N LEU B 234 -12.82 39.29 -3.61
CA LEU B 234 -13.86 39.42 -2.61
C LEU B 234 -14.52 38.08 -2.33
N SER B 235 -13.90 37.00 -2.80
CA SER B 235 -14.42 35.63 -2.69
C SER B 235 -14.75 35.26 -1.25
N GLY B 236 -15.65 34.29 -1.08
CA GLY B 236 -15.94 33.77 0.23
C GLY B 236 -16.56 34.77 1.17
N ASN B 237 -17.24 35.78 0.64
CA ASN B 237 -18.11 36.64 1.44
C ASN B 237 -19.54 36.34 0.98
N CYS B 238 -20.38 35.88 1.90
CA CYS B 238 -21.65 35.20 1.58
C CYS B 238 -21.35 33.92 0.82
N PRO B 239 -20.72 32.94 1.47
CA PRO B 239 -20.28 31.74 0.74
C PRO B 239 -21.42 30.79 0.39
N ARG B 240 -21.20 30.06 -0.69
CA ARG B 240 -21.98 28.88 -1.05
C ARG B 240 -21.46 27.71 -0.22
N CYS B 241 -22.25 27.25 0.74
CA CYS B 241 -21.76 26.34 1.77
C CYS B 241 -22.06 24.87 1.51
N TYR B 242 -22.79 24.54 0.45
CA TYR B 242 -23.16 23.14 0.21
C TYR B 242 -21.91 22.29 0.04
N ASN B 243 -21.82 21.20 0.82
CA ASN B 243 -20.66 20.30 0.78
C ASN B 243 -19.35 21.00 1.10
N ALA B 244 -19.39 22.10 1.85
CA ALA B 244 -18.14 22.79 2.21
C ALA B 244 -17.32 21.90 3.13
N PRO B 245 -15.99 21.76 2.88
CA PRO B 245 -15.14 20.94 3.77
C PRO B 245 -14.56 21.70 4.96
N PHE B 246 -15.13 22.85 5.26
CA PHE B 246 -14.76 23.64 6.42
C PHE B 246 -16.06 24.18 7.00
N PRO B 247 -16.07 24.55 8.29
CA PRO B 247 -17.29 25.14 8.87
C PRO B 247 -17.68 26.39 8.11
N CYS B 248 -18.93 26.43 7.65
CA CYS B 248 -19.33 27.42 6.67
C CYS B 248 -20.67 27.99 7.10
N THR B 249 -20.73 29.30 7.30
CA THR B 249 -21.97 29.97 7.67
C THR B 249 -22.40 30.91 6.55
N PRO B 250 -23.53 30.68 5.91
CA PRO B 250 -23.93 31.51 4.79
C PRO B 250 -24.53 32.83 5.24
N CYS B 251 -24.50 33.82 4.35
CA CYS B 251 -25.29 35.03 4.57
C CYS B 251 -26.76 34.68 4.70
N LYS B 252 -27.46 35.43 5.55
CA LYS B 252 -28.86 35.17 5.84
C LYS B 252 -29.74 35.36 4.60
N ASN B 253 -30.96 34.82 4.65
CA ASN B 253 -31.98 34.99 3.61
C ASN B 253 -31.47 34.53 2.24
N ASN B 254 -30.54 33.56 2.20
CA ASN B 254 -29.92 33.13 0.93
C ASN B 254 -29.33 34.31 0.15
N SER B 255 -28.98 35.36 0.86
CA SER B 255 -28.56 36.59 0.21
C SER B 255 -27.18 36.44 -0.44
N PRO B 256 -26.96 37.08 -1.57
CA PRO B 256 -25.61 37.16 -2.13
C PRO B 256 -24.82 38.25 -1.43
N LEU B 257 -23.54 38.32 -1.78
CA LEU B 257 -22.79 39.53 -1.54
C LEU B 257 -23.39 40.61 -2.42
N GLN B 258 -23.66 41.79 -1.85
CA GLN B 258 -24.43 42.80 -2.56
C GLN B 258 -23.46 43.85 -3.11
N ILE B 259 -23.34 43.90 -4.43
CA ILE B 259 -22.34 44.75 -5.08
C ILE B 259 -23.11 45.72 -5.97
N PRO B 260 -23.19 47.01 -5.60
CA PRO B 260 -23.89 47.98 -6.44
C PRO B 260 -23.37 47.92 -7.87
N VAL B 261 -24.28 48.20 -8.82
CA VAL B 261 -23.96 48.03 -10.23
C VAL B 261 -22.79 48.89 -10.66
N ASN B 262 -22.48 49.96 -9.93
CA ASN B 262 -21.40 50.86 -10.29
C ASN B 262 -20.17 50.73 -9.38
N ALA B 263 -20.06 49.65 -8.60
CA ALA B 263 -19.02 49.56 -7.58
C ALA B 263 -17.61 49.51 -8.14
N PHE B 264 -17.43 49.07 -9.39
CA PHE B 264 -16.11 48.91 -10.00
C PHE B 264 -15.74 50.01 -10.98
N ASP B 265 -16.51 51.11 -11.03
CA ASP B 265 -16.34 52.10 -12.09
C ASP B 265 -14.95 52.69 -12.07
N ALA B 266 -14.37 52.89 -10.88
CA ALA B 266 -13.06 53.49 -10.76
C ALA B 266 -11.93 52.53 -11.13
N LEU B 267 -12.20 51.23 -11.22
CA LEU B 267 -11.13 50.24 -11.34
C LEU B 267 -10.79 50.03 -12.82
N THR B 268 -10.23 51.09 -13.41
CA THR B 268 -9.93 51.03 -14.83
C THR B 268 -8.71 50.19 -15.13
N GLU B 269 -7.83 49.99 -14.16
CA GLU B 269 -6.66 49.14 -14.37
C GLU B 269 -6.90 47.68 -13.97
N LEU B 270 -8.11 47.32 -13.52
CA LEU B 270 -8.34 45.99 -12.97
C LEU B 270 -8.08 44.91 -14.01
N LYS B 271 -7.25 43.92 -13.65
CA LYS B 271 -6.96 42.78 -14.51
C LYS B 271 -7.52 41.45 -13.98
N VAL B 272 -7.70 41.32 -12.67
CA VAL B 272 -8.17 40.08 -12.07
C VAL B 272 -9.30 40.42 -11.10
N LEU B 273 -10.45 39.79 -11.28
CA LEU B 273 -11.55 39.94 -10.35
C LEU B 273 -11.98 38.56 -9.89
N ARG B 274 -11.92 38.31 -8.60
CA ARG B 274 -12.29 37.00 -8.07
C ARG B 274 -13.55 37.12 -7.21
N LEU B 275 -14.63 36.50 -7.68
CA LEU B 275 -15.92 36.49 -6.99
C LEU B 275 -16.38 35.04 -6.82
N HIS B 276 -15.48 34.24 -6.28
CA HIS B 276 -15.72 32.84 -6.00
C HIS B 276 -16.49 32.71 -4.69
N SER B 277 -17.54 31.90 -4.68
CA SER B 277 -18.28 31.63 -3.45
C SER B 277 -18.82 32.91 -2.79
N ASN B 278 -19.65 33.62 -3.56
CA ASN B 278 -20.35 34.80 -3.06
C ASN B 278 -21.87 34.66 -3.15
N SER B 279 -22.36 33.47 -3.51
CA SER B 279 -23.79 33.17 -3.61
C SER B 279 -24.51 34.10 -4.60
N LEU B 280 -23.81 34.48 -5.66
CA LEU B 280 -24.38 35.37 -6.67
C LEU B 280 -25.43 34.63 -7.48
N GLN B 281 -26.53 35.32 -7.79
CA GLN B 281 -27.55 34.74 -8.67
C GLN B 281 -27.61 35.42 -10.03
N HIS B 282 -27.02 36.61 -10.16
CA HIS B 282 -26.99 37.38 -11.38
C HIS B 282 -25.64 38.05 -11.50
N VAL B 283 -25.23 38.30 -12.74
CA VAL B 283 -24.04 39.09 -13.01
C VAL B 283 -24.46 40.29 -13.85
N PRO B 284 -24.76 41.43 -13.22
CA PRO B 284 -25.21 42.63 -13.98
C PRO B 284 -24.13 43.08 -14.96
N PRO B 285 -24.47 43.23 -16.24
CA PRO B 285 -23.48 43.75 -17.20
C PRO B 285 -22.91 45.11 -16.79
N ARG B 286 -23.70 45.92 -16.10
CA ARG B 286 -23.26 47.25 -15.70
C ARG B 286 -21.96 47.20 -14.90
N TRP B 287 -21.69 46.08 -14.21
CA TRP B 287 -20.46 45.94 -13.43
C TRP B 287 -19.22 46.23 -14.25
N PHE B 288 -19.21 45.81 -15.52
CA PHE B 288 -18.00 45.83 -16.34
C PHE B 288 -18.01 46.94 -17.38
N LYS B 289 -18.77 48.01 -17.17
CA LYS B 289 -18.97 48.97 -18.25
C LYS B 289 -17.73 49.84 -18.49
N ASN B 290 -16.97 50.17 -17.44
CA ASN B 290 -15.74 50.92 -17.57
C ASN B 290 -14.51 50.12 -17.18
N ILE B 291 -14.64 48.81 -17.02
CA ILE B 291 -13.49 47.91 -16.98
C ILE B 291 -13.38 47.28 -18.35
N ASN B 292 -12.35 47.65 -19.10
CA ASN B 292 -12.12 47.05 -20.40
C ASN B 292 -10.90 46.17 -20.45
N ASN B 293 -10.04 46.22 -19.44
CA ASN B 293 -8.78 45.51 -19.45
C ASN B 293 -8.80 44.23 -18.62
N LEU B 294 -9.98 43.81 -18.13
CA LEU B 294 -10.06 42.62 -17.31
C LEU B 294 -9.59 41.39 -18.08
N GLN B 295 -8.72 40.61 -17.45
CA GLN B 295 -8.21 39.38 -18.07
C GLN B 295 -8.67 38.11 -17.36
N GLU B 296 -8.89 38.15 -16.05
CA GLU B 296 -9.21 36.96 -15.27
C GLU B 296 -10.43 37.23 -14.41
N LEU B 297 -11.44 36.38 -14.55
CA LEU B 297 -12.70 36.52 -13.82
C LEU B 297 -13.08 35.17 -13.20
N ASP B 298 -13.20 35.13 -11.88
CA ASP B 298 -13.57 33.89 -11.18
C ASP B 298 -14.98 34.05 -10.64
N LEU B 299 -15.92 33.30 -11.21
CA LEU B 299 -17.29 33.29 -10.71
C LEU B 299 -17.70 31.91 -10.25
N SER B 300 -16.73 31.07 -9.86
CA SER B 300 -17.08 29.73 -9.45
C SER B 300 -17.75 29.73 -8.08
N GLN B 301 -18.52 28.67 -7.82
CA GLN B 301 -19.19 28.45 -6.54
C GLN B 301 -20.19 29.56 -6.23
N ASN B 302 -20.96 29.96 -7.23
CA ASN B 302 -22.09 30.84 -6.97
C ASN B 302 -23.37 30.08 -7.34
N PHE B 303 -24.45 30.81 -7.66
CA PHE B 303 -25.66 30.16 -8.14
C PHE B 303 -26.05 30.72 -9.51
N LEU B 304 -25.13 30.57 -10.45
CA LEU B 304 -25.22 31.19 -11.77
C LEU B 304 -25.65 30.21 -12.86
N ALA B 305 -26.27 29.09 -12.48
CA ALA B 305 -26.77 28.14 -13.44
C ALA B 305 -27.71 28.82 -14.46
N LYS B 306 -28.74 29.57 -13.97
CA LYS B 306 -29.66 30.17 -14.95
C LYS B 306 -28.99 31.26 -15.73
N GLU B 307 -28.03 31.94 -15.08
CA GLU B 307 -27.31 33.08 -15.70
C GLU B 307 -26.38 32.64 -16.84
N ILE B 308 -25.88 31.40 -16.79
CA ILE B 308 -24.93 30.96 -17.81
C ILE B 308 -25.59 30.89 -19.19
N GLY B 309 -26.89 30.58 -19.23
CA GLY B 309 -27.66 30.54 -20.46
C GLY B 309 -28.04 31.90 -21.00
N ASP B 310 -27.73 32.97 -20.26
CA ASP B 310 -28.10 34.33 -20.62
C ASP B 310 -26.85 35.20 -20.71
N ALA B 311 -26.27 35.60 -19.58
CA ALA B 311 -24.86 36.04 -19.50
C ALA B 311 -24.55 37.24 -20.41
N LYS B 312 -25.43 38.25 -20.38
CA LYS B 312 -25.20 39.44 -21.21
C LYS B 312 -23.90 40.14 -20.85
N PHE B 313 -23.44 40.03 -19.59
CA PHE B 313 -22.22 40.71 -19.16
C PHE B 313 -21.01 40.33 -19.99
N LEU B 314 -21.03 39.15 -20.64
CA LEU B 314 -19.87 38.72 -21.42
C LEU B 314 -19.56 39.66 -22.58
N HIS B 315 -20.56 40.40 -23.07
CA HIS B 315 -20.31 41.30 -24.19
C HIS B 315 -19.36 42.43 -23.79
N PHE B 316 -19.21 42.71 -22.51
CA PHE B 316 -18.33 43.77 -22.03
C PHE B 316 -16.92 43.28 -21.73
N LEU B 317 -16.61 42.03 -22.08
CA LEU B 317 -15.33 41.41 -21.70
C LEU B 317 -14.55 40.89 -22.89
N PRO B 318 -14.26 41.74 -23.89
CA PRO B 318 -13.53 41.25 -25.06
C PRO B 318 -12.06 40.96 -24.80
N ASN B 319 -11.53 41.40 -23.67
CA ASN B 319 -10.13 41.16 -23.33
C ASN B 319 -9.95 40.02 -22.32
N LEU B 320 -11.03 39.35 -21.92
CA LEU B 320 -10.93 38.28 -20.92
C LEU B 320 -10.11 37.10 -21.46
N ILE B 321 -9.15 36.64 -20.65
CA ILE B 321 -8.34 35.47 -20.97
C ILE B 321 -8.84 34.22 -20.25
N GLN B 322 -9.20 34.33 -18.97
CA GLN B 322 -9.66 33.20 -18.18
C GLN B 322 -11.02 33.49 -17.57
N LEU B 323 -11.93 32.53 -17.74
CA LEU B 323 -13.27 32.59 -17.21
C LEU B 323 -13.55 31.28 -16.48
N ASP B 324 -13.93 31.37 -15.20
CA ASP B 324 -14.26 30.19 -14.41
C ASP B 324 -15.70 30.31 -13.91
N LEU B 325 -16.54 29.38 -14.33
CA LEU B 325 -17.95 29.35 -13.94
C LEU B 325 -18.29 28.05 -13.23
N SER B 326 -17.27 27.41 -12.64
CA SER B 326 -17.42 26.08 -12.08
C SER B 326 -18.32 26.08 -10.85
N PHE B 327 -18.98 24.95 -10.64
CA PHE B 327 -19.83 24.69 -9.48
C PHE B 327 -20.84 25.81 -9.26
N ASN B 328 -21.67 26.03 -10.29
CA ASN B 328 -22.82 26.93 -10.20
C ASN B 328 -24.16 26.20 -10.25
N PHE B 329 -24.16 24.88 -10.17
CA PHE B 329 -25.38 24.11 -10.39
C PHE B 329 -26.40 24.34 -9.28
N GLU B 330 -27.68 24.23 -9.65
CA GLU B 330 -28.75 24.28 -8.68
C GLU B 330 -28.77 22.98 -7.88
N LEU B 331 -28.87 23.11 -6.56
CA LEU B 331 -28.88 21.92 -5.72
C LEU B 331 -30.01 20.99 -6.15
N GLN B 332 -29.69 19.69 -6.21
CA GLN B 332 -30.64 18.64 -6.51
C GLN B 332 -31.22 18.71 -7.92
N VAL B 333 -30.58 19.41 -8.85
CA VAL B 333 -31.04 19.47 -10.22
C VAL B 333 -30.01 18.80 -11.12
N TYR B 334 -30.46 17.83 -11.90
CA TYR B 334 -29.64 17.13 -12.89
C TYR B 334 -30.15 17.51 -14.29
N ARG B 335 -29.62 18.60 -14.84
CA ARG B 335 -30.10 19.13 -16.12
C ARG B 335 -29.89 18.15 -17.26
N ALA B 336 -30.75 18.24 -18.27
CA ALA B 336 -30.65 17.35 -19.42
C ALA B 336 -29.42 17.66 -20.28
N SER B 337 -29.05 18.94 -20.39
CA SER B 337 -27.93 19.31 -21.24
C SER B 337 -27.39 20.66 -20.78
N MET B 338 -26.32 21.09 -21.45
CA MET B 338 -25.66 22.35 -21.13
C MET B 338 -26.12 23.42 -22.11
N ASN B 339 -26.54 24.56 -21.57
CA ASN B 339 -27.11 25.68 -22.28
C ASN B 339 -26.15 26.84 -22.08
N LEU B 340 -25.24 27.02 -23.04
CA LEU B 340 -24.34 28.18 -23.07
C LEU B 340 -24.98 29.30 -23.88
N SER B 341 -25.06 30.49 -23.29
CA SER B 341 -25.55 31.65 -24.01
C SER B 341 -24.67 31.92 -25.24
N GLN B 342 -25.30 32.55 -26.25
CA GLN B 342 -24.54 32.99 -27.43
C GLN B 342 -23.50 34.04 -27.07
N ALA B 343 -23.69 34.75 -25.96
CA ALA B 343 -22.77 35.81 -25.56
C ALA B 343 -21.34 35.31 -25.45
N PHE B 344 -21.14 34.01 -25.19
CA PHE B 344 -19.79 33.47 -25.09
C PHE B 344 -19.00 33.70 -26.37
N SER B 345 -19.68 33.78 -27.52
CA SER B 345 -18.99 33.96 -28.80
C SER B 345 -18.37 35.34 -28.94
N SER B 346 -18.71 36.29 -28.06
CA SER B 346 -18.09 37.61 -28.08
C SER B 346 -16.78 37.67 -27.28
N LEU B 347 -16.32 36.57 -26.71
CA LEU B 347 -15.12 36.54 -25.86
C LEU B 347 -13.87 36.32 -26.73
N LYS B 348 -13.47 37.38 -27.49
CA LYS B 348 -12.39 37.25 -28.47
C LYS B 348 -11.16 36.60 -27.90
N SER B 349 -10.77 36.99 -26.70
CA SER B 349 -9.43 36.72 -26.19
C SER B 349 -9.37 35.45 -25.34
N LEU B 350 -10.50 34.76 -25.15
CA LEU B 350 -10.57 33.71 -24.14
C LEU B 350 -9.61 32.57 -24.47
N LYS B 351 -8.74 32.24 -23.52
CA LYS B 351 -7.84 31.09 -23.65
C LYS B 351 -8.27 29.93 -22.78
N ILE B 352 -8.90 30.19 -21.64
CA ILE B 352 -9.25 29.16 -20.67
C ILE B 352 -10.70 29.35 -20.24
N LEU B 353 -11.50 28.31 -20.43
CA LEU B 353 -12.90 28.27 -19.97
C LEU B 353 -13.07 27.04 -19.10
N ARG B 354 -13.48 27.24 -17.85
CA ARG B 354 -13.70 26.15 -16.92
C ARG B 354 -15.15 26.17 -16.48
N ILE B 355 -15.87 25.08 -16.77
CA ILE B 355 -17.26 24.98 -16.34
C ILE B 355 -17.47 23.59 -15.73
N ARG B 356 -16.75 23.33 -14.65
CA ARG B 356 -17.00 22.13 -13.88
C ARG B 356 -18.31 22.29 -13.09
N GLY B 357 -18.87 21.16 -12.67
CA GLY B 357 -19.99 21.24 -11.75
C GLY B 357 -21.17 22.02 -12.29
N TYR B 358 -21.38 21.97 -13.60
CA TYR B 358 -22.64 22.45 -14.16
C TYR B 358 -23.71 21.37 -13.95
N VAL B 359 -23.31 20.09 -14.06
CA VAL B 359 -24.14 18.93 -13.73
C VAL B 359 -25.25 18.75 -14.74
N PHE B 360 -25.01 17.92 -15.76
CA PHE B 360 -25.96 17.67 -16.83
C PHE B 360 -25.68 16.30 -17.44
N LYS B 361 -26.71 15.72 -18.07
CA LYS B 361 -26.64 14.33 -18.53
C LYS B 361 -25.97 14.20 -19.90
N GLU B 362 -26.23 15.11 -20.83
CA GLU B 362 -25.83 14.87 -22.22
C GLU B 362 -25.18 16.10 -22.83
N LEU B 363 -23.97 15.92 -23.32
CA LEU B 363 -23.25 16.96 -24.05
C LEU B 363 -23.41 16.70 -25.54
N LYS B 364 -23.89 17.70 -26.27
CA LYS B 364 -24.09 17.58 -27.70
C LYS B 364 -23.32 18.69 -28.39
N SER B 365 -22.72 18.35 -29.54
CA SER B 365 -21.82 19.29 -30.23
C SER B 365 -22.47 20.64 -30.39
N PHE B 366 -23.76 20.65 -30.68
CA PHE B 366 -24.47 21.89 -30.94
C PHE B 366 -24.44 22.81 -29.73
N GLN B 367 -24.33 22.26 -28.51
CA GLN B 367 -24.26 23.06 -27.30
C GLN B 367 -22.98 23.88 -27.21
N LEU B 368 -21.91 23.45 -27.86
CA LEU B 368 -20.61 24.14 -27.85
C LEU B 368 -20.42 25.16 -28.97
N SER B 369 -21.45 25.39 -29.81
CA SER B 369 -21.25 26.29 -30.94
C SER B 369 -20.90 27.73 -30.54
N PRO B 370 -21.38 28.30 -29.43
CA PRO B 370 -20.91 29.65 -29.06
C PRO B 370 -19.39 29.75 -28.91
N LEU B 371 -18.68 28.63 -28.73
CA LEU B 371 -17.23 28.63 -28.61
C LEU B 371 -16.53 28.37 -29.94
N HIS B 372 -17.29 28.13 -31.02
CA HIS B 372 -16.70 27.60 -32.25
C HIS B 372 -15.67 28.56 -32.84
N ASN B 373 -15.91 29.88 -32.74
CA ASN B 373 -15.06 30.86 -33.41
C ASN B 373 -14.23 31.68 -32.45
N LEU B 374 -13.95 31.14 -31.25
CA LEU B 374 -12.98 31.72 -30.32
C LEU B 374 -11.59 31.25 -30.69
N GLN B 375 -10.83 32.12 -31.36
CA GLN B 375 -9.60 31.69 -32.02
C GLN B 375 -8.50 31.35 -31.02
N ASN B 376 -8.51 31.95 -29.84
CA ASN B 376 -7.41 31.76 -28.90
C ASN B 376 -7.68 30.69 -27.84
N LEU B 377 -8.82 29.98 -27.92
CA LEU B 377 -9.18 29.04 -26.87
C LEU B 377 -8.19 27.89 -26.81
N GLU B 378 -7.60 27.70 -25.62
CA GLU B 378 -6.59 26.67 -25.39
C GLU B 378 -7.02 25.55 -24.44
N VAL B 379 -7.88 25.84 -23.46
CA VAL B 379 -8.33 24.86 -22.47
C VAL B 379 -9.84 24.93 -22.36
N LEU B 380 -10.50 23.79 -22.53
CA LEU B 380 -11.93 23.66 -22.26
C LEU B 380 -12.12 22.58 -21.20
N ASP B 381 -12.52 22.98 -20.00
CA ASP B 381 -12.63 22.12 -18.84
C ASP B 381 -14.09 21.92 -18.50
N LEU B 382 -14.62 20.74 -18.81
CA LEU B 382 -15.97 20.35 -18.43
C LEU B 382 -15.97 19.16 -17.47
N GLY B 383 -14.94 19.05 -16.63
CA GLY B 383 -14.89 17.96 -15.66
C GLY B 383 -15.94 18.08 -14.56
N THR B 384 -16.17 16.96 -13.87
CA THR B 384 -17.06 16.90 -12.70
C THR B 384 -18.45 17.46 -13.01
N ASN B 385 -19.08 16.87 -14.03
CA ASN B 385 -20.40 17.28 -14.48
C ASN B 385 -21.38 16.12 -14.53
N PHE B 386 -20.95 14.90 -14.20
CA PHE B 386 -21.78 13.69 -14.25
C PHE B 386 -22.40 13.51 -15.65
N ILE B 387 -21.64 13.85 -16.68
CA ILE B 387 -22.07 13.64 -18.05
C ILE B 387 -22.14 12.15 -18.35
N LYS B 388 -23.30 11.66 -18.79
CA LYS B 388 -23.43 10.26 -19.19
C LYS B 388 -23.16 10.03 -20.67
N ILE B 389 -23.43 11.01 -21.53
CA ILE B 389 -23.34 10.81 -22.97
C ILE B 389 -22.59 11.97 -23.60
N ALA B 390 -21.58 11.65 -24.39
CA ALA B 390 -20.83 12.64 -25.15
C ALA B 390 -20.24 11.94 -26.36
N ASN B 391 -20.61 12.40 -27.54
CA ASN B 391 -20.00 11.89 -28.76
C ASN B 391 -18.65 12.60 -28.90
N LEU B 392 -17.55 11.87 -28.71
CA LEU B 392 -16.23 12.50 -28.70
C LEU B 392 -15.88 13.13 -30.03
N SER B 393 -16.55 12.75 -31.12
CA SER B 393 -16.24 13.32 -32.43
C SER B 393 -16.54 14.80 -32.50
N MET B 394 -17.38 15.32 -31.61
CA MET B 394 -17.69 16.74 -31.60
C MET B 394 -16.45 17.62 -31.45
N PHE B 395 -15.36 17.08 -30.93
CA PHE B 395 -14.15 17.86 -30.71
C PHE B 395 -13.26 17.94 -31.95
N LYS B 396 -13.73 17.42 -33.09
CA LYS B 396 -13.05 17.71 -34.36
C LYS B 396 -13.03 19.21 -34.66
N GLN B 397 -14.02 19.96 -34.15
CA GLN B 397 -14.09 21.40 -34.31
C GLN B 397 -13.23 22.16 -33.30
N PHE B 398 -12.39 21.45 -32.54
CA PHE B 398 -11.60 22.08 -31.49
C PHE B 398 -10.14 21.66 -31.58
N LYS B 399 -9.67 21.42 -32.81
CA LYS B 399 -8.29 20.98 -33.01
C LYS B 399 -7.28 21.99 -32.48
N ARG B 400 -7.65 23.27 -32.41
CA ARG B 400 -6.72 24.28 -31.95
C ARG B 400 -6.45 24.17 -30.46
N LEU B 401 -7.34 23.51 -29.71
CA LEU B 401 -7.22 23.50 -28.25
C LEU B 401 -6.00 22.71 -27.82
N LYS B 402 -5.49 23.05 -26.64
CA LYS B 402 -4.41 22.29 -26.05
C LYS B 402 -4.94 21.18 -25.15
N VAL B 403 -5.98 21.46 -24.37
CA VAL B 403 -6.54 20.48 -23.42
C VAL B 403 -8.06 20.54 -23.50
N ILE B 404 -8.67 19.37 -23.69
CA ILE B 404 -10.10 19.17 -23.57
C ILE B 404 -10.29 18.27 -22.36
N ASP B 405 -10.84 18.81 -21.27
CA ASP B 405 -10.85 18.11 -19.99
C ASP B 405 -12.26 17.64 -19.69
N LEU B 406 -12.48 16.31 -19.84
CA LEU B 406 -13.72 15.66 -19.45
C LEU B 406 -13.53 14.75 -18.24
N SER B 407 -12.48 15.01 -17.44
CA SER B 407 -12.16 14.19 -16.29
C SER B 407 -13.33 14.12 -15.31
N VAL B 408 -13.48 12.97 -14.65
CA VAL B 408 -14.48 12.79 -13.61
C VAL B 408 -15.87 13.06 -14.16
N ASN B 409 -16.32 12.20 -15.06
CA ASN B 409 -17.71 12.25 -15.53
C ASN B 409 -18.23 10.82 -15.53
N LYS B 410 -19.37 10.58 -16.16
CA LYS B 410 -19.97 9.25 -16.21
C LYS B 410 -20.12 8.78 -17.64
N ILE B 411 -19.16 9.12 -18.49
CA ILE B 411 -19.27 8.82 -19.91
C ILE B 411 -19.09 7.32 -20.14
N SER B 412 -20.01 6.73 -20.90
CA SER B 412 -19.91 5.33 -21.31
C SER B 412 -20.59 5.17 -22.66
N PRO B 413 -20.30 4.09 -23.39
CA PRO B 413 -21.06 3.90 -24.63
C PRO B 413 -22.45 3.33 -24.34
N VAL B 437 -2.38 21.54 -14.33
CA VAL B 437 -3.21 20.64 -13.54
C VAL B 437 -3.59 21.25 -12.18
N LEU B 438 -4.90 21.41 -11.93
CA LEU B 438 -5.37 21.99 -10.68
C LEU B 438 -5.26 21.00 -9.53
N GLU B 439 -5.04 21.52 -8.32
CA GLU B 439 -4.93 20.70 -7.12
C GLU B 439 -6.19 19.85 -6.91
N GLN B 440 -6.03 18.74 -6.19
CA GLN B 440 -7.13 17.79 -5.99
C GLN B 440 -8.30 18.45 -5.26
N LEU B 441 -8.00 19.22 -4.23
CA LEU B 441 -8.95 20.13 -3.63
C LEU B 441 -8.59 21.50 -4.21
N TYR B 442 -9.54 22.10 -4.92
CA TYR B 442 -9.29 23.34 -5.65
C TYR B 442 -10.51 24.25 -5.53
N TYR B 443 -11.67 23.77 -5.99
CA TYR B 443 -12.88 24.57 -5.89
C TYR B 443 -13.50 24.54 -4.51
N PHE B 444 -13.17 23.53 -3.69
CA PHE B 444 -13.85 23.41 -2.41
C PHE B 444 -13.01 23.76 -1.20
N ARG B 445 -11.69 23.87 -1.33
CA ARG B 445 -10.91 24.15 -0.13
C ARG B 445 -11.06 25.62 0.30
N TYR B 446 -10.78 25.84 1.58
CA TYR B 446 -11.08 27.13 2.21
C TYR B 446 -10.25 28.24 1.59
N ASP B 447 -8.92 28.07 1.54
CA ASP B 447 -8.02 29.10 1.01
C ASP B 447 -6.94 28.41 0.18
N LYS B 448 -7.15 28.42 -1.14
CA LYS B 448 -6.24 27.76 -2.07
C LYS B 448 -4.87 28.40 -2.09
N TYR B 449 -4.74 29.62 -1.59
CA TYR B 449 -3.49 30.35 -1.54
C TYR B 449 -2.89 30.41 -0.14
N ALA B 450 -3.36 29.61 0.80
CA ALA B 450 -2.80 29.66 2.14
C ALA B 450 -1.32 29.28 2.11
N ARG B 451 -0.50 30.05 2.80
CA ARG B 451 0.94 29.84 2.83
C ARG B 451 1.26 28.88 3.97
N SER B 452 2.24 28.00 3.76
CA SER B 452 2.65 27.04 4.78
C SER B 452 3.95 27.46 5.45
N CYS B 453 4.19 26.90 6.63
CA CYS B 453 5.46 27.11 7.31
C CYS B 453 6.60 26.43 6.55
N SER B 468 2.69 14.31 -16.41
CA SER B 468 1.67 14.97 -17.23
C SER B 468 2.04 14.97 -18.71
N CYS B 469 1.02 14.89 -19.57
CA CYS B 469 1.21 14.67 -21.00
C CYS B 469 0.86 15.89 -21.86
N TYR B 470 0.48 17.01 -21.24
CA TYR B 470 0.05 18.17 -22.02
C TYR B 470 1.11 18.62 -23.01
N LYS B 471 2.39 18.50 -22.64
CA LYS B 471 3.48 18.99 -23.46
C LYS B 471 3.60 18.22 -24.78
N TYR B 472 2.93 17.08 -24.92
CA TYR B 472 2.99 16.33 -26.17
C TYR B 472 2.07 16.90 -27.25
N GLY B 473 1.13 17.78 -26.90
CA GLY B 473 0.21 18.31 -27.88
C GLY B 473 -1.26 18.21 -27.48
N GLN B 474 -2.16 18.17 -28.46
CA GLN B 474 -3.59 18.13 -28.19
C GLN B 474 -3.93 16.96 -27.27
N THR B 475 -4.61 17.27 -26.17
CA THR B 475 -4.91 16.29 -25.11
C THR B 475 -6.41 16.15 -24.91
N LEU B 476 -6.89 14.93 -24.95
CA LEU B 476 -8.26 14.63 -24.59
C LEU B 476 -8.22 13.85 -23.28
N ASP B 477 -8.76 14.45 -22.21
CA ASP B 477 -8.71 13.86 -20.86
C ASP B 477 -10.06 13.25 -20.53
N LEU B 478 -10.17 11.93 -20.71
CA LEU B 478 -11.37 11.20 -20.34
C LEU B 478 -11.15 10.38 -19.06
N SER B 479 -10.17 10.75 -18.24
CA SER B 479 -9.85 9.92 -17.08
C SER B 479 -11.02 9.93 -16.11
N LYS B 480 -11.15 8.84 -15.34
CA LYS B 480 -12.17 8.74 -14.32
C LYS B 480 -13.56 8.89 -14.94
N ASN B 481 -13.80 8.12 -16.00
CA ASN B 481 -15.15 8.02 -16.52
C ASN B 481 -15.62 6.57 -16.39
N SER B 482 -16.70 6.24 -17.07
CA SER B 482 -17.27 4.89 -17.01
C SER B 482 -17.17 4.16 -18.34
N ILE B 483 -16.11 4.41 -19.10
CA ILE B 483 -15.96 3.77 -20.40
C ILE B 483 -15.56 2.31 -20.16
N PHE B 484 -16.45 1.38 -20.51
CA PHE B 484 -16.17 -0.04 -20.32
C PHE B 484 -15.80 -0.78 -21.59
N PHE B 485 -16.09 -0.23 -22.76
CA PHE B 485 -15.72 -0.85 -24.03
C PHE B 485 -15.36 0.25 -25.02
N ILE B 486 -14.27 0.06 -25.75
CA ILE B 486 -13.87 1.01 -26.78
C ILE B 486 -13.83 0.32 -28.13
N LYS B 487 -14.11 1.11 -29.16
CA LYS B 487 -14.09 0.68 -30.55
C LYS B 487 -13.60 1.85 -31.39
N SER B 488 -13.08 1.53 -32.59
CA SER B 488 -12.43 2.54 -33.41
C SER B 488 -13.34 3.73 -33.69
N SER B 489 -14.65 3.47 -33.91
CA SER B 489 -15.54 4.57 -34.27
C SER B 489 -15.63 5.62 -33.18
N ASP B 490 -15.39 5.23 -31.92
CA ASP B 490 -15.39 6.18 -30.82
C ASP B 490 -14.41 7.32 -31.02
N PHE B 491 -13.38 7.12 -31.83
CA PHE B 491 -12.37 8.14 -32.06
C PHE B 491 -12.39 8.73 -33.47
N GLN B 492 -13.51 8.61 -34.18
CA GLN B 492 -13.54 9.18 -35.53
C GLN B 492 -13.49 10.69 -35.50
N HIS B 493 -12.70 11.20 -36.46
CA HIS B 493 -12.23 12.59 -36.63
C HIS B 493 -11.36 13.10 -35.48
N LEU B 494 -10.71 12.22 -34.70
CA LEU B 494 -9.81 12.67 -33.63
C LEU B 494 -8.34 12.32 -33.93
N SER B 495 -7.97 12.25 -35.22
CA SER B 495 -6.62 11.85 -35.57
C SER B 495 -5.58 12.89 -35.14
N PHE B 496 -6.00 14.12 -34.84
CA PHE B 496 -5.07 15.15 -34.42
C PHE B 496 -4.55 14.96 -33.00
N LEU B 497 -5.14 14.06 -32.21
CA LEU B 497 -4.82 13.94 -30.79
C LEU B 497 -3.39 13.47 -30.59
N LYS B 498 -2.68 14.14 -29.68
CA LYS B 498 -1.34 13.75 -29.28
C LYS B 498 -1.29 12.99 -27.94
N CYS B 499 -2.25 13.24 -27.05
CA CYS B 499 -2.29 12.55 -25.76
C CYS B 499 -3.74 12.22 -25.45
N LEU B 500 -3.99 10.94 -25.11
CA LEU B 500 -5.30 10.47 -24.69
C LEU B 500 -5.18 9.90 -23.28
N ASN B 501 -5.98 10.42 -22.36
CA ASN B 501 -5.98 9.94 -20.98
C ASN B 501 -7.24 9.11 -20.75
N LEU B 502 -7.08 7.78 -20.71
CA LEU B 502 -8.18 6.88 -20.38
C LEU B 502 -8.05 6.29 -18.97
N SER B 503 -7.17 6.85 -18.15
CA SER B 503 -6.92 6.32 -16.81
C SER B 503 -8.20 6.27 -15.98
N GLY B 504 -8.39 5.18 -15.24
CA GLY B 504 -9.51 5.15 -14.32
C GLY B 504 -10.86 4.98 -14.99
N ASN B 505 -10.91 4.26 -16.10
CA ASN B 505 -12.18 3.87 -16.67
C ASN B 505 -12.46 2.42 -16.28
N LEU B 506 -13.30 1.73 -17.04
CA LEU B 506 -13.72 0.38 -16.69
C LEU B 506 -13.42 -0.59 -17.83
N ILE B 507 -12.32 -0.34 -18.54
CA ILE B 507 -12.05 -1.04 -19.79
C ILE B 507 -11.48 -2.42 -19.46
N SER B 508 -12.26 -3.47 -19.76
CA SER B 508 -11.95 -4.85 -19.40
C SER B 508 -12.05 -5.70 -20.66
N GLN B 509 -11.04 -5.62 -21.51
CA GLN B 509 -11.18 -5.94 -22.93
C GLN B 509 -9.87 -6.50 -23.44
N THR B 510 -9.95 -7.46 -24.36
CA THR B 510 -8.76 -7.95 -25.05
C THR B 510 -8.54 -7.07 -26.28
N LEU B 511 -7.61 -6.12 -26.16
CA LEU B 511 -7.24 -5.29 -27.29
C LEU B 511 -6.50 -6.13 -28.33
N ASN B 512 -6.85 -5.94 -29.60
CA ASN B 512 -6.27 -6.72 -30.69
C ASN B 512 -5.61 -5.85 -31.74
N GLY B 513 -5.43 -4.56 -31.45
CA GLY B 513 -4.82 -3.65 -32.37
C GLY B 513 -5.80 -2.89 -33.24
N SER B 514 -7.11 -3.05 -33.00
CA SER B 514 -8.12 -2.41 -33.82
C SER B 514 -8.86 -1.28 -33.11
N GLU B 515 -8.68 -1.13 -31.79
CA GLU B 515 -9.54 -0.22 -31.05
C GLU B 515 -9.19 1.25 -31.24
N PHE B 516 -7.96 1.56 -31.66
CA PHE B 516 -7.52 2.94 -31.75
C PHE B 516 -7.16 3.39 -33.18
N GLN B 517 -7.76 2.79 -34.22
CA GLN B 517 -7.35 3.11 -35.59
C GLN B 517 -7.25 4.59 -35.90
N PRO B 518 -8.25 5.44 -35.59
CA PRO B 518 -8.16 6.85 -36.03
C PRO B 518 -7.02 7.62 -35.39
N LEU B 519 -6.43 7.13 -34.30
CA LEU B 519 -5.48 7.92 -33.52
C LEU B 519 -4.08 7.79 -34.10
N ALA B 520 -3.95 8.32 -35.32
CA ALA B 520 -2.71 8.14 -36.08
C ALA B 520 -1.56 8.98 -35.56
N GLU B 521 -1.85 10.07 -34.86
CA GLU B 521 -0.81 10.98 -34.37
C GLU B 521 -0.48 10.78 -32.90
N LEU B 522 -1.14 9.85 -32.20
CA LEU B 522 -1.05 9.76 -30.75
C LEU B 522 0.37 9.46 -30.30
N ARG B 523 0.91 10.34 -29.44
CA ARG B 523 2.21 10.14 -28.82
C ARG B 523 2.13 9.61 -27.39
N TYR B 524 1.02 9.83 -26.69
CA TYR B 524 0.90 9.45 -25.28
C TYR B 524 -0.46 8.83 -25.04
N LEU B 525 -0.47 7.61 -24.48
CA LEU B 525 -1.69 6.95 -24.05
C LEU B 525 -1.56 6.59 -22.57
N ASP B 526 -2.44 7.16 -21.73
CA ASP B 526 -2.53 6.78 -20.32
C ASP B 526 -3.69 5.79 -20.22
N PHE B 527 -3.34 4.51 -20.08
CA PHE B 527 -4.33 3.45 -19.92
C PHE B 527 -4.34 2.92 -18.48
N SER B 528 -3.75 3.66 -17.54
CA SER B 528 -3.58 3.13 -16.18
C SER B 528 -4.93 2.99 -15.49
N ASN B 529 -4.99 2.10 -14.50
CA ASN B 529 -6.21 1.90 -13.70
C ASN B 529 -7.40 1.51 -14.59
N ASN B 530 -7.18 0.51 -15.44
CA ASN B 530 -8.25 -0.15 -16.17
C ASN B 530 -8.11 -1.64 -15.88
N ARG B 531 -8.63 -2.49 -16.78
CA ARG B 531 -8.48 -3.94 -16.66
C ARG B 531 -8.02 -4.53 -17.98
N LEU B 532 -6.88 -4.04 -18.46
CA LEU B 532 -6.27 -4.55 -19.68
C LEU B 532 -6.14 -6.07 -19.64
N ASP B 533 -6.56 -6.73 -20.72
CA ASP B 533 -6.34 -8.16 -20.90
C ASP B 533 -5.40 -8.35 -22.09
N LEU B 534 -4.14 -8.70 -21.80
CA LEU B 534 -3.10 -8.87 -22.81
C LEU B 534 -3.08 -10.27 -23.40
N LEU B 535 -4.23 -10.72 -23.92
CA LEU B 535 -4.27 -12.02 -24.60
C LEU B 535 -3.54 -11.95 -25.94
N HIS B 536 -3.58 -10.81 -26.62
CA HIS B 536 -2.99 -10.67 -27.94
C HIS B 536 -1.78 -9.76 -27.88
N SER B 537 -0.67 -10.22 -28.47
CA SER B 537 0.51 -9.36 -28.58
C SER B 537 0.35 -8.25 -29.62
N THR B 538 -0.77 -8.18 -30.31
CA THR B 538 -1.02 -7.09 -31.24
C THR B 538 -1.69 -5.91 -30.55
N ALA B 539 -1.93 -5.98 -29.25
CA ALA B 539 -2.48 -4.85 -28.51
C ALA B 539 -1.67 -3.58 -28.76
N PHE B 540 -2.37 -2.48 -29.02
CA PHE B 540 -1.81 -1.14 -29.19
C PHE B 540 -1.02 -0.94 -30.48
N GLU B 541 -0.87 -1.96 -31.33
CA GLU B 541 0.05 -1.81 -32.46
C GLU B 541 -0.40 -0.77 -33.47
N GLU B 542 -1.69 -0.44 -33.52
CA GLU B 542 -2.15 0.57 -34.46
C GLU B 542 -1.75 1.98 -34.07
N LEU B 543 -1.23 2.19 -32.86
CA LEU B 543 -0.78 3.52 -32.46
C LEU B 543 0.68 3.64 -32.85
N ARG B 544 0.86 3.98 -34.13
CA ARG B 544 2.11 3.86 -34.86
C ARG B 544 3.13 4.90 -34.39
N LYS B 545 2.66 6.02 -33.82
CA LYS B 545 3.52 7.10 -33.33
C LYS B 545 3.57 7.17 -31.80
N LEU B 546 3.16 6.10 -31.12
CA LEU B 546 3.13 6.08 -29.65
C LEU B 546 4.54 6.11 -29.08
N GLU B 547 4.82 7.09 -28.22
CA GLU B 547 6.11 7.17 -27.52
C GLU B 547 6.03 6.79 -26.05
N VAL B 548 4.92 7.05 -25.37
CA VAL B 548 4.75 6.73 -23.95
C VAL B 548 3.46 5.94 -23.79
N LEU B 549 3.54 4.79 -23.12
CA LEU B 549 2.36 3.98 -22.82
C LEU B 549 2.34 3.66 -21.33
N ASP B 550 1.23 3.99 -20.66
CA ASP B 550 1.06 3.71 -19.24
C ASP B 550 -0.03 2.66 -19.09
N ILE B 551 0.37 1.42 -18.78
CA ILE B 551 -0.63 0.39 -18.46
C ILE B 551 -0.47 -0.02 -17.00
N SER B 552 -0.09 0.93 -16.14
CA SER B 552 0.03 0.62 -14.72
C SER B 552 -1.34 0.38 -14.08
N SER B 553 -1.33 -0.37 -12.98
CA SER B 553 -2.53 -0.60 -12.20
C SER B 553 -3.64 -1.22 -13.06
N ASN B 554 -3.26 -2.14 -13.94
CA ASN B 554 -4.19 -3.01 -14.65
C ASN B 554 -3.95 -4.43 -14.14
N SER B 555 -3.90 -4.60 -12.82
CA SER B 555 -3.51 -5.89 -12.24
C SER B 555 -4.62 -6.95 -12.35
N HIS B 556 -5.84 -6.56 -12.70
CA HIS B 556 -6.99 -7.43 -12.51
C HIS B 556 -6.79 -8.82 -13.13
N TYR B 557 -6.50 -8.88 -14.44
CA TYR B 557 -6.37 -10.18 -15.08
C TYR B 557 -5.05 -10.85 -14.76
N PHE B 558 -4.09 -10.11 -14.24
CA PHE B 558 -2.84 -10.70 -13.80
C PHE B 558 -2.96 -11.43 -12.48
N GLN B 559 -4.10 -11.31 -11.79
CA GLN B 559 -4.24 -11.83 -10.44
C GLN B 559 -4.87 -13.21 -10.37
N SER B 560 -5.24 -13.81 -11.49
CA SER B 560 -5.92 -15.10 -11.47
C SER B 560 -5.18 -16.09 -12.34
N GLU B 561 -4.99 -17.30 -11.82
CA GLU B 561 -4.26 -18.33 -12.54
C GLU B 561 -5.02 -18.77 -13.80
N GLY B 562 -4.26 -19.27 -14.79
CA GLY B 562 -4.80 -19.79 -16.02
C GLY B 562 -4.91 -18.79 -17.17
N ILE B 563 -4.89 -17.49 -16.88
CA ILE B 563 -5.09 -16.45 -17.88
C ILE B 563 -3.78 -16.17 -18.63
N THR B 564 -3.86 -16.08 -19.95
CA THR B 564 -2.69 -15.85 -20.80
C THR B 564 -2.32 -14.37 -20.85
N HIS B 565 -1.03 -14.08 -20.76
CA HIS B 565 -0.50 -12.72 -20.82
C HIS B 565 0.63 -12.69 -21.83
N MET B 566 0.51 -11.82 -22.84
CA MET B 566 1.55 -11.66 -23.85
C MET B 566 2.31 -10.38 -23.53
N LEU B 567 3.44 -10.51 -22.82
CA LEU B 567 4.25 -9.35 -22.50
C LEU B 567 5.10 -8.89 -23.66
N ASN B 568 5.17 -9.62 -24.77
CA ASN B 568 5.95 -9.20 -25.93
C ASN B 568 5.18 -8.33 -26.89
N PHE B 569 4.07 -7.74 -26.45
CA PHE B 569 3.30 -6.84 -27.29
C PHE B 569 4.07 -5.58 -27.70
N THR B 570 5.25 -5.35 -27.11
CA THR B 570 6.04 -4.15 -27.37
C THR B 570 6.72 -4.16 -28.73
N LYS B 571 6.90 -5.35 -29.32
CA LYS B 571 7.72 -5.49 -30.51
C LYS B 571 7.18 -4.65 -31.66
N ASN B 572 5.87 -4.49 -31.75
CA ASN B 572 5.22 -3.80 -32.87
C ASN B 572 5.20 -2.28 -32.72
N LEU B 573 5.59 -1.73 -31.56
CA LEU B 573 5.57 -0.28 -31.32
C LEU B 573 6.96 0.28 -31.56
N LYS B 574 7.16 0.85 -32.76
CA LYS B 574 8.50 1.12 -33.25
C LYS B 574 9.07 2.46 -32.79
N VAL B 575 8.27 3.36 -32.24
CA VAL B 575 8.83 4.59 -31.68
C VAL B 575 8.57 4.71 -30.18
N LEU B 576 8.12 3.63 -29.53
CA LEU B 576 7.83 3.65 -28.10
C LEU B 576 9.10 3.93 -27.31
N GLN B 577 9.07 4.98 -26.48
CA GLN B 577 10.22 5.39 -25.67
C GLN B 577 10.11 4.96 -24.22
N LYS B 578 8.91 5.02 -23.64
CA LYS B 578 8.70 4.77 -22.22
C LYS B 578 7.47 3.89 -22.05
N LEU B 579 7.62 2.81 -21.28
CA LEU B 579 6.53 1.91 -20.96
C LEU B 579 6.44 1.81 -19.46
N MET B 580 5.26 2.09 -18.90
CA MET B 580 5.03 1.93 -17.46
C MET B 580 4.04 0.80 -17.25
N MET B 581 4.45 -0.24 -16.53
CA MET B 581 3.54 -1.30 -16.15
C MET B 581 3.73 -1.60 -14.67
N ASN B 582 3.58 -0.54 -13.87
CA ASN B 582 3.72 -0.66 -12.44
C ASN B 582 2.47 -1.26 -11.83
N ASP B 583 2.66 -1.94 -10.70
CA ASP B 583 1.56 -2.35 -9.83
C ASP B 583 0.55 -3.22 -10.57
N ASN B 584 1.04 -4.10 -11.41
CA ASN B 584 0.18 -5.00 -12.16
C ASN B 584 0.16 -6.40 -11.58
N ASP B 585 0.94 -6.64 -10.52
CA ASP B 585 0.97 -7.95 -9.85
C ASP B 585 1.43 -9.06 -10.80
N ILE B 586 2.27 -8.72 -11.79
CA ILE B 586 2.63 -9.69 -12.83
C ILE B 586 3.51 -10.78 -12.24
N SER B 587 3.03 -12.01 -12.31
CA SER B 587 3.76 -13.13 -11.74
C SER B 587 3.91 -14.27 -12.72
N SER B 588 3.39 -14.12 -13.93
CA SER B 588 3.45 -15.15 -14.96
C SER B 588 3.41 -14.48 -16.32
N SER B 589 4.01 -15.13 -17.31
CA SER B 589 3.93 -14.61 -18.67
C SER B 589 3.99 -15.77 -19.65
N THR B 590 3.15 -15.69 -20.68
CA THR B 590 3.22 -16.69 -21.75
C THR B 590 4.48 -16.50 -22.58
N SER B 591 4.84 -15.25 -22.91
CA SER B 591 6.10 -15.01 -23.58
C SER B 591 7.23 -14.87 -22.57
N ARG B 592 8.41 -15.32 -22.99
CA ARG B 592 9.57 -15.39 -22.13
C ARG B 592 10.54 -14.23 -22.34
N THR B 593 10.29 -13.38 -23.33
CA THR B 593 11.12 -12.22 -23.61
C THR B 593 10.25 -11.06 -24.04
N MET B 594 10.54 -9.88 -23.50
CA MET B 594 9.98 -8.65 -24.05
C MET B 594 10.94 -8.10 -25.09
N GLU B 595 10.37 -7.54 -26.17
CA GLU B 595 11.16 -7.15 -27.34
C GLU B 595 10.83 -5.71 -27.72
N SER B 596 11.87 -4.91 -27.99
CA SER B 596 11.70 -3.57 -28.54
C SER B 596 13.03 -3.07 -29.02
N GLU B 597 13.02 -2.41 -30.18
CA GLU B 597 14.22 -1.75 -30.69
C GLU B 597 14.31 -0.29 -30.24
N SER B 598 13.26 0.23 -29.61
CA SER B 598 13.17 1.65 -29.29
C SER B 598 13.09 1.98 -27.81
N LEU B 599 12.63 1.07 -26.97
CA LEU B 599 12.30 1.43 -25.59
C LEU B 599 13.54 1.86 -24.81
N ARG B 600 13.45 3.02 -24.12
CA ARG B 600 14.54 3.46 -23.28
C ARG B 600 14.26 3.32 -21.79
N THR B 601 12.98 3.40 -21.39
CA THR B 601 12.58 3.40 -19.99
C THR B 601 11.49 2.38 -19.77
N LEU B 602 11.68 1.47 -18.80
CA LEU B 602 10.65 0.53 -18.39
C LEU B 602 10.44 0.61 -16.87
N GLU B 603 9.22 0.98 -16.47
CA GLU B 603 8.82 0.92 -15.07
C GLU B 603 8.03 -0.38 -14.86
N PHE B 604 8.56 -1.23 -13.97
CA PHE B 604 8.05 -2.57 -13.69
C PHE B 604 7.89 -2.74 -12.19
N ARG B 605 7.57 -1.66 -11.49
CA ARG B 605 7.51 -1.65 -10.04
C ARG B 605 6.21 -2.30 -9.56
N GLY B 606 6.27 -2.99 -8.41
CA GLY B 606 5.04 -3.53 -7.87
C GLY B 606 4.52 -4.73 -8.64
N ASN B 607 5.41 -5.61 -9.08
CA ASN B 607 5.06 -6.87 -9.73
C ASN B 607 5.67 -8.02 -8.93
N HIS B 608 5.70 -9.22 -9.50
CA HIS B 608 6.17 -10.40 -8.77
C HIS B 608 7.25 -11.12 -9.58
N LEU B 609 8.32 -10.38 -9.89
CA LEU B 609 9.51 -11.00 -10.47
C LEU B 609 10.07 -12.07 -9.55
N ASP B 610 9.79 -12.01 -8.26
CA ASP B 610 10.23 -13.08 -7.38
C ASP B 610 9.60 -14.41 -7.78
N VAL B 611 8.33 -14.38 -8.21
CA VAL B 611 7.68 -15.61 -8.68
C VAL B 611 8.20 -15.99 -10.06
N LEU B 612 8.25 -15.03 -10.99
CA LEU B 612 8.75 -15.28 -12.34
C LEU B 612 10.14 -15.88 -12.32
N TRP B 613 10.99 -15.41 -11.42
CA TRP B 613 12.38 -15.86 -11.34
C TRP B 613 12.58 -16.88 -10.24
N ARG B 614 11.54 -17.63 -9.86
CA ARG B 614 11.65 -18.66 -8.82
C ARG B 614 12.91 -19.49 -9.02
N ASP B 615 13.65 -19.69 -7.93
CA ASP B 615 14.93 -20.39 -8.02
C ASP B 615 14.72 -21.79 -8.59
N GLY B 616 15.49 -22.13 -9.63
CA GLY B 616 15.32 -23.35 -10.39
C GLY B 616 14.56 -23.21 -11.68
N ASP B 617 13.86 -22.10 -11.91
CA ASP B 617 13.16 -21.81 -13.16
C ASP B 617 13.97 -20.73 -13.91
N ASN B 618 14.60 -21.11 -15.01
CA ASN B 618 15.46 -20.21 -15.77
C ASN B 618 14.75 -19.54 -16.94
N ARG B 619 13.46 -19.81 -17.13
CA ARG B 619 12.81 -19.46 -18.39
C ARG B 619 12.66 -17.95 -18.60
N TYR B 620 12.61 -17.16 -17.52
CA TYR B 620 12.32 -15.74 -17.65
C TYR B 620 13.51 -14.86 -17.31
N LEU B 621 14.70 -15.45 -17.11
CA LEU B 621 15.89 -14.73 -16.70
C LEU B 621 16.41 -13.76 -17.78
N GLN B 622 15.84 -13.78 -18.99
CA GLN B 622 16.20 -12.80 -20.01
C GLN B 622 15.00 -12.00 -20.47
N LEU B 623 14.00 -11.87 -19.58
CA LEU B 623 12.77 -11.16 -19.91
C LEU B 623 13.05 -9.78 -20.52
N PHE B 624 14.03 -9.05 -19.99
CA PHE B 624 14.32 -7.70 -20.46
C PHE B 624 15.52 -7.63 -21.41
N LYS B 625 16.17 -8.77 -21.70
CA LYS B 625 17.48 -8.77 -22.37
C LYS B 625 17.44 -8.18 -23.76
N ASN B 626 16.34 -8.36 -24.48
CA ASN B 626 16.23 -7.91 -25.87
C ASN B 626 15.56 -6.55 -26.00
N LEU B 627 15.48 -5.79 -24.90
CA LEU B 627 15.15 -4.35 -24.96
C LEU B 627 16.45 -3.58 -25.14
N LEU B 628 16.94 -3.55 -26.38
CA LEU B 628 18.35 -3.25 -26.58
C LEU B 628 18.69 -1.79 -26.32
N LYS B 629 17.75 -0.87 -26.44
CA LYS B 629 18.05 0.52 -26.11
C LYS B 629 17.59 0.93 -24.72
N LEU B 630 17.20 -0.03 -23.87
CA LEU B 630 16.72 0.29 -22.54
C LEU B 630 17.85 0.88 -21.70
N GLU B 631 17.60 2.04 -21.10
CA GLU B 631 18.58 2.65 -20.20
C GLU B 631 18.12 2.73 -18.74
N GLU B 632 16.82 2.70 -18.48
CA GLU B 632 16.29 2.84 -17.13
C GLU B 632 15.30 1.71 -16.88
N LEU B 633 15.52 0.98 -15.79
CA LEU B 633 14.66 -0.15 -15.42
C LEU B 633 14.36 -0.02 -13.93
N ASP B 634 13.08 0.09 -13.60
CA ASP B 634 12.63 0.15 -12.22
C ASP B 634 12.01 -1.21 -11.87
N ILE B 635 12.75 -2.04 -11.12
CA ILE B 635 12.14 -3.26 -10.64
C ILE B 635 12.19 -3.28 -9.11
N SER B 636 11.88 -2.13 -8.51
CA SER B 636 11.66 -2.07 -7.09
C SER B 636 10.33 -2.76 -6.75
N LYS B 637 10.11 -3.05 -5.47
CA LYS B 637 8.83 -3.57 -4.99
C LYS B 637 8.41 -4.80 -5.78
N ASN B 638 9.32 -5.75 -5.94
CA ASN B 638 9.00 -6.99 -6.64
C ASN B 638 9.20 -8.19 -5.72
N SER B 639 9.25 -7.95 -4.41
CA SER B 639 9.46 -8.98 -3.39
C SER B 639 10.74 -9.78 -3.66
N LEU B 640 11.74 -9.17 -4.30
CA LEU B 640 12.98 -9.89 -4.62
C LEU B 640 13.89 -9.96 -3.40
N SER B 641 13.77 -11.01 -2.60
CA SER B 641 14.62 -11.15 -1.42
C SER B 641 16.03 -11.64 -1.75
N PHE B 642 16.20 -12.23 -2.92
CA PHE B 642 17.51 -12.49 -3.49
C PHE B 642 17.36 -12.33 -4.98
N LEU B 643 18.48 -12.17 -5.68
CA LEU B 643 18.49 -12.19 -7.15
C LEU B 643 19.08 -13.51 -7.62
N PRO B 644 18.33 -14.34 -8.33
CA PRO B 644 18.93 -15.58 -8.87
C PRO B 644 20.11 -15.24 -9.78
N SER B 645 21.14 -16.09 -9.74
CA SER B 645 22.22 -15.90 -10.70
C SER B 645 21.63 -16.02 -12.10
N GLY B 646 22.08 -15.16 -12.99
CA GLY B 646 21.53 -15.03 -14.31
C GLY B 646 20.73 -13.76 -14.51
N VAL B 647 20.29 -13.12 -13.42
CA VAL B 647 19.53 -11.89 -13.58
C VAL B 647 20.39 -10.81 -14.24
N PHE B 648 21.62 -10.63 -13.74
CA PHE B 648 22.44 -9.52 -14.21
C PHE B 648 22.96 -9.76 -15.63
N ASP B 649 23.36 -11.00 -15.93
CA ASP B 649 23.72 -11.35 -17.29
C ASP B 649 22.54 -11.18 -18.24
N GLY B 650 21.32 -11.37 -17.73
CA GLY B 650 20.13 -11.17 -18.53
C GLY B 650 19.72 -9.74 -18.75
N MET B 651 20.44 -8.77 -18.18
CA MET B 651 20.06 -7.38 -18.39
C MET B 651 20.47 -6.90 -19.79
N PRO B 652 19.72 -5.98 -20.38
CA PRO B 652 20.09 -5.45 -21.70
C PRO B 652 21.38 -4.66 -21.59
N PRO B 653 22.10 -4.46 -22.70
CA PRO B 653 23.50 -4.01 -22.60
C PRO B 653 23.70 -2.55 -22.24
N ASN B 654 22.71 -1.68 -22.50
CA ASN B 654 22.88 -0.25 -22.32
C ASN B 654 22.27 0.26 -21.01
N LEU B 655 21.96 -0.61 -20.06
CA LEU B 655 21.28 -0.21 -18.83
C LEU B 655 22.12 0.79 -18.02
N LYS B 656 21.53 1.94 -17.72
CA LYS B 656 22.18 3.02 -16.97
C LYS B 656 21.62 3.20 -15.56
N ASN B 657 20.30 3.23 -15.41
N ASN B 657 20.29 3.22 -15.42
CA ASN B 657 19.65 3.50 -14.13
CA ASN B 657 19.59 3.49 -14.18
C ASN B 657 18.83 2.29 -13.73
C ASN B 657 18.84 2.23 -13.78
N LEU B 658 19.26 1.58 -12.69
CA LEU B 658 18.59 0.38 -12.19
C LEU B 658 18.13 0.57 -10.75
N SER B 659 16.83 0.41 -10.51
CA SER B 659 16.32 0.41 -9.14
C SER B 659 15.90 -0.98 -8.72
N LEU B 660 16.49 -1.43 -7.61
CA LEU B 660 16.11 -2.65 -6.91
C LEU B 660 15.58 -2.32 -5.52
N ALA B 661 15.04 -1.11 -5.36
CA ALA B 661 14.63 -0.64 -4.04
C ALA B 661 13.44 -1.44 -3.49
N LYS B 662 13.30 -1.43 -2.17
CA LYS B 662 12.08 -1.92 -1.52
C LYS B 662 11.76 -3.36 -1.94
N ASN B 663 12.77 -4.22 -1.90
CA ASN B 663 12.62 -5.60 -2.31
C ASN B 663 12.79 -6.59 -1.18
N GLY B 664 13.12 -6.13 0.02
CA GLY B 664 13.49 -7.05 1.07
C GLY B 664 14.74 -7.84 0.73
N LEU B 665 15.61 -7.31 -0.13
CA LEU B 665 16.84 -8.00 -0.52
C LEU B 665 17.73 -8.24 0.71
N LYS B 666 18.07 -9.50 0.95
CA LYS B 666 18.85 -9.88 2.12
C LYS B 666 20.30 -10.16 1.79
N SER B 667 20.64 -10.28 0.52
CA SER B 667 22.00 -10.54 0.08
C SER B 667 22.10 -10.07 -1.36
N PHE B 668 23.33 -9.84 -1.79
CA PHE B 668 23.59 -9.23 -3.09
C PHE B 668 25.02 -9.58 -3.47
N ILE B 669 25.19 -10.20 -4.64
CA ILE B 669 26.51 -10.59 -5.15
C ILE B 669 27.03 -9.39 -5.94
N TRP B 670 27.80 -8.54 -5.26
CA TRP B 670 28.25 -7.29 -5.86
C TRP B 670 29.07 -7.51 -7.10
N GLU B 671 29.76 -8.64 -7.20
CA GLU B 671 30.62 -8.91 -8.35
C GLU B 671 29.81 -9.04 -9.63
N LYS B 672 28.57 -9.52 -9.55
CA LYS B 672 27.75 -9.65 -10.73
C LYS B 672 27.48 -8.31 -11.40
N LEU B 673 27.70 -7.19 -10.70
CA LEU B 673 27.52 -5.90 -11.33
C LEU B 673 28.48 -5.66 -12.49
N ARG B 674 29.52 -6.48 -12.64
CA ARG B 674 30.41 -6.29 -13.78
C ARG B 674 29.69 -6.51 -15.11
N TYR B 675 28.62 -7.31 -15.13
CA TYR B 675 27.84 -7.50 -16.35
C TYR B 675 27.21 -6.18 -16.81
N LEU B 676 26.97 -5.26 -15.87
CA LEU B 676 26.27 -4.00 -16.18
C LEU B 676 27.33 -2.96 -16.51
N LYS B 677 27.86 -3.05 -17.73
CA LYS B 677 29.04 -2.27 -18.06
C LYS B 677 28.74 -0.79 -18.30
N ASN B 678 27.47 -0.39 -18.38
CA ASN B 678 27.09 1.01 -18.55
C ASN B 678 26.40 1.58 -17.32
N LEU B 679 26.39 0.85 -16.22
CA LEU B 679 25.60 1.21 -15.05
C LEU B 679 26.12 2.49 -14.40
N GLU B 680 25.22 3.46 -14.18
CA GLU B 680 25.59 4.74 -13.53
C GLU B 680 24.80 5.06 -12.28
N THR B 681 23.55 4.62 -12.16
CA THR B 681 22.77 4.78 -10.93
C THR B 681 22.30 3.40 -10.48
N LEU B 682 22.59 3.05 -9.24
CA LEU B 682 22.12 1.80 -8.65
C LEU B 682 21.37 2.16 -7.37
N ASP B 683 20.06 1.95 -7.37
CA ASP B 683 19.23 2.25 -6.20
C ASP B 683 18.88 0.95 -5.51
N LEU B 684 19.50 0.73 -4.35
CA LEU B 684 19.27 -0.43 -3.49
C LEU B 684 18.63 -0.04 -2.16
N SER B 685 17.93 1.08 -2.13
CA SER B 685 17.40 1.60 -0.88
C SER B 685 16.25 0.75 -0.35
N HIS B 686 16.06 0.81 0.96
CA HIS B 686 14.95 0.14 1.63
C HIS B 686 14.99 -1.37 1.36
N ASN B 687 16.12 -1.97 1.72
CA ASN B 687 16.30 -3.43 1.64
C ASN B 687 16.89 -3.89 2.98
N GLN B 688 17.49 -5.08 2.98
CA GLN B 688 18.04 -5.63 4.20
C GLN B 688 19.51 -5.98 4.04
N LEU B 689 20.22 -5.21 3.22
CA LEU B 689 21.62 -5.53 2.96
C LEU B 689 22.45 -5.29 4.22
N THR B 690 23.47 -6.12 4.41
CA THR B 690 24.33 -5.96 5.57
C THR B 690 25.79 -5.72 5.21
N THR B 691 26.18 -5.81 3.94
CA THR B 691 27.56 -5.63 3.52
C THR B 691 27.61 -4.71 2.30
N VAL B 692 28.77 -4.07 2.10
CA VAL B 692 29.07 -3.35 0.85
C VAL B 692 30.12 -4.18 0.12
N PRO B 693 30.42 -3.92 -1.16
CA PRO B 693 31.47 -4.71 -1.84
C PRO B 693 32.85 -4.43 -1.26
N GLU B 694 33.72 -5.45 -1.36
CA GLU B 694 35.10 -5.29 -0.91
C GLU B 694 35.83 -4.23 -1.71
N ARG B 695 35.52 -4.14 -3.01
CA ARG B 695 36.14 -3.15 -3.89
C ARG B 695 35.07 -2.71 -4.89
N LEU B 696 34.45 -1.57 -4.64
CA LEU B 696 33.47 -1.05 -5.58
C LEU B 696 34.11 -0.87 -6.95
N SER B 697 35.42 -0.58 -7.00
CA SER B 697 36.15 -0.47 -8.26
C SER B 697 36.18 -1.79 -9.03
N ASN B 698 36.22 -2.92 -8.32
CA ASN B 698 36.19 -4.26 -8.90
C ASN B 698 34.78 -4.76 -9.23
N CYS B 699 33.73 -3.99 -8.92
CA CYS B 699 32.36 -4.40 -9.23
C CYS B 699 31.70 -3.59 -10.33
N SER B 700 31.87 -2.28 -10.31
CA SER B 700 31.20 -1.41 -11.27
C SER B 700 32.11 -0.23 -11.46
N ARG B 701 32.67 -0.14 -12.65
CA ARG B 701 33.81 0.71 -12.73
C ARG B 701 33.28 2.10 -13.00
N SER B 702 32.08 2.12 -13.56
CA SER B 702 31.34 3.22 -14.18
C SER B 702 30.31 3.88 -13.26
N LEU B 703 29.99 3.25 -12.14
CA LEU B 703 28.87 3.65 -11.31
C LEU B 703 29.10 5.06 -10.74
N LYS B 704 28.13 5.95 -10.93
CA LYS B 704 28.22 7.30 -10.40
C LYS B 704 27.38 7.53 -9.15
N ASN B 705 26.17 6.96 -9.08
CA ASN B 705 25.24 7.17 -7.98
C ASN B 705 24.90 5.83 -7.35
N LEU B 706 25.25 5.67 -6.08
CA LEU B 706 25.04 4.44 -5.32
C LEU B 706 24.15 4.78 -4.13
N ILE B 707 22.93 4.26 -4.13
CA ILE B 707 21.96 4.58 -3.10
C ILE B 707 21.75 3.35 -2.24
N LEU B 708 22.28 3.38 -1.01
CA LEU B 708 22.13 2.27 -0.04
C LEU B 708 21.37 2.67 1.22
N LYS B 709 20.60 3.76 1.18
CA LYS B 709 19.91 4.20 2.40
C LYS B 709 18.90 3.15 2.86
N ASN B 710 18.67 3.11 4.18
CA ASN B 710 17.68 2.22 4.80
C ASN B 710 17.99 0.74 4.51
N ASN B 711 19.18 0.33 4.92
CA ASN B 711 19.57 -1.07 4.91
C ASN B 711 20.05 -1.43 6.31
N GLN B 712 20.81 -2.51 6.43
CA GLN B 712 21.26 -3.02 7.71
C GLN B 712 22.79 -3.06 7.78
N ILE B 713 23.45 -2.14 7.09
CA ILE B 713 24.91 -2.15 7.02
C ILE B 713 25.48 -1.68 8.35
N ARG B 714 26.39 -2.48 8.92
CA ARG B 714 26.98 -2.17 10.22
C ARG B 714 28.46 -1.80 10.14
N SER B 715 29.13 -2.11 9.04
CA SER B 715 30.50 -1.68 8.85
C SER B 715 30.74 -1.64 7.35
N LEU B 716 31.81 -0.94 6.96
CA LEU B 716 32.25 -0.90 5.58
C LEU B 716 33.46 -1.81 5.40
N THR B 717 33.62 -2.34 4.20
CA THR B 717 34.79 -3.16 3.91
C THR B 717 36.04 -2.29 3.96
N LYS B 718 37.18 -2.93 4.28
CA LYS B 718 38.42 -2.20 4.53
C LYS B 718 38.77 -1.25 3.39
N TYR B 719 38.54 -1.64 2.14
CA TYR B 719 38.95 -0.83 1.00
C TYR B 719 37.80 -0.44 0.05
N PHE B 720 36.58 -0.37 0.58
CA PHE B 720 35.33 -0.08 -0.14
C PHE B 720 35.46 0.85 -1.35
N LEU B 721 35.78 2.13 -1.16
CA LEU B 721 35.76 3.08 -2.27
C LEU B 721 37.13 3.26 -2.94
N GLN B 722 38.11 2.43 -2.63
CA GLN B 722 39.44 2.58 -3.19
C GLN B 722 39.38 2.58 -4.72
N ASP B 723 39.86 3.68 -5.31
CA ASP B 723 39.95 3.86 -6.76
C ASP B 723 38.60 3.97 -7.46
N ALA B 724 37.57 4.47 -6.77
CA ALA B 724 36.25 4.62 -7.39
C ALA B 724 36.04 6.03 -7.93
N PHE B 725 36.79 6.37 -8.98
CA PHE B 725 37.04 7.80 -9.23
C PHE B 725 35.87 8.54 -9.84
N GLN B 726 35.04 7.89 -10.62
CA GLN B 726 33.80 8.58 -11.05
C GLN B 726 32.58 8.01 -10.31
N LEU B 727 32.73 7.77 -8.97
CA LEU B 727 31.66 7.84 -8.01
C LEU B 727 31.41 9.30 -7.65
N ARG B 728 30.14 9.71 -7.68
CA ARG B 728 29.75 11.09 -7.42
C ARG B 728 28.70 11.28 -6.32
N TYR B 729 27.92 10.25 -6.00
CA TYR B 729 26.83 10.36 -5.04
C TYR B 729 26.74 9.05 -4.28
N LEU B 730 26.74 9.12 -2.96
CA LEU B 730 26.76 7.93 -2.11
C LEU B 730 25.84 8.17 -0.93
N ASP B 731 24.79 7.36 -0.83
CA ASP B 731 23.82 7.47 0.25
C ASP B 731 23.95 6.25 1.16
N LEU B 732 24.52 6.46 2.34
CA LEU B 732 24.59 5.42 3.36
C LEU B 732 23.69 5.73 4.54
N SER B 733 22.76 6.68 4.41
CA SER B 733 21.96 7.09 5.55
C SER B 733 21.03 5.96 6.00
N SER B 734 20.60 6.07 7.27
CA SER B 734 19.67 5.12 7.88
C SER B 734 20.21 3.69 7.78
N ASN B 735 21.43 3.50 8.25
CA ASN B 735 21.98 2.16 8.38
C ASN B 735 22.40 2.02 9.84
N LYS B 736 23.29 1.07 10.13
CA LYS B 736 23.72 0.84 11.50
C LYS B 736 25.23 0.98 11.62
N ILE B 737 25.83 1.89 10.83
CA ILE B 737 27.29 1.97 10.77
C ILE B 737 27.80 2.59 12.06
N GLN B 738 28.82 1.96 12.65
CA GLN B 738 29.45 2.42 13.89
C GLN B 738 30.75 3.17 13.66
N MET B 739 31.61 2.68 12.77
CA MET B 739 32.92 3.27 12.52
C MET B 739 33.16 3.33 11.03
N ILE B 740 33.91 4.34 10.60
CA ILE B 740 34.41 4.41 9.24
C ILE B 740 35.87 4.82 9.32
N GLN B 741 36.74 4.08 8.65
CA GLN B 741 38.17 4.41 8.61
C GLN B 741 38.56 4.86 7.21
N LYS B 742 39.71 5.55 7.15
CA LYS B 742 40.13 6.25 5.94
C LYS B 742 40.35 5.30 4.77
N THR B 743 40.79 4.06 5.05
CA THR B 743 41.01 3.10 3.98
C THR B 743 39.72 2.81 3.20
N SER B 744 38.57 2.86 3.85
CA SER B 744 37.30 2.64 3.16
C SER B 744 36.89 3.88 2.40
N PHE B 745 37.27 5.04 2.92
CA PHE B 745 36.86 6.34 2.40
C PHE B 745 38.10 7.15 2.00
N PRO B 746 38.77 6.80 0.92
CA PRO B 746 39.93 7.59 0.50
C PRO B 746 39.50 8.93 -0.08
N GLU B 747 40.30 9.97 0.16
CA GLU B 747 39.97 11.28 -0.41
C GLU B 747 40.10 11.31 -1.94
N ASN B 748 40.88 10.41 -2.56
CA ASN B 748 40.93 10.44 -4.02
C ASN B 748 39.52 10.38 -4.60
N VAL B 749 38.59 9.75 -3.89
CA VAL B 749 37.21 9.65 -4.31
C VAL B 749 36.29 10.63 -3.56
N LEU B 750 36.52 10.85 -2.26
CA LEU B 750 35.51 11.55 -1.46
C LEU B 750 35.27 13.00 -1.88
N ASN B 751 36.25 13.74 -2.37
CA ASN B 751 35.89 15.11 -2.75
C ASN B 751 35.50 15.31 -4.19
N ASN B 752 35.61 14.28 -5.01
CA ASN B 752 34.87 14.39 -6.26
C ASN B 752 33.40 14.02 -6.06
N LEU B 753 33.00 13.74 -4.81
CA LEU B 753 31.62 13.46 -4.46
C LEU B 753 30.80 14.75 -4.42
N LYS B 754 29.69 14.76 -5.16
CA LYS B 754 28.74 15.87 -5.08
C LYS B 754 27.90 15.83 -3.81
N MET B 755 27.69 14.65 -3.22
CA MET B 755 26.93 14.54 -1.98
C MET B 755 27.27 13.20 -1.34
N LEU B 756 27.41 13.21 0.00
CA LEU B 756 27.68 12.02 0.80
C LEU B 756 26.71 12.02 1.97
N LEU B 757 25.83 11.04 2.03
CA LEU B 757 24.77 11.03 3.03
C LEU B 757 25.11 9.99 4.10
N LEU B 758 25.18 10.43 5.34
CA LEU B 758 25.60 9.58 6.44
C LEU B 758 24.68 9.68 7.65
N HIS B 759 23.61 10.46 7.55
CA HIS B 759 22.76 10.69 8.72
C HIS B 759 22.02 9.41 9.13
N HIS B 760 21.61 9.41 10.38
CA HIS B 760 20.83 8.34 11.00
C HIS B 760 21.57 6.99 10.95
N ASN B 761 22.82 6.99 11.42
CA ASN B 761 23.57 5.76 11.62
C ASN B 761 23.77 5.50 13.12
N ARG B 762 24.82 4.74 13.47
CA ARG B 762 25.06 4.40 14.87
C ARG B 762 26.51 4.71 15.26
N PHE B 763 26.97 5.93 14.98
CA PHE B 763 28.38 6.24 15.10
C PHE B 763 28.85 6.17 16.54
N LEU B 764 29.99 5.52 16.74
CA LEU B 764 30.63 5.38 18.05
C LEU B 764 31.76 6.40 18.12
N CYS B 765 31.64 7.35 19.04
CA CYS B 765 32.58 8.48 19.08
C CYS B 765 33.65 8.23 20.16
N THR B 766 34.49 7.25 19.88
CA THR B 766 35.65 6.93 20.69
C THR B 766 36.91 7.47 20.02
N CYS B 767 38.05 7.24 20.66
CA CYS B 767 39.30 7.69 20.08
C CYS B 767 39.62 6.97 18.79
N ASP B 768 38.96 5.84 18.52
CA ASP B 768 39.11 5.19 17.23
C ASP B 768 38.48 5.97 16.08
N ALA B 769 37.54 6.87 16.37
CA ALA B 769 36.80 7.60 15.34
C ALA B 769 37.48 8.90 14.96
N VAL B 770 38.73 9.07 15.39
CA VAL B 770 39.39 10.36 15.29
C VAL B 770 39.51 10.84 13.84
N TRP B 771 39.86 9.94 12.90
CA TRP B 771 39.93 10.40 11.51
C TRP B 771 38.56 10.78 10.95
N PHE B 772 37.56 9.92 11.15
CA PHE B 772 36.24 10.21 10.59
C PHE B 772 35.70 11.53 11.14
N VAL B 773 35.81 11.74 12.44
CA VAL B 773 35.31 12.98 13.05
C VAL B 773 36.04 14.20 12.48
N TRP B 774 37.36 14.11 12.37
CA TRP B 774 38.13 15.23 11.84
C TRP B 774 37.75 15.50 10.41
N TRP B 775 37.64 14.44 9.60
CA TRP B 775 37.31 14.64 8.19
C TRP B 775 35.92 15.27 8.06
N VAL B 776 34.95 14.77 8.83
CA VAL B 776 33.59 15.32 8.71
C VAL B 776 33.60 16.78 9.13
N GLN B 777 34.36 17.11 10.16
CA GLN B 777 34.38 18.49 10.63
C GLN B 777 35.01 19.45 9.63
N HIS B 778 35.94 18.97 8.81
CA HIS B 778 36.73 19.84 7.96
C HIS B 778 36.41 19.74 6.47
N THR B 779 35.51 18.85 6.07
CA THR B 779 35.33 18.59 4.66
C THR B 779 34.45 19.64 4.01
N GLU B 780 34.66 19.79 2.70
CA GLU B 780 33.83 20.63 1.85
C GLU B 780 32.68 19.85 1.24
N VAL B 781 32.77 18.51 1.22
CA VAL B 781 31.72 17.68 0.64
C VAL B 781 30.38 17.98 1.31
N THR B 782 29.33 18.03 0.50
CA THR B 782 27.98 18.24 1.01
C THR B 782 27.49 16.99 1.75
N ILE B 783 27.16 17.15 3.03
CA ILE B 783 26.63 16.09 3.89
C ILE B 783 25.38 16.66 4.55
N PRO B 784 24.18 16.22 4.17
CA PRO B 784 22.97 16.85 4.71
C PRO B 784 22.76 16.46 6.17
N TYR B 785 22.05 17.35 6.89
CA TYR B 785 21.62 17.11 8.27
C TYR B 785 22.76 17.01 9.28
N LEU B 786 23.95 17.54 8.94
CA LEU B 786 25.03 17.58 9.93
C LEU B 786 24.59 18.20 11.24
N ALA B 787 23.77 19.26 11.17
CA ALA B 787 23.37 20.00 12.36
C ALA B 787 22.32 19.27 13.18
N THR B 788 21.71 18.24 12.61
CA THR B 788 20.51 17.70 13.20
C THR B 788 20.53 16.17 13.34
N ASP B 789 21.22 15.44 12.45
CA ASP B 789 21.05 13.98 12.50
C ASP B 789 22.32 13.21 12.14
N VAL B 790 23.49 13.78 12.37
CA VAL B 790 24.75 13.05 12.21
C VAL B 790 25.39 13.06 13.59
N THR B 791 25.08 12.02 14.35
CA THR B 791 25.09 12.05 15.80
C THR B 791 25.86 10.84 16.32
N CYS B 792 26.54 11.04 17.44
CA CYS B 792 27.10 9.93 18.21
C CYS B 792 26.01 9.19 18.97
N VAL B 793 26.05 7.85 18.93
CA VAL B 793 25.16 7.07 19.79
C VAL B 793 25.79 6.76 21.14
N GLY B 794 27.06 7.12 21.31
CA GLY B 794 27.85 6.74 22.45
C GLY B 794 29.30 7.08 22.13
N PRO B 795 30.20 6.90 23.10
CA PRO B 795 29.90 6.33 24.42
C PRO B 795 29.36 7.34 25.43
N GLY B 796 28.31 6.93 26.15
CA GLY B 796 27.76 7.64 27.29
C GLY B 796 27.70 9.14 27.20
N ALA B 797 28.84 9.80 27.49
CA ALA B 797 28.86 11.26 27.53
C ALA B 797 28.47 11.86 26.19
N HIS B 798 28.85 11.21 25.10
CA HIS B 798 28.63 11.72 23.75
C HIS B 798 27.30 11.29 23.14
N LYS B 799 26.46 10.55 23.88
CA LYS B 799 25.22 10.06 23.30
C LYS B 799 24.36 11.23 22.86
N GLY B 800 23.88 11.16 21.62
CA GLY B 800 23.06 12.22 21.05
C GLY B 800 23.81 13.45 20.61
N GLN B 801 25.12 13.50 20.84
CA GLN B 801 25.89 14.67 20.46
C GLN B 801 26.19 14.66 18.96
N SER B 802 26.12 15.84 18.34
CA SER B 802 26.46 15.97 16.93
C SER B 802 27.96 15.73 16.71
N VAL B 803 28.28 15.00 15.65
CA VAL B 803 29.68 14.77 15.29
C VAL B 803 30.37 16.10 14.98
N ILE B 804 29.61 17.07 14.46
CA ILE B 804 30.20 18.36 14.12
C ILE B 804 30.75 19.06 15.36
N SER B 805 30.13 18.86 16.52
CA SER B 805 30.54 19.54 17.75
C SER B 805 31.52 18.72 18.60
N LEU B 806 31.96 17.55 18.13
CA LEU B 806 32.73 16.63 18.96
C LEU B 806 34.17 17.12 19.17
N ASP B 807 34.61 17.17 20.43
CA ASP B 807 35.98 17.56 20.79
C ASP B 807 36.73 16.34 21.31
N LEU B 808 37.67 15.83 20.51
CA LEU B 808 38.40 14.63 20.90
C LEU B 808 39.86 14.94 21.28
N TYR B 809 40.12 16.11 21.89
CA TYR B 809 41.49 16.48 22.24
C TYR B 809 42.11 15.49 23.23
N THR B 810 41.31 14.92 24.15
CA THR B 810 41.90 13.97 25.10
C THR B 810 42.52 12.78 24.39
N CYS B 811 42.05 12.44 23.18
CA CYS B 811 42.70 11.41 22.39
C CYS B 811 44.11 11.80 22.01
N GLU B 812 44.48 13.07 22.13
CA GLU B 812 45.75 13.57 21.65
C GLU B 812 46.70 14.03 22.75
N LEU B 813 46.33 13.87 24.03
CA LEU B 813 47.14 14.33 25.15
C LEU B 813 48.59 13.86 25.06
#